data_8ENO
#
_entry.id   8ENO
#
_cell.length_a   1.00
_cell.length_b   1.00
_cell.length_c   1.00
_cell.angle_alpha   90.00
_cell.angle_beta   90.00
_cell.angle_gamma   90.00
#
_symmetry.space_group_name_H-M   'P 1'
#
loop_
_entity.id
_entity.type
_entity.pdbx_description
1 polymer 'Nitrogenase molybdenum-iron protein alpha chain'
2 polymer 'Nitrogenase molybdenum-iron protein beta chain'
3 polymer 'nitrogenase-associated factor T'
4 non-polymer 'iron-sulfur-molybdenum cluster with interstitial carbon'
5 non-polymer 'CITRIC ACID'
6 non-polymer 'FE(8)-S(7) CLUSTER'
7 non-polymer CHAPSO
8 non-polymer 'FE (III) ION'
#
loop_
_entity_poly.entity_id
_entity_poly.type
_entity_poly.pdbx_seq_one_letter_code
_entity_poly.pdbx_strand_id
1 'polypeptide(L)'
;MSREEVESLIQEVLEVYPEKARKDRNKHLAVNDPAVTQSKKCIISNKKSQPGLMTIRGCAYAGSKGVVWGPIKDMIHISH
GPVGCGQYSRAGRRNYYIGTTGVNAFVTMNFTSDFQEKDIVFGGDKKLAKLIDEVETLFPLNKGISVQSECPIGLIGDDI
ESVSKVKGAELSKTIVPVRCEGFRGVSQSLGHHIANDAVRDWVLGKRDEDTTFASTPYDVAIIGDYNIGGDAWSSRILLE
EMGLRCVAQWSGDGSISEIELTPKVKLNLVHCYRSMNYISRHMEEKYGIPWMEYNFFGPTKTIESLRAIAAKFDESIQKK
CEEVIAKYKPEWEAVVAKYRPRLEGKRVMLYIGGLRPRHVIGAYEDLGMEVVGTGYEFAHNDDYDRTMKEMGDSTLLYDD
VTGYEFEEFVKRIKPDLIGSGIKEKFIFQKMGIPFREMHSWDYSGPYHGFDGFAIFARDMDMTLNNPCWKKLQAPWE
;
A,C
2 'polypeptide(L)'
;SQQVDKIKASYPLFLDQDYKDMLAKKRDGFEEKYPQDKIDEVFQWTTTKEYQELNFQREALTVNPAKACQPLGAVLCALG
FEKTMPYVHGSQGCVAYFRSYFNRHFREPVSCVSDSMTEDAAVFGGQQNMKDGLQNCKATYKPDMIAVSTTCMAEVIGDD
LNAFINNSKKEGFIPDEFPVPFAHTPSFVGSHVTGWDNMFEGIARYFTLKSMDDKVVGSNKKINIVPGFETYLGNFRVIK
RMLSEMGVGYSLLSDPEEVLDTPADGQFRMYAGGTTQEEMKDAPNALNTVLLQPWHLEKTKKFVEGTWKHEVPKLNIPMG
LDWTDEFLMKVSEISGQPIPASLTKERGRLVDMMTDSHTWLHGKRFALWGDPDFVMGLVKFLLELGCEPVHILCHNGNKR
WKKAVDAILAASPYGKNATVYIGKDLWHLRSLVFTDKPDFMIGNSYGKFIQRDTLHKGKEFEVPLIRIGFPIFDRHHLHR
STTLGYEGAMQILTTLVNSILERLDEETRGMQATDYNHDLVR
;
B,D
3 'polypeptide(L)'
;MSWRILLCHKHPVSARLRFLIPTGGGVVLPQTLPRLAVIAEDQEAPVQCHPASALRALQETMALGWQLELIGEFRLNMEV
PGQIMPIYLAALAGHELPPPPEGTRWIELTQSIGMPWLDRELLRRVYEELIG
;
E
#
loop_
_chem_comp.id
_chem_comp.type
_chem_comp.name
_chem_comp.formula
1N7 non-polymer CHAPSO 'C32 H59 N2 O8 S 1'
CIT non-polymer 'CITRIC ACID' 'C6 H8 O7'
CLF non-polymer 'FE(8)-S(7) CLUSTER' 'Fe8 S7'
FE non-polymer 'FE (III) ION' 'Fe 3'
ICS non-polymer 'iron-sulfur-molybdenum cluster with interstitial carbon' 'C Fe7 Mo S9'
#
# COMPACT_ATOMS: atom_id res chain seq x y z
N MET A 1 -10.28 12.40 47.28
CA MET A 1 -10.30 13.86 47.19
C MET A 1 -11.25 14.45 48.22
N SER A 2 -10.71 15.22 49.16
CA SER A 2 -11.53 15.82 50.21
C SER A 2 -12.48 16.86 49.63
N ARG A 3 -13.66 16.98 50.24
CA ARG A 3 -14.68 17.91 49.75
C ARG A 3 -14.16 19.35 49.78
N GLU A 4 -13.52 19.74 50.88
CA GLU A 4 -12.96 21.09 50.97
C GLU A 4 -11.98 21.35 49.84
N GLU A 5 -11.22 20.32 49.46
CA GLU A 5 -10.32 20.46 48.32
C GLU A 5 -11.09 20.67 47.02
N VAL A 6 -12.25 20.03 46.87
CA VAL A 6 -13.07 20.24 45.69
C VAL A 6 -13.58 21.68 45.63
N GLU A 7 -14.07 22.20 46.77
CA GLU A 7 -14.49 23.60 46.80
C GLU A 7 -13.34 24.55 46.49
N SER A 8 -12.16 24.28 47.05
CA SER A 8 -10.99 25.12 46.78
C SER A 8 -10.63 25.08 45.30
N LEU A 9 -10.70 23.89 44.69
CA LEU A 9 -10.41 23.76 43.27
C LEU A 9 -11.40 24.55 42.43
N ILE A 10 -12.69 24.47 42.77
CA ILE A 10 -13.69 25.22 42.03
C ILE A 10 -13.43 26.72 42.14
N GLN A 11 -13.16 27.20 43.35
CA GLN A 11 -12.85 28.61 43.53
C GLN A 11 -11.63 29.02 42.73
N GLU A 12 -10.58 28.20 42.75
CA GLU A 12 -9.35 28.55 42.03
C GLU A 12 -9.55 28.55 40.52
N VAL A 13 -10.31 27.61 39.98
CA VAL A 13 -10.52 27.59 38.53
C VAL A 13 -11.41 28.75 38.11
N LEU A 14 -12.34 29.17 38.96
CA LEU A 14 -13.17 30.32 38.65
C LEU A 14 -12.50 31.66 38.98
N GLU A 15 -11.34 31.64 39.63
CA GLU A 15 -10.63 32.88 39.93
C GLU A 15 -10.30 33.69 38.68
N VAL A 16 -10.03 33.02 37.55
CA VAL A 16 -9.56 33.73 36.36
C VAL A 16 -10.69 34.21 35.46
N TYR A 17 -11.93 33.81 35.71
CA TYR A 17 -13.04 34.23 34.88
C TYR A 17 -13.42 35.68 35.17
N PRO A 18 -14.05 36.36 34.22
CA PRO A 18 -14.65 37.65 34.51
C PRO A 18 -15.76 37.51 35.53
N GLU A 19 -16.14 38.65 36.13
CA GLU A 19 -17.08 38.62 37.25
C GLU A 19 -18.41 37.99 36.84
N LYS A 20 -18.96 38.40 35.70
CA LYS A 20 -20.21 37.82 35.22
C LYS A 20 -20.03 36.35 34.86
N ALA A 21 -18.94 36.03 34.15
CA ALA A 21 -18.67 34.65 33.81
C ALA A 21 -18.45 33.80 35.06
N ARG A 22 -17.71 34.34 36.03
CA ARG A 22 -17.47 33.59 37.27
C ARG A 22 -18.77 33.35 38.03
N LYS A 23 -19.61 34.37 38.15
CA LYS A 23 -20.85 34.21 38.91
C LYS A 23 -21.81 33.26 38.20
N ASP A 24 -21.77 33.23 36.87
CA ASP A 24 -22.62 32.27 36.16
C ASP A 24 -22.08 30.85 36.27
N ARG A 25 -20.75 30.69 36.17
CA ARG A 25 -20.17 29.35 36.20
C ARG A 25 -20.14 28.74 37.59
N ASN A 26 -20.18 29.57 38.65
CA ASN A 26 -20.17 29.03 40.01
C ASN A 26 -21.43 28.22 40.31
N LYS A 27 -22.52 28.48 39.61
CA LYS A 27 -23.76 27.74 39.81
C LYS A 27 -23.82 26.43 39.03
N HIS A 28 -22.86 26.19 38.14
CA HIS A 28 -22.85 24.99 37.30
C HIS A 28 -21.81 23.97 37.74
N LEU A 29 -21.00 24.27 38.74
CA LEU A 29 -20.03 23.33 39.28
C LEU A 29 -20.36 23.09 40.74
N ALA A 30 -20.50 21.81 41.12
CA ALA A 30 -20.94 21.45 42.45
C ALA A 30 -20.18 20.23 42.94
N VAL A 31 -20.33 19.96 44.23
CA VAL A 31 -19.73 18.80 44.88
C VAL A 31 -20.85 17.86 45.30
N ASN A 32 -20.73 16.59 44.92
CA ASN A 32 -21.76 15.60 45.23
C ASN A 32 -21.86 15.34 46.72
N GLN A 38 -32.88 17.79 45.73
CA GLN A 38 -33.26 18.76 44.71
C GLN A 38 -32.02 19.33 44.02
N SER A 39 -32.06 19.38 42.69
CA SER A 39 -30.91 19.87 41.93
C SER A 39 -30.66 21.35 42.19
N LYS A 40 -31.73 22.15 42.30
CA LYS A 40 -31.58 23.59 42.43
C LYS A 40 -30.76 23.98 43.65
N LYS A 41 -30.80 23.17 44.71
CA LYS A 41 -30.01 23.47 45.90
C LYS A 41 -28.52 23.32 45.64
N CYS A 42 -28.14 22.48 44.67
CA CYS A 42 -26.73 22.18 44.42
C CYS A 42 -26.25 22.69 43.07
N ILE A 43 -26.92 22.31 41.99
CA ILE A 43 -26.43 22.57 40.63
C ILE A 43 -27.53 23.25 39.82
N ILE A 44 -27.11 24.16 38.94
CA ILE A 44 -28.02 24.85 38.03
C ILE A 44 -27.74 24.36 36.61
N SER A 45 -28.80 23.94 35.92
CA SER A 45 -28.66 23.28 34.63
C SER A 45 -29.65 23.86 33.64
N ASN A 46 -29.44 23.50 32.37
CA ASN A 46 -30.31 23.93 31.26
C ASN A 46 -30.39 25.46 31.18
N LYS A 47 -29.24 26.12 31.27
CA LYS A 47 -29.16 27.57 31.22
C LYS A 47 -28.25 28.00 30.07
N LYS A 48 -28.17 29.32 29.89
CA LYS A 48 -27.38 29.88 28.80
C LYS A 48 -25.89 29.59 28.99
N SER A 49 -25.20 29.37 27.88
CA SER A 49 -23.76 29.13 27.90
C SER A 49 -23.02 30.45 27.78
N GLN A 50 -21.93 30.57 28.52
CA GLN A 50 -21.15 31.81 28.52
C GLN A 50 -20.48 32.01 27.18
N PRO A 51 -20.60 33.21 26.58
CA PRO A 51 -19.98 33.45 25.28
C PRO A 51 -18.46 33.33 25.32
N GLY A 52 -17.90 32.80 24.25
CA GLY A 52 -16.45 32.74 24.10
C GLY A 52 -15.73 31.87 25.11
N LEU A 53 -16.25 30.68 25.41
CA LEU A 53 -15.64 29.79 26.38
C LEU A 53 -15.47 28.38 25.85
N MET A 54 -15.44 28.20 24.53
CA MET A 54 -15.21 26.90 23.89
C MET A 54 -16.20 25.86 24.40
N THR A 55 -17.48 26.09 24.12
CA THR A 55 -18.52 25.19 24.55
C THR A 55 -18.54 23.93 23.69
N ILE A 56 -18.82 22.80 24.35
CA ILE A 56 -19.01 21.51 23.67
C ILE A 56 -20.47 21.30 23.26
N ARG A 57 -21.38 22.18 23.67
CA ARG A 57 -22.78 22.01 23.35
C ARG A 57 -23.01 22.15 21.85
N GLY A 58 -24.05 21.44 21.38
CA GLY A 58 -24.48 21.54 20.00
C GLY A 58 -25.62 22.54 19.83
N CYS A 59 -26.34 22.39 18.73
CA CYS A 59 -27.47 23.25 18.42
C CYS A 59 -28.76 22.41 18.43
N ALA A 60 -29.89 23.11 18.27
CA ALA A 60 -31.16 22.41 18.20
C ALA A 60 -31.24 21.52 16.96
N TYR A 61 -30.62 21.96 15.86
CA TYR A 61 -30.57 21.13 14.65
C TYR A 61 -29.80 19.85 14.89
N ALA A 62 -28.69 19.93 15.64
CA ALA A 62 -27.93 18.73 15.95
C ALA A 62 -28.73 17.77 16.82
N GLY A 63 -29.49 18.29 17.77
CA GLY A 63 -30.30 17.45 18.64
C GLY A 63 -31.56 16.92 18.00
N SER A 64 -32.01 17.55 16.91
CA SER A 64 -33.22 17.10 16.22
C SER A 64 -32.90 16.24 15.00
N LYS A 65 -32.14 16.81 14.04
CA LYS A 65 -31.80 16.05 12.85
C LYS A 65 -30.78 14.95 13.17
N GLY A 66 -29.71 15.31 13.89
CA GLY A 66 -28.62 14.37 14.08
C GLY A 66 -28.92 13.28 15.09
N VAL A 67 -29.93 13.50 15.94
CA VAL A 67 -30.20 12.63 17.07
C VAL A 67 -31.52 11.87 16.89
N VAL A 68 -32.63 12.59 16.77
CA VAL A 68 -33.95 11.95 16.80
C VAL A 68 -34.41 11.54 15.41
N TRP A 69 -34.25 12.42 14.42
CA TRP A 69 -34.84 12.16 13.11
C TRP A 69 -33.88 11.42 12.18
N GLY A 70 -32.58 11.70 12.25
CA GLY A 70 -31.60 11.12 11.37
C GLY A 70 -31.56 9.60 11.36
N PRO A 71 -31.58 8.96 12.53
CA PRO A 71 -31.50 7.49 12.55
C PRO A 71 -32.65 6.79 11.84
N ILE A 72 -33.79 7.45 11.65
CA ILE A 72 -34.90 6.82 10.93
C ILE A 72 -34.48 6.58 9.49
N LYS A 73 -34.50 5.31 9.06
CA LYS A 73 -33.84 4.94 7.83
C LYS A 73 -34.73 5.14 6.60
N ASP A 74 -35.99 4.72 6.67
CA ASP A 74 -36.87 4.78 5.51
C ASP A 74 -37.31 6.19 5.18
N MET A 75 -37.03 7.17 6.03
CA MET A 75 -37.40 8.56 5.79
C MET A 75 -36.21 9.33 5.24
N ILE A 76 -36.53 10.33 4.41
CA ILE A 76 -35.53 11.24 3.88
C ILE A 76 -35.60 12.54 4.66
N HIS A 77 -34.47 12.98 5.20
CA HIS A 77 -34.41 14.16 6.05
C HIS A 77 -33.68 15.27 5.30
N ILE A 78 -34.36 16.40 5.14
CA ILE A 78 -33.83 17.53 4.39
C ILE A 78 -33.23 18.52 5.39
N SER A 79 -31.97 18.87 5.18
CA SER A 79 -31.32 19.93 5.94
C SER A 79 -31.63 21.24 5.24
N HIS A 80 -32.79 21.82 5.57
CA HIS A 80 -33.27 23.02 4.90
C HIS A 80 -32.42 24.22 5.34
N GLY A 81 -31.66 24.77 4.39
CA GLY A 81 -30.77 25.87 4.68
C GLY A 81 -29.47 25.72 3.93
N PRO A 82 -28.43 26.42 4.40
CA PRO A 82 -27.11 26.30 3.75
C PRO A 82 -26.51 24.90 3.89
N VAL A 83 -25.34 24.72 3.30
CA VAL A 83 -24.79 23.38 3.11
C VAL A 83 -24.04 22.88 4.34
N GLY A 84 -23.47 23.79 5.14
CA GLY A 84 -22.54 23.38 6.18
C GLY A 84 -23.17 22.49 7.23
N CYS A 85 -24.38 22.86 7.70
CA CYS A 85 -25.00 22.11 8.78
C CYS A 85 -25.24 20.66 8.40
N GLY A 86 -25.75 20.43 7.18
CA GLY A 86 -25.96 19.06 6.73
C GLY A 86 -24.66 18.36 6.38
N GLN A 87 -23.63 19.11 6.00
CA GLN A 87 -22.37 18.49 5.63
C GLN A 87 -21.62 17.98 6.85
N TYR A 88 -21.61 18.75 7.94
CA TYR A 88 -20.83 18.36 9.11
C TYR A 88 -21.50 17.22 9.88
N SER A 89 -22.83 17.10 9.79
CA SER A 89 -23.56 16.08 10.49
C SER A 89 -23.74 14.80 9.68
N ARG A 90 -23.19 14.74 8.47
CA ARG A 90 -23.36 13.58 7.62
C ARG A 90 -22.57 12.39 8.17
N ALA A 91 -23.28 11.33 8.56
CA ALA A 91 -22.67 10.09 9.05
C ALA A 91 -21.78 10.33 10.26
N GLY A 92 -21.98 11.45 10.96
CA GLY A 92 -21.19 11.71 12.15
C GLY A 92 -21.52 10.75 13.28
N ARG A 93 -22.80 10.45 13.46
CA ARG A 93 -23.25 9.57 14.52
C ARG A 93 -23.35 8.13 14.00
N ARG A 94 -22.95 7.19 14.83
CA ARG A 94 -22.94 5.77 14.45
C ARG A 94 -24.25 5.08 14.80
N ASN A 95 -25.36 5.66 14.36
CA ASN A 95 -26.68 5.06 14.56
C ASN A 95 -26.87 3.99 13.50
N TYR A 96 -26.57 2.74 13.87
CA TYR A 96 -26.54 1.65 12.92
C TYR A 96 -27.95 1.31 12.43
N TYR A 97 -28.02 0.84 11.19
CA TYR A 97 -29.29 0.50 10.55
C TYR A 97 -29.06 -0.58 9.51
N ILE A 98 -30.14 -1.24 9.11
CA ILE A 98 -30.11 -2.26 8.07
C ILE A 98 -30.97 -1.77 6.91
N GLY A 99 -30.36 -1.66 5.74
CA GLY A 99 -31.08 -1.23 4.56
C GLY A 99 -30.13 -0.95 3.43
N THR A 100 -30.71 -0.76 2.24
CA THR A 100 -29.96 -0.42 1.04
C THR A 100 -29.88 1.10 0.95
N THR A 101 -28.72 1.65 1.22
CA THR A 101 -28.55 3.10 1.24
C THR A 101 -28.73 3.67 -0.17
N GLY A 102 -29.55 4.72 -0.27
CA GLY A 102 -29.87 5.32 -1.55
C GLY A 102 -31.08 4.75 -2.23
N VAL A 103 -31.65 3.65 -1.72
CA VAL A 103 -32.83 3.05 -2.33
C VAL A 103 -33.98 3.09 -1.34
N ASN A 104 -33.81 2.42 -0.20
CA ASN A 104 -34.83 2.39 0.84
C ASN A 104 -34.36 2.91 2.18
N ALA A 105 -33.07 3.17 2.35
CA ALA A 105 -32.53 3.76 3.56
C ALA A 105 -31.67 4.97 3.20
N PHE A 106 -31.79 6.04 3.98
CA PHE A 106 -31.14 7.30 3.65
C PHE A 106 -30.55 7.94 4.90
N VAL A 107 -29.87 7.13 5.73
CA VAL A 107 -29.32 7.65 6.97
C VAL A 107 -28.01 8.38 6.75
N THR A 108 -27.08 7.75 6.03
CA THR A 108 -25.74 8.31 5.85
C THR A 108 -25.66 9.30 4.70
N MET A 109 -26.75 9.56 4.00
CA MET A 109 -26.76 10.48 2.87
C MET A 109 -27.27 11.84 3.33
N ASN A 110 -26.72 12.88 2.71
CA ASN A 110 -27.00 14.26 3.09
C ASN A 110 -27.92 14.90 2.06
N PHE A 111 -29.15 15.19 2.47
CA PHE A 111 -30.09 15.95 1.66
C PHE A 111 -30.14 17.39 2.17
N THR A 112 -29.90 18.34 1.28
CA THR A 112 -29.90 19.74 1.66
C THR A 112 -30.44 20.56 0.50
N SER A 113 -31.00 21.73 0.84
CA SER A 113 -31.47 22.67 -0.16
C SER A 113 -30.37 23.59 -0.66
N ASP A 114 -29.22 23.62 0.00
CA ASP A 114 -28.06 24.39 -0.40
C ASP A 114 -28.44 25.85 -0.66
N PHE A 115 -28.85 26.51 0.42
CA PHE A 115 -29.30 27.89 0.34
C PHE A 115 -28.19 28.80 -0.17
N GLN A 116 -28.54 29.68 -1.11
CA GLN A 116 -27.65 30.70 -1.64
C GLN A 116 -28.18 32.07 -1.25
N GLU A 117 -27.53 33.12 -1.77
CA GLU A 117 -27.95 34.48 -1.46
C GLU A 117 -29.36 34.74 -1.99
N LYS A 118 -29.68 34.19 -3.16
CA LYS A 118 -31.03 34.36 -3.71
C LYS A 118 -32.08 33.74 -2.80
N ASP A 119 -31.80 32.56 -2.25
CA ASP A 119 -32.75 31.91 -1.35
C ASP A 119 -32.87 32.64 -0.02
N ILE A 120 -31.82 33.33 0.42
CA ILE A 120 -31.92 34.13 1.63
C ILE A 120 -32.74 35.39 1.38
N VAL A 121 -32.52 36.04 0.25
CA VAL A 121 -33.20 37.31 -0.03
C VAL A 121 -34.68 37.08 -0.33
N PHE A 122 -35.00 36.07 -1.16
CA PHE A 122 -36.35 35.87 -1.64
C PHE A 122 -37.05 34.69 -0.98
N GLY A 123 -36.46 34.08 0.04
CA GLY A 123 -37.05 32.94 0.69
C GLY A 123 -36.80 31.65 -0.06
N GLY A 124 -37.10 30.53 0.59
CA GLY A 124 -36.85 29.23 0.02
C GLY A 124 -38.03 28.28 0.08
N ASP A 125 -39.25 28.80 -0.07
CA ASP A 125 -40.43 27.95 -0.05
C ASP A 125 -40.67 27.29 -1.40
N LYS A 126 -40.54 28.06 -2.49
CA LYS A 126 -40.62 27.48 -3.82
C LYS A 126 -39.49 26.49 -4.04
N LYS A 127 -38.29 26.83 -3.57
CA LYS A 127 -37.17 25.90 -3.64
C LYS A 127 -37.45 24.64 -2.84
N LEU A 128 -38.09 24.78 -1.67
CA LEU A 128 -38.43 23.61 -0.87
C LEU A 128 -39.43 22.72 -1.60
N ALA A 129 -40.44 23.32 -2.24
CA ALA A 129 -41.42 22.51 -2.97
C ALA A 129 -40.77 21.79 -4.15
N LYS A 130 -39.92 22.49 -4.90
CA LYS A 130 -39.23 21.86 -6.01
C LYS A 130 -38.30 20.75 -5.51
N LEU A 131 -37.65 20.98 -4.37
CA LEU A 131 -36.78 19.96 -3.78
C LEU A 131 -37.58 18.73 -3.38
N ILE A 132 -38.77 18.91 -2.81
CA ILE A 132 -39.61 17.78 -2.44
C ILE A 132 -40.04 17.01 -3.68
N ASP A 133 -40.40 17.72 -4.75
CA ASP A 133 -40.75 17.06 -6.00
C ASP A 133 -39.57 16.24 -6.54
N GLU A 134 -38.37 16.81 -6.51
CA GLU A 134 -37.19 16.09 -7.01
C GLU A 134 -36.86 14.91 -6.11
N VAL A 135 -37.07 15.03 -4.80
CA VAL A 135 -36.86 13.91 -3.90
C VAL A 135 -37.80 12.77 -4.23
N GLU A 136 -39.07 13.10 -4.46
CA GLU A 136 -40.03 12.06 -4.82
C GLU A 136 -39.69 11.43 -6.17
N THR A 137 -39.17 12.23 -7.09
CA THR A 137 -38.81 11.69 -8.41
C THR A 137 -37.62 10.74 -8.31
N LEU A 138 -36.55 11.17 -7.63
CA LEU A 138 -35.29 10.43 -7.63
C LEU A 138 -35.22 9.34 -6.58
N PHE A 139 -36.04 9.40 -5.53
CA PHE A 139 -36.03 8.42 -4.45
C PHE A 139 -37.45 7.95 -4.21
N PRO A 140 -37.99 7.13 -5.10
CA PRO A 140 -39.41 6.76 -5.01
C PRO A 140 -39.74 5.84 -3.84
N LEU A 141 -38.76 5.17 -3.24
CA LEU A 141 -39.01 4.20 -2.19
C LEU A 141 -38.96 4.79 -0.79
N ASN A 142 -38.78 6.11 -0.67
CA ASN A 142 -38.81 6.74 0.64
C ASN A 142 -40.22 6.70 1.20
N LYS A 143 -40.33 6.42 2.51
CA LYS A 143 -41.62 6.31 3.18
C LYS A 143 -42.02 7.60 3.88
N GLY A 144 -41.22 8.65 3.75
CA GLY A 144 -41.54 9.92 4.38
C GLY A 144 -40.43 10.93 4.21
N ILE A 145 -40.75 12.21 4.37
CA ILE A 145 -39.79 13.29 4.23
C ILE A 145 -39.87 14.15 5.48
N SER A 146 -38.70 14.50 6.04
CA SER A 146 -38.62 15.43 7.16
C SER A 146 -37.78 16.62 6.76
N VAL A 147 -38.28 17.81 7.07
CA VAL A 147 -37.61 19.07 6.71
C VAL A 147 -37.07 19.67 8.00
N GLN A 148 -35.77 19.55 8.21
CA GLN A 148 -35.10 20.08 9.39
C GLN A 148 -34.64 21.49 9.11
N SER A 149 -35.16 22.46 9.86
CA SER A 149 -34.81 23.86 9.64
C SER A 149 -33.44 24.18 10.26
N GLU A 150 -32.65 24.95 9.53
CA GLU A 150 -31.39 25.48 10.02
C GLU A 150 -31.60 26.95 10.42
N CYS A 151 -30.50 27.57 10.88
CA CYS A 151 -30.60 28.92 11.43
C CYS A 151 -31.26 29.93 10.49
N PRO A 152 -30.89 30.02 9.20
CA PRO A 152 -31.52 31.04 8.34
C PRO A 152 -33.02 30.86 8.16
N ILE A 153 -33.55 29.65 8.31
CA ILE A 153 -34.96 29.41 8.01
C ILE A 153 -35.87 30.20 8.95
N GLY A 154 -35.56 30.19 10.24
CA GLY A 154 -36.39 30.89 11.21
C GLY A 154 -36.20 32.39 11.22
N LEU A 155 -35.16 32.89 10.55
CA LEU A 155 -34.88 34.32 10.55
C LEU A 155 -35.36 35.03 9.30
N ILE A 156 -35.53 34.31 8.19
CA ILE A 156 -36.00 34.92 6.95
C ILE A 156 -37.50 34.81 6.77
N GLY A 157 -38.23 34.38 7.80
CA GLY A 157 -39.68 34.28 7.72
C GLY A 157 -40.18 33.28 6.71
N ASP A 158 -39.60 32.08 6.71
CA ASP A 158 -40.00 31.00 5.82
C ASP A 158 -41.06 30.14 6.50
N ASP A 159 -42.17 29.91 5.81
CA ASP A 159 -43.26 29.07 6.33
C ASP A 159 -43.13 27.70 5.70
N ILE A 160 -42.39 26.82 6.38
CA ILE A 160 -42.21 25.46 5.88
C ILE A 160 -43.38 24.56 6.24
N GLU A 161 -44.19 24.94 7.23
CA GLU A 161 -45.36 24.13 7.59
C GLU A 161 -46.38 24.10 6.46
N SER A 162 -46.65 25.25 5.84
CA SER A 162 -47.61 25.29 4.74
C SER A 162 -47.11 24.48 3.55
N VAL A 163 -45.82 24.60 3.22
CA VAL A 163 -45.25 23.82 2.14
C VAL A 163 -45.35 22.34 2.44
N SER A 164 -45.02 21.95 3.67
CA SER A 164 -45.08 20.55 4.07
C SER A 164 -46.51 20.01 3.94
N LYS A 165 -47.49 20.76 4.44
CA LYS A 165 -48.88 20.31 4.37
C LYS A 165 -49.34 20.19 2.93
N VAL A 166 -49.05 21.19 2.10
CA VAL A 166 -49.52 21.19 0.72
C VAL A 166 -48.89 20.03 -0.05
N LYS A 167 -47.57 19.86 0.07
CA LYS A 167 -46.92 18.79 -0.69
C LYS A 167 -47.27 17.41 -0.16
N GLY A 168 -47.50 17.28 1.15
CA GLY A 168 -47.95 16.01 1.68
C GLY A 168 -49.34 15.64 1.21
N ALA A 169 -50.24 16.63 1.15
CA ALA A 169 -51.57 16.37 0.61
C ALA A 169 -51.51 16.03 -0.87
N GLU A 170 -50.62 16.69 -1.62
CA GLU A 170 -50.54 16.44 -3.05
C GLU A 170 -49.93 15.08 -3.36
N LEU A 171 -48.88 14.69 -2.64
CA LEU A 171 -48.18 13.45 -2.90
C LEU A 171 -48.62 12.30 -2.01
N SER A 172 -49.58 12.52 -1.12
CA SER A 172 -50.04 11.49 -0.17
C SER A 172 -48.87 10.95 0.63
N LYS A 173 -47.99 11.84 1.06
CA LYS A 173 -46.78 11.50 1.78
C LYS A 173 -46.73 12.26 3.10
N THR A 174 -46.09 11.65 4.09
CA THR A 174 -45.91 12.28 5.40
C THR A 174 -44.67 13.16 5.36
N ILE A 175 -44.88 14.47 5.33
CA ILE A 175 -43.79 15.44 5.38
C ILE A 175 -43.87 16.16 6.72
N VAL A 176 -42.80 16.06 7.50
CA VAL A 176 -42.75 16.53 8.88
C VAL A 176 -41.85 17.77 8.92
N PRO A 177 -42.40 18.96 9.13
CA PRO A 177 -41.55 20.16 9.29
C PRO A 177 -41.08 20.27 10.74
N VAL A 178 -39.76 20.28 10.93
CA VAL A 178 -39.15 20.37 12.26
C VAL A 178 -38.40 21.70 12.31
N ARG A 179 -38.97 22.67 13.02
CA ARG A 179 -38.33 23.98 13.18
C ARG A 179 -37.24 23.87 14.24
N CYS A 180 -36.13 23.27 13.84
CA CYS A 180 -35.00 23.00 14.72
C CYS A 180 -33.86 23.99 14.49
N GLU A 181 -34.20 25.26 14.29
CA GLU A 181 -33.20 26.29 14.08
C GLU A 181 -32.16 26.27 15.19
N GLY A 182 -30.89 26.37 14.81
CA GLY A 182 -29.81 26.17 15.76
C GLY A 182 -29.80 27.19 16.88
N PHE A 183 -30.20 28.43 16.59
CA PHE A 183 -30.19 29.47 17.62
C PHE A 183 -31.27 29.24 18.68
N ARG A 184 -32.29 28.45 18.38
CA ARG A 184 -33.33 28.18 19.37
C ARG A 184 -32.75 27.42 20.55
N GLY A 185 -33.05 27.90 21.75
CA GLY A 185 -32.56 27.26 22.96
C GLY A 185 -31.08 27.51 23.17
N VAL A 186 -30.53 26.75 24.12
CA VAL A 186 -29.12 26.89 24.48
C VAL A 186 -28.31 25.64 24.14
N SER A 187 -28.95 24.54 23.77
CA SER A 187 -28.26 23.28 23.54
C SER A 187 -29.17 22.36 22.73
N GLN A 188 -28.81 21.08 22.66
CA GLN A 188 -29.57 20.10 21.92
C GLN A 188 -30.80 19.60 22.64
N SER A 189 -31.00 19.98 23.90
CA SER A 189 -32.20 19.56 24.62
C SER A 189 -33.46 20.12 23.99
N LEU A 190 -33.43 21.40 23.60
CA LEU A 190 -34.58 21.96 22.88
C LEU A 190 -34.75 21.29 21.52
N GLY A 191 -33.65 20.86 20.90
CA GLY A 191 -33.77 20.09 19.69
C GLY A 191 -34.49 18.77 19.90
N HIS A 192 -34.17 18.10 21.00
CA HIS A 192 -34.89 16.87 21.37
C HIS A 192 -36.37 17.16 21.56
N HIS A 193 -36.68 18.25 22.27
CA HIS A 193 -38.08 18.59 22.53
C HIS A 193 -38.83 18.88 21.23
N ILE A 194 -38.21 19.64 20.33
CA ILE A 194 -38.85 20.00 19.07
C ILE A 194 -39.06 18.75 18.21
N ALA A 195 -38.05 17.88 18.16
CA ALA A 195 -38.19 16.65 17.37
C ALA A 195 -39.27 15.75 17.94
N ASN A 196 -39.36 15.66 19.27
CA ASN A 196 -40.43 14.86 19.90
C ASN A 196 -41.79 15.45 19.59
N ASP A 197 -41.91 16.78 19.62
CA ASP A 197 -43.18 17.42 19.28
C ASP A 197 -43.55 17.15 17.84
N ALA A 198 -42.57 17.18 16.93
CA ALA A 198 -42.83 16.87 15.53
C ALA A 198 -43.29 15.43 15.37
N VAL A 199 -42.64 14.50 16.06
CA VAL A 199 -43.04 13.10 16.01
C VAL A 199 -44.48 12.94 16.49
N ARG A 200 -44.82 13.59 17.61
CA ARG A 200 -46.17 13.48 18.14
C ARG A 200 -47.20 14.09 17.21
N ASP A 201 -46.88 15.24 16.61
CA ASP A 201 -47.85 15.99 15.82
C ASP A 201 -47.98 15.51 14.38
N TRP A 202 -47.04 14.71 13.88
CA TRP A 202 -47.08 14.38 12.45
C TRP A 202 -47.04 12.89 12.17
N VAL A 203 -46.40 12.10 13.04
CA VAL A 203 -46.16 10.69 12.78
C VAL A 203 -46.87 9.79 13.78
N LEU A 204 -46.86 10.15 15.06
CA LEU A 204 -47.32 9.24 16.10
C LEU A 204 -48.79 8.89 15.95
N GLY A 205 -49.63 9.86 15.59
CA GLY A 205 -51.06 9.64 15.48
C GLY A 205 -51.57 9.19 14.13
N LYS A 206 -50.68 8.71 13.26
CA LYS A 206 -51.10 8.31 11.92
C LYS A 206 -51.92 7.04 11.90
N ARG A 207 -51.98 6.29 13.00
CA ARG A 207 -52.73 5.04 13.05
C ARG A 207 -53.68 5.00 14.25
N ASP A 208 -54.17 6.17 14.66
CA ASP A 208 -55.10 6.21 15.79
C ASP A 208 -56.43 5.56 15.45
N GLU A 209 -56.90 5.73 14.20
CA GLU A 209 -58.15 5.16 13.74
C GLU A 209 -57.96 3.83 13.03
N ASP A 210 -56.76 3.25 13.10
CA ASP A 210 -56.44 2.00 12.44
C ASP A 210 -56.37 0.89 13.48
N THR A 211 -57.07 -0.22 13.21
CA THR A 211 -57.14 -1.36 14.12
C THR A 211 -56.92 -2.65 13.34
N THR A 212 -55.86 -2.68 12.53
CA THR A 212 -55.49 -3.86 11.76
C THR A 212 -54.19 -4.49 12.24
N PHE A 213 -53.68 -4.09 13.40
CA PHE A 213 -52.45 -4.64 13.95
C PHE A 213 -52.81 -5.63 15.05
N ALA A 214 -52.31 -6.86 14.92
CA ALA A 214 -52.57 -7.90 15.91
C ALA A 214 -51.60 -7.73 17.07
N SER A 215 -52.13 -7.35 18.23
CA SER A 215 -51.32 -7.09 19.41
C SER A 215 -51.31 -8.30 20.33
N THR A 216 -50.24 -8.43 21.10
CA THR A 216 -50.03 -9.48 22.07
C THR A 216 -49.76 -8.87 23.45
N PRO A 217 -50.03 -9.60 24.53
CA PRO A 217 -49.82 -9.03 25.86
C PRO A 217 -48.37 -8.71 26.19
N TYR A 218 -47.43 -9.08 25.33
CA TYR A 218 -46.01 -8.86 25.56
C TYR A 218 -45.43 -7.85 24.58
N ASP A 219 -46.18 -6.78 24.31
CA ASP A 219 -45.78 -5.78 23.34
C ASP A 219 -45.05 -4.64 24.04
N VAL A 220 -43.79 -4.42 23.65
CA VAL A 220 -42.97 -3.34 24.19
C VAL A 220 -42.40 -2.54 23.04
N ALA A 221 -42.05 -1.30 23.34
CA ALA A 221 -41.46 -0.39 22.37
C ALA A 221 -40.21 0.24 22.97
N ILE A 222 -39.09 0.14 22.27
CA ILE A 222 -37.83 0.72 22.72
C ILE A 222 -37.78 2.16 22.24
N ILE A 223 -37.77 3.10 23.18
CA ILE A 223 -37.79 4.52 22.89
C ILE A 223 -36.50 5.15 23.43
N GLY A 224 -35.87 5.98 22.61
CA GLY A 224 -34.67 6.67 23.03
C GLY A 224 -33.39 5.90 22.85
N ASP A 225 -33.43 4.71 22.26
CA ASP A 225 -32.22 3.97 21.93
C ASP A 225 -31.87 4.23 20.48
N TYR A 226 -30.70 4.81 20.25
CA TYR A 226 -30.31 5.28 18.93
C TYR A 226 -29.31 4.37 18.25
N ASN A 227 -29.12 3.15 18.76
CA ASN A 227 -28.33 2.12 18.09
C ASN A 227 -26.92 2.60 17.77
N ILE A 228 -26.29 3.22 18.77
CA ILE A 228 -24.92 3.71 18.60
C ILE A 228 -23.98 2.50 18.62
N GLY A 229 -23.55 2.06 17.44
CA GLY A 229 -22.75 0.87 17.34
C GLY A 229 -23.49 -0.42 17.52
N GLY A 230 -24.82 -0.39 17.50
CA GLY A 230 -25.62 -1.58 17.71
C GLY A 230 -26.14 -1.78 19.12
N ASP A 231 -26.20 -0.72 19.94
CA ASP A 231 -26.70 -0.87 21.30
C ASP A 231 -28.14 -1.34 21.33
N ALA A 232 -28.98 -0.77 20.45
CA ALA A 232 -30.39 -1.13 20.43
C ALA A 232 -30.60 -2.59 20.05
N TRP A 233 -29.80 -3.12 19.12
CA TRP A 233 -29.91 -4.53 18.77
C TRP A 233 -29.50 -5.43 19.91
N SER A 234 -28.43 -5.06 20.63
CA SER A 234 -27.99 -5.85 21.78
C SER A 234 -28.98 -5.80 22.92
N SER A 235 -29.75 -4.71 23.05
CA SER A 235 -30.84 -4.69 24.01
C SER A 235 -32.05 -5.49 23.53
N ARG A 236 -32.35 -5.41 22.24
CA ARG A 236 -33.54 -6.05 21.70
C ARG A 236 -33.40 -7.57 21.71
N ILE A 237 -32.19 -8.08 21.50
CA ILE A 237 -31.99 -9.53 21.55
C ILE A 237 -32.30 -10.06 22.94
N LEU A 238 -31.83 -9.35 23.98
CA LEU A 238 -32.15 -9.75 25.35
C LEU A 238 -33.64 -9.61 25.64
N LEU A 239 -34.26 -8.55 25.15
CA LEU A 239 -35.70 -8.36 25.38
C LEU A 239 -36.53 -9.46 24.72
N GLU A 240 -36.16 -9.85 23.49
CA GLU A 240 -36.90 -10.87 22.77
C GLU A 240 -36.62 -12.27 23.30
N GLU A 241 -35.41 -12.52 23.80
CA GLU A 241 -35.15 -13.80 24.45
C GLU A 241 -35.97 -13.95 25.72
N MET A 242 -36.42 -12.83 26.30
CA MET A 242 -37.27 -12.85 27.48
C MET A 242 -38.72 -13.18 27.16
N GLY A 243 -39.09 -13.29 25.88
CA GLY A 243 -40.45 -13.54 25.49
C GLY A 243 -41.24 -12.31 25.08
N LEU A 244 -40.63 -11.12 25.15
CA LEU A 244 -41.30 -9.90 24.76
C LEU A 244 -41.14 -9.66 23.26
N ARG A 245 -42.13 -9.00 22.68
CA ARG A 245 -42.13 -8.65 21.27
C ARG A 245 -41.90 -7.15 21.15
N CYS A 246 -40.75 -6.76 20.60
CA CYS A 246 -40.40 -5.36 20.42
C CYS A 246 -41.05 -4.87 19.14
N VAL A 247 -42.26 -4.31 19.28
CA VAL A 247 -43.00 -3.83 18.12
C VAL A 247 -42.31 -2.62 17.50
N ALA A 248 -41.86 -1.67 18.33
CA ALA A 248 -41.27 -0.44 17.84
C ALA A 248 -39.88 -0.27 18.42
N GLN A 249 -38.94 0.19 17.60
CA GLN A 249 -37.58 0.49 18.04
C GLN A 249 -37.11 1.72 17.25
N TRP A 250 -37.26 2.89 17.86
CA TRP A 250 -36.83 4.13 17.23
C TRP A 250 -36.08 4.96 18.27
N SER A 251 -35.17 5.81 17.82
CA SER A 251 -34.85 6.14 16.43
C SER A 251 -33.84 5.18 15.79
N GLY A 252 -32.96 4.61 16.61
CA GLY A 252 -31.92 3.74 16.10
C GLY A 252 -32.45 2.54 15.34
N ASP A 253 -32.03 2.40 14.09
CA ASP A 253 -32.56 1.38 13.19
C ASP A 253 -34.09 1.45 13.12
N GLY A 254 -34.62 2.67 13.18
CA GLY A 254 -36.05 2.86 13.25
C GLY A 254 -36.68 3.17 11.91
N SER A 255 -37.94 2.80 11.78
CA SER A 255 -38.73 3.06 10.58
C SER A 255 -39.97 3.87 10.98
N ILE A 256 -40.52 4.59 10.00
CA ILE A 256 -41.71 5.39 10.26
C ILE A 256 -42.88 4.50 10.65
N SER A 257 -42.95 3.28 10.10
CA SER A 257 -44.00 2.35 10.47
C SER A 257 -43.91 1.96 11.93
N GLU A 258 -42.70 1.76 12.45
CA GLU A 258 -42.53 1.46 13.87
C GLU A 258 -42.96 2.64 14.73
N ILE A 259 -42.66 3.86 14.32
CA ILE A 259 -43.10 5.04 15.07
C ILE A 259 -44.63 5.09 15.11
N GLU A 260 -45.27 4.81 13.97
CA GLU A 260 -46.74 4.81 13.94
C GLU A 260 -47.32 3.65 14.76
N LEU A 261 -46.61 2.53 14.84
CA LEU A 261 -47.08 1.37 15.59
C LEU A 261 -46.79 1.45 17.07
N THR A 262 -45.95 2.40 17.49
CA THR A 262 -45.64 2.53 18.92
C THR A 262 -46.87 2.67 19.82
N PRO A 263 -47.92 3.45 19.47
CA PRO A 263 -49.07 3.55 20.38
C PRO A 263 -49.84 2.25 20.57
N LYS A 264 -49.46 1.18 19.88
CA LYS A 264 -50.13 -0.10 19.99
C LYS A 264 -49.44 -1.07 20.94
N VAL A 265 -48.34 -0.66 21.57
CA VAL A 265 -47.58 -1.54 22.46
C VAL A 265 -48.17 -1.49 23.86
N LYS A 266 -47.78 -2.44 24.70
CA LYS A 266 -48.23 -2.49 26.08
C LYS A 266 -47.28 -1.82 27.06
N LEU A 267 -46.00 -1.65 26.69
CA LEU A 267 -45.05 -1.01 27.58
C LEU A 267 -44.04 -0.22 26.75
N ASN A 268 -43.59 0.91 27.29
CA ASN A 268 -42.58 1.74 26.63
C ASN A 268 -41.30 1.70 27.45
N LEU A 269 -40.30 0.98 26.94
CA LEU A 269 -38.99 0.94 27.57
C LEU A 269 -38.17 2.12 27.06
N VAL A 270 -37.99 3.12 27.90
CA VAL A 270 -37.32 4.36 27.52
C VAL A 270 -35.86 4.27 27.96
N HIS A 271 -34.95 4.26 26.99
CA HIS A 271 -33.53 4.25 27.31
C HIS A 271 -33.03 5.66 27.63
N CYS A 272 -33.16 6.57 26.68
CA CYS A 272 -32.77 7.96 26.88
C CYS A 272 -33.96 8.74 27.39
N TYR A 273 -33.98 8.99 28.71
CA TYR A 273 -35.06 9.79 29.29
C TYR A 273 -35.01 11.23 28.79
N ARG A 274 -33.82 11.79 28.65
CA ARG A 274 -33.68 13.21 28.32
C ARG A 274 -34.28 13.54 26.95
N SER A 275 -34.03 12.70 25.95
CA SER A 275 -34.47 13.03 24.60
C SER A 275 -35.91 12.60 24.35
N MET A 276 -36.36 11.51 24.96
CA MET A 276 -37.68 10.96 24.68
C MET A 276 -38.49 10.78 25.95
N ASN A 277 -38.45 11.78 26.84
CA ASN A 277 -39.37 11.78 27.98
C ASN A 277 -40.70 12.46 27.65
N TYR A 278 -40.67 13.51 26.84
CA TYR A 278 -41.91 14.20 26.47
C TYR A 278 -42.85 13.27 25.72
N ILE A 279 -42.30 12.53 24.75
CA ILE A 279 -43.15 11.63 23.96
C ILE A 279 -43.66 10.48 24.83
N SER A 280 -42.85 9.99 25.77
CA SER A 280 -43.30 8.94 26.66
C SER A 280 -44.44 9.41 27.54
N ARG A 281 -44.31 10.61 28.11
CA ARG A 281 -45.39 11.17 28.92
C ARG A 281 -46.65 11.39 28.09
N HIS A 282 -46.49 11.88 26.86
CA HIS A 282 -47.64 12.09 25.99
C HIS A 282 -48.34 10.77 25.68
N MET A 283 -47.58 9.72 25.40
CA MET A 283 -48.18 8.42 25.10
C MET A 283 -48.87 7.85 26.33
N GLU A 284 -48.28 8.02 27.51
CA GLU A 284 -48.92 7.55 28.74
C GLU A 284 -50.22 8.29 29.00
N GLU A 285 -50.23 9.61 28.77
CA GLU A 285 -51.43 10.39 29.04
C GLU A 285 -52.53 10.13 28.01
N LYS A 286 -52.17 9.96 26.75
CA LYS A 286 -53.15 9.81 25.68
C LYS A 286 -53.57 8.36 25.48
N TYR A 287 -52.61 7.48 25.19
CA TYR A 287 -52.89 6.09 24.90
C TYR A 287 -52.89 5.19 26.12
N GLY A 288 -52.53 5.73 27.29
CA GLY A 288 -52.49 4.92 28.50
C GLY A 288 -51.46 3.81 28.47
N ILE A 289 -50.28 4.09 27.92
CA ILE A 289 -49.20 3.10 27.83
C ILE A 289 -48.18 3.42 28.91
N PRO A 290 -48.00 2.56 29.91
CA PRO A 290 -46.97 2.82 30.92
C PRO A 290 -45.59 2.78 30.31
N TRP A 291 -44.70 3.62 30.85
CA TRP A 291 -43.32 3.70 30.39
C TRP A 291 -42.38 3.56 31.59
N MET A 292 -41.30 2.83 31.38
CA MET A 292 -40.31 2.59 32.41
C MET A 292 -38.91 2.74 31.82
N GLU A 293 -37.97 3.17 32.65
CA GLU A 293 -36.59 3.34 32.25
C GLU A 293 -35.83 2.03 32.45
N TYR A 294 -35.00 1.67 31.48
CA TYR A 294 -34.18 0.48 31.55
C TYR A 294 -32.73 0.83 31.30
N ASN A 295 -31.83 0.16 32.01
CA ASN A 295 -30.40 0.39 31.91
C ASN A 295 -29.73 -0.94 31.62
N PHE A 296 -29.22 -1.12 30.40
CA PHE A 296 -28.57 -2.35 29.99
C PHE A 296 -27.05 -2.21 29.91
N PHE A 297 -26.49 -1.19 30.57
CA PHE A 297 -25.05 -0.94 30.54
C PHE A 297 -24.43 -1.62 31.76
N GLY A 298 -23.73 -2.73 31.54
CA GLY A 298 -23.15 -3.49 32.61
C GLY A 298 -24.01 -4.68 32.97
N PRO A 299 -23.37 -5.75 33.51
CA PRO A 299 -24.15 -6.96 33.81
C PRO A 299 -25.11 -6.79 34.96
N THR A 300 -24.70 -6.11 36.03
CA THR A 300 -25.60 -5.91 37.17
C THR A 300 -26.79 -5.05 36.78
N LYS A 301 -26.55 -3.95 36.08
CA LYS A 301 -27.65 -3.09 35.63
C LYS A 301 -28.54 -3.81 34.63
N THR A 302 -27.94 -4.60 33.73
CA THR A 302 -28.73 -5.37 32.77
C THR A 302 -29.64 -6.36 33.47
N ILE A 303 -29.11 -7.07 34.47
CA ILE A 303 -29.91 -8.04 35.21
C ILE A 303 -31.03 -7.35 35.97
N GLU A 304 -30.72 -6.24 36.64
CA GLU A 304 -31.75 -5.53 37.39
C GLU A 304 -32.84 -5.00 36.47
N SER A 305 -32.46 -4.42 35.33
CA SER A 305 -33.43 -3.90 34.39
C SER A 305 -34.28 -5.02 33.80
N LEU A 306 -33.65 -6.16 33.47
CA LEU A 306 -34.42 -7.28 32.93
C LEU A 306 -35.42 -7.79 33.93
N ARG A 307 -35.03 -7.91 35.21
CA ARG A 307 -35.96 -8.35 36.23
C ARG A 307 -37.09 -7.36 36.42
N ALA A 308 -36.78 -6.06 36.43
CA ALA A 308 -37.82 -5.05 36.57
C ALA A 308 -38.80 -5.07 35.41
N ILE A 309 -38.29 -5.25 34.19
CA ILE A 309 -39.15 -5.31 33.01
C ILE A 309 -40.03 -6.56 33.06
N ALA A 310 -39.45 -7.71 33.43
CA ALA A 310 -40.22 -8.94 33.51
C ALA A 310 -41.27 -8.87 34.61
N ALA A 311 -41.02 -8.07 35.66
CA ALA A 311 -41.99 -7.92 36.73
C ALA A 311 -43.29 -7.26 36.26
N LYS A 312 -43.28 -6.62 35.09
CA LYS A 312 -44.47 -5.96 34.56
C LYS A 312 -45.37 -6.91 33.77
N PHE A 313 -45.00 -8.17 33.64
CA PHE A 313 -45.75 -9.14 32.86
C PHE A 313 -46.07 -10.37 33.72
N ASP A 314 -46.60 -11.40 33.08
CA ASP A 314 -47.05 -12.59 33.80
C ASP A 314 -45.85 -13.45 34.20
N GLU A 315 -46.13 -14.59 34.83
CA GLU A 315 -45.08 -15.42 35.40
C GLU A 315 -44.18 -16.03 34.32
N SER A 316 -44.73 -16.29 33.13
CA SER A 316 -43.93 -16.88 32.06
C SER A 316 -42.79 -15.95 31.66
N ILE A 317 -43.06 -14.64 31.58
CA ILE A 317 -42.02 -13.69 31.21
C ILE A 317 -40.94 -13.64 32.29
N GLN A 318 -41.32 -13.71 33.57
CA GLN A 318 -40.32 -13.73 34.63
C GLN A 318 -39.48 -15.00 34.59
N LYS A 319 -40.11 -16.15 34.32
CA LYS A 319 -39.35 -17.39 34.20
C LYS A 319 -38.38 -17.32 33.02
N LYS A 320 -38.81 -16.76 31.90
CA LYS A 320 -37.91 -16.59 30.76
C LYS A 320 -36.79 -15.61 31.08
N CYS A 321 -37.07 -14.58 31.87
CA CYS A 321 -36.02 -13.66 32.31
C CYS A 321 -34.99 -14.36 33.17
N GLU A 322 -35.44 -15.21 34.09
CA GLU A 322 -34.52 -16.00 34.90
C GLU A 322 -33.67 -16.92 34.03
N GLU A 323 -34.30 -17.55 33.03
CA GLU A 323 -33.56 -18.42 32.12
C GLU A 323 -32.52 -17.63 31.33
N VAL A 324 -32.87 -16.43 30.86
CA VAL A 324 -31.93 -15.62 30.10
C VAL A 324 -30.75 -15.20 30.97
N ILE A 325 -31.05 -14.79 32.21
CA ILE A 325 -29.98 -14.40 33.14
C ILE A 325 -29.06 -15.58 33.40
N ALA A 326 -29.63 -16.77 33.62
CA ALA A 326 -28.82 -17.96 33.84
C ALA A 326 -27.96 -18.28 32.63
N LYS A 327 -28.52 -18.14 31.43
CA LYS A 327 -27.77 -18.43 30.22
C LYS A 327 -26.60 -17.47 30.06
N TYR A 328 -26.82 -16.18 30.30
CA TYR A 328 -25.78 -15.19 30.08
C TYR A 328 -24.86 -14.98 31.27
N LYS A 329 -25.13 -15.62 32.41
CA LYS A 329 -24.25 -15.46 33.57
C LYS A 329 -22.82 -15.89 33.31
N PRO A 330 -22.53 -17.08 32.77
CA PRO A 330 -21.12 -17.48 32.60
C PRO A 330 -20.32 -16.56 31.70
N GLU A 331 -20.92 -15.99 30.66
CA GLU A 331 -20.18 -15.15 29.73
C GLU A 331 -19.69 -13.86 30.40
N TRP A 332 -20.59 -13.13 31.06
CA TRP A 332 -20.17 -11.91 31.72
C TRP A 332 -19.32 -12.20 32.95
N GLU A 333 -19.55 -13.35 33.60
CA GLU A 333 -18.67 -13.74 34.70
C GLU A 333 -17.24 -13.97 34.21
N ALA A 334 -17.09 -14.63 33.05
CA ALA A 334 -15.77 -14.82 32.48
C ALA A 334 -15.14 -13.49 32.06
N VAL A 335 -15.96 -12.59 31.51
CA VAL A 335 -15.45 -11.27 31.12
C VAL A 335 -14.92 -10.54 32.35
N VAL A 336 -15.68 -10.56 33.45
CA VAL A 336 -15.25 -9.91 34.68
C VAL A 336 -13.98 -10.56 35.20
N ALA A 337 -13.93 -11.90 35.21
CA ALA A 337 -12.77 -12.60 35.73
C ALA A 337 -11.53 -12.30 34.92
N LYS A 338 -11.67 -12.09 33.61
CA LYS A 338 -10.51 -11.80 32.78
C LYS A 338 -10.07 -10.35 32.89
N TYR A 339 -11.00 -9.40 32.91
CA TYR A 339 -10.66 -8.00 32.74
C TYR A 339 -10.65 -7.19 34.04
N ARG A 340 -11.37 -7.61 35.07
CA ARG A 340 -11.32 -6.88 36.33
C ARG A 340 -9.93 -6.83 36.95
N PRO A 341 -9.13 -7.91 36.96
CA PRO A 341 -7.76 -7.80 37.52
C PRO A 341 -6.94 -6.67 36.92
N ARG A 342 -7.05 -6.44 35.61
CA ARG A 342 -6.27 -5.39 34.95
C ARG A 342 -6.96 -4.03 34.98
N LEU A 343 -8.15 -3.93 35.57
CA LEU A 343 -8.89 -2.67 35.62
C LEU A 343 -9.33 -2.31 37.03
N GLU A 344 -8.89 -3.06 38.04
CA GLU A 344 -9.34 -2.82 39.41
C GLU A 344 -8.64 -1.61 40.01
N GLY A 345 -9.41 -0.75 40.66
CA GLY A 345 -8.86 0.40 41.37
C GLY A 345 -8.61 1.64 40.54
N LYS A 346 -8.92 1.61 39.25
CA LYS A 346 -8.69 2.77 38.39
C LYS A 346 -9.80 3.79 38.55
N ARG A 347 -9.44 5.07 38.51
CA ARG A 347 -10.37 6.16 38.72
C ARG A 347 -10.79 6.78 37.39
N VAL A 348 -12.07 7.12 37.29
CA VAL A 348 -12.67 7.57 36.04
C VAL A 348 -13.34 8.93 36.25
N MET A 349 -13.30 9.75 35.20
CA MET A 349 -14.08 10.99 35.14
C MET A 349 -14.79 11.04 33.79
N LEU A 350 -15.99 11.60 33.78
CA LEU A 350 -16.83 11.59 32.59
C LEU A 350 -17.41 12.97 32.34
N TYR A 351 -17.50 13.36 31.07
CA TYR A 351 -18.22 14.55 30.66
C TYR A 351 -18.92 14.22 29.34
N ILE A 352 -20.22 13.98 29.41
CA ILE A 352 -20.96 13.38 28.30
C ILE A 352 -22.17 14.30 28.12
N GLY A 353 -23.12 13.93 27.27
CA GLY A 353 -24.30 14.75 27.06
C GLY A 353 -25.36 14.52 28.12
N GLY A 354 -26.57 14.11 27.72
CA GLY A 354 -27.70 14.13 28.64
C GLY A 354 -27.95 12.91 29.50
N LEU A 355 -27.71 11.71 28.98
CA LEU A 355 -28.09 10.49 29.66
C LEU A 355 -26.91 9.69 30.19
N ARG A 356 -25.92 9.44 29.34
CA ARG A 356 -24.84 8.50 29.64
C ARG A 356 -24.08 8.77 30.95
N PRO A 357 -23.81 10.04 31.36
CA PRO A 357 -22.96 10.25 32.55
C PRO A 357 -23.41 9.48 33.79
N ARG A 358 -24.72 9.37 33.99
CA ARG A 358 -25.25 8.59 35.11
C ARG A 358 -25.49 7.12 34.75
N HIS A 359 -25.72 6.81 33.48
CA HIS A 359 -26.00 5.43 33.10
C HIS A 359 -24.75 4.56 33.12
N VAL A 360 -23.60 5.14 32.79
CA VAL A 360 -22.38 4.34 32.60
C VAL A 360 -21.70 3.96 33.90
N ILE A 361 -22.15 4.47 35.04
CA ILE A 361 -21.47 4.25 36.31
C ILE A 361 -21.61 2.80 36.75
N GLY A 362 -22.54 2.06 36.14
CA GLY A 362 -22.76 0.68 36.51
C GLY A 362 -21.66 -0.26 36.08
N ALA A 363 -21.33 -0.27 34.79
CA ALA A 363 -20.33 -1.21 34.29
C ALA A 363 -18.94 -0.87 34.80
N TYR A 364 -18.65 0.41 35.05
CA TYR A 364 -17.36 0.77 35.62
C TYR A 364 -17.16 0.14 36.99
N GLU A 365 -18.20 0.18 37.83
CA GLU A 365 -18.13 -0.51 39.11
C GLU A 365 -18.14 -2.02 38.94
N ASP A 366 -18.82 -2.52 37.92
CA ASP A 366 -18.80 -3.95 37.64
C ASP A 366 -17.41 -4.44 37.29
N LEU A 367 -16.55 -3.55 36.78
CA LEU A 367 -15.18 -3.88 36.43
C LEU A 367 -14.18 -3.49 37.50
N GLY A 368 -14.65 -3.02 38.65
CA GLY A 368 -13.76 -2.65 39.74
C GLY A 368 -13.25 -1.22 39.69
N MET A 369 -13.79 -0.38 38.83
CA MET A 369 -13.37 1.01 38.72
C MET A 369 -14.28 1.92 39.55
N GLU A 370 -13.73 3.06 39.95
CA GLU A 370 -14.44 4.05 40.75
C GLU A 370 -14.54 5.34 39.95
N VAL A 371 -15.72 5.93 39.92
CA VAL A 371 -15.96 7.20 39.23
C VAL A 371 -15.87 8.32 40.25
N VAL A 372 -15.03 9.31 39.97
CA VAL A 372 -14.78 10.40 40.91
C VAL A 372 -15.24 11.75 40.38
N GLY A 373 -15.88 11.80 39.22
CA GLY A 373 -16.37 13.05 38.70
C GLY A 373 -17.23 12.87 37.45
N THR A 374 -18.30 13.66 37.34
CA THR A 374 -19.17 13.55 36.18
C THR A 374 -19.71 14.93 35.83
N GLY A 375 -20.48 14.97 34.76
CA GLY A 375 -21.09 16.21 34.33
C GLY A 375 -21.89 16.00 33.07
N TYR A 376 -22.57 17.06 32.67
CA TYR A 376 -23.49 17.02 31.54
C TYR A 376 -23.31 18.25 30.66
N GLU A 377 -23.69 18.10 29.39
CA GLU A 377 -23.69 19.24 28.47
C GLU A 377 -25.01 19.99 28.51
N PHE A 378 -26.14 19.27 28.53
CA PHE A 378 -27.44 19.91 28.40
C PHE A 378 -28.52 19.29 29.30
N ALA A 379 -28.13 18.65 30.39
CA ALA A 379 -29.12 17.98 31.23
C ALA A 379 -29.95 19.02 31.99
N HIS A 380 -31.09 18.55 32.50
CA HIS A 380 -32.00 19.37 33.29
C HIS A 380 -31.84 19.03 34.77
N ASN A 381 -32.70 19.60 35.61
CA ASN A 381 -32.60 19.38 37.05
C ASN A 381 -32.92 17.93 37.42
N ASP A 382 -33.88 17.33 36.72
CA ASP A 382 -34.25 15.94 37.00
C ASP A 382 -33.09 14.99 36.74
N ASP A 383 -32.31 15.26 35.69
CA ASP A 383 -31.17 14.40 35.38
C ASP A 383 -30.15 14.42 36.51
N TYR A 384 -29.86 15.60 37.06
CA TYR A 384 -28.93 15.69 38.18
C TYR A 384 -29.53 15.08 39.45
N ASP A 385 -30.83 15.22 39.64
CA ASP A 385 -31.48 14.59 40.77
C ASP A 385 -31.32 13.07 40.71
N ARG A 386 -31.46 12.50 39.52
CA ARG A 386 -31.20 11.07 39.34
C ARG A 386 -29.71 10.74 39.47
N THR A 387 -28.83 11.66 39.09
CA THR A 387 -27.39 11.38 39.07
C THR A 387 -26.79 11.36 40.47
N MET A 388 -27.19 12.28 41.34
CA MET A 388 -26.54 12.38 42.65
C MET A 388 -26.69 11.10 43.45
N LYS A 389 -27.84 10.43 43.34
CA LYS A 389 -28.03 9.17 44.06
C LYS A 389 -27.10 8.09 43.54
N GLU A 390 -26.78 8.12 42.25
CA GLU A 390 -26.01 7.06 41.62
C GLU A 390 -24.51 7.32 41.60
N MET A 391 -24.05 8.42 42.18
CA MET A 391 -22.62 8.72 42.24
C MET A 391 -22.15 8.75 43.69
N GLY A 392 -20.83 8.65 43.86
CA GLY A 392 -20.25 8.65 45.19
C GLY A 392 -20.25 10.02 45.81
N ASP A 393 -19.73 10.07 47.04
CA ASP A 393 -19.66 11.30 47.81
C ASP A 393 -18.32 12.01 47.58
N SER A 394 -18.33 13.32 47.81
CA SER A 394 -17.14 14.16 47.66
C SER A 394 -16.55 14.07 46.25
N THR A 395 -17.43 14.12 45.26
CA THR A 395 -17.05 14.12 43.85
C THR A 395 -17.46 15.43 43.21
N LEU A 396 -16.99 15.63 41.98
CA LEU A 396 -17.19 16.89 41.26
C LEU A 396 -18.18 16.71 40.12
N LEU A 397 -19.23 17.52 40.12
CA LEU A 397 -20.24 17.51 39.07
C LEU A 397 -20.17 18.84 38.32
N TYR A 398 -20.04 18.76 36.99
CA TYR A 398 -19.94 19.97 36.19
C TYR A 398 -21.02 20.00 35.12
N ASP A 399 -21.72 21.12 35.04
CA ASP A 399 -22.79 21.35 34.07
C ASP A 399 -22.28 22.32 33.00
N ASP A 400 -22.32 21.88 31.74
CA ASP A 400 -21.84 22.68 30.62
C ASP A 400 -20.44 23.22 30.89
N VAL A 401 -19.55 22.32 31.30
CA VAL A 401 -18.20 22.72 31.66
C VAL A 401 -17.50 23.32 30.46
N THR A 402 -16.64 24.30 30.71
CA THR A 402 -15.86 24.91 29.65
C THR A 402 -14.57 24.13 29.44
N GLY A 403 -13.86 24.48 28.38
CA GLY A 403 -12.58 23.85 28.10
C GLY A 403 -11.57 24.07 29.21
N TYR A 404 -11.38 25.34 29.58
CA TYR A 404 -10.40 25.68 30.61
C TYR A 404 -10.78 25.05 31.95
N GLU A 405 -12.05 25.16 32.33
CA GLU A 405 -12.51 24.57 33.59
C GLU A 405 -12.19 23.09 33.62
N PHE A 406 -12.46 22.38 32.52
CA PHE A 406 -12.34 20.94 32.53
C PHE A 406 -10.87 20.51 32.51
N GLU A 407 -10.01 21.22 31.76
CA GLU A 407 -8.60 20.86 31.77
C GLU A 407 -8.00 21.10 33.15
N GLU A 408 -8.34 22.22 33.79
CA GLU A 408 -7.83 22.46 35.15
C GLU A 408 -8.36 21.41 36.13
N PHE A 409 -9.64 21.05 36.00
CA PHE A 409 -10.22 20.02 36.86
C PHE A 409 -9.44 18.72 36.75
N VAL A 410 -9.20 18.27 35.51
CA VAL A 410 -8.50 17.01 35.31
C VAL A 410 -7.06 17.12 35.77
N LYS A 411 -6.43 18.28 35.56
CA LYS A 411 -5.06 18.48 36.03
C LYS A 411 -4.98 18.40 37.55
N ARG A 412 -6.06 18.75 38.24
CA ARG A 412 -6.06 18.67 39.70
C ARG A 412 -6.39 17.27 40.21
N ILE A 413 -7.49 16.67 39.75
CA ILE A 413 -7.84 15.32 40.20
C ILE A 413 -6.80 14.31 39.73
N LYS A 414 -6.37 14.41 38.48
CA LYS A 414 -5.43 13.48 37.86
C LYS A 414 -5.99 12.06 37.88
N PRO A 415 -7.02 11.76 37.09
CA PRO A 415 -7.61 10.42 37.11
C PRO A 415 -6.83 9.44 36.23
N ASP A 416 -7.36 8.23 36.11
CA ASP A 416 -6.75 7.21 35.25
C ASP A 416 -7.42 7.08 33.89
N LEU A 417 -8.67 7.52 33.77
CA LEU A 417 -9.39 7.42 32.51
C LEU A 417 -10.42 8.54 32.44
N ILE A 418 -10.71 8.98 31.21
CA ILE A 418 -11.69 10.03 30.96
C ILE A 418 -12.59 9.59 29.82
N GLY A 419 -13.90 9.75 30.02
CA GLY A 419 -14.85 9.50 28.96
C GLY A 419 -15.62 10.74 28.56
N SER A 420 -15.35 11.26 27.37
CA SER A 420 -16.01 12.47 26.90
C SER A 420 -16.08 12.42 25.37
N GLY A 421 -16.34 13.56 24.74
CA GLY A 421 -16.50 13.63 23.31
C GLY A 421 -15.21 13.72 22.54
N ILE A 422 -15.35 13.79 21.21
CA ILE A 422 -14.20 13.86 20.32
C ILE A 422 -13.44 15.17 20.50
N LYS A 423 -14.12 16.23 20.90
CA LYS A 423 -13.49 17.54 20.93
C LYS A 423 -12.51 17.68 22.11
N GLU A 424 -12.77 16.97 23.21
CA GLU A 424 -11.82 16.92 24.32
C GLU A 424 -10.94 15.68 24.30
N LYS A 425 -11.23 14.72 23.41
CA LYS A 425 -10.45 13.50 23.35
C LYS A 425 -8.98 13.80 23.10
N PHE A 426 -8.70 14.63 22.10
CA PHE A 426 -7.31 14.89 21.74
C PHE A 426 -6.64 15.80 22.76
N ILE A 427 -7.40 16.71 23.37
CA ILE A 427 -6.84 17.53 24.46
C ILE A 427 -6.33 16.64 25.59
N PHE A 428 -7.18 15.70 26.02
CA PHE A 428 -6.77 14.83 27.13
C PHE A 428 -5.76 13.79 26.70
N GLN A 429 -5.73 13.42 25.42
CA GLN A 429 -4.65 12.58 24.92
C GLN A 429 -3.32 13.30 24.98
N LYS A 430 -3.32 14.60 24.65
CA LYS A 430 -2.09 15.38 24.78
C LYS A 430 -1.69 15.55 26.24
N MET A 431 -2.64 15.77 27.14
CA MET A 431 -2.29 15.93 28.55
C MET A 431 -1.85 14.63 29.20
N GLY A 432 -1.99 13.50 28.52
CA GLY A 432 -1.44 12.24 29.00
C GLY A 432 -2.41 11.33 29.73
N ILE A 433 -3.70 11.61 29.69
CA ILE A 433 -4.70 10.83 30.41
C ILE A 433 -5.43 9.94 29.41
N PRO A 434 -5.52 8.63 29.65
CA PRO A 434 -6.23 7.76 28.71
C PRO A 434 -7.66 8.22 28.51
N PHE A 435 -8.13 8.16 27.26
CA PHE A 435 -9.41 8.71 26.89
C PHE A 435 -10.21 7.68 26.11
N ARG A 436 -11.51 7.61 26.42
CA ARG A 436 -12.46 6.78 25.69
C ARG A 436 -13.58 7.68 25.19
N GLU A 437 -13.83 7.63 23.87
CA GLU A 437 -14.97 8.37 23.32
C GLU A 437 -16.26 7.74 23.84
N MET A 438 -16.92 8.42 24.76
CA MET A 438 -18.14 7.91 25.37
C MET A 438 -19.37 8.25 24.54
N HIS A 439 -19.19 8.94 23.41
CA HIS A 439 -20.28 9.31 22.50
C HIS A 439 -20.44 8.29 21.38
N SER A 440 -19.38 8.05 20.61
CA SER A 440 -19.40 7.11 19.49
C SER A 440 -18.75 5.77 19.84
N TRP A 441 -18.48 5.53 21.12
CA TRP A 441 -17.78 4.34 21.59
C TRP A 441 -16.39 4.20 20.99
N ASP A 442 -15.80 5.32 20.56
CA ASP A 442 -14.51 5.34 19.90
C ASP A 442 -14.49 4.38 18.70
N TYR A 443 -15.54 4.48 17.88
CA TYR A 443 -15.68 3.66 16.68
C TYR A 443 -15.69 2.17 17.01
N SER A 444 -16.20 1.82 18.17
CA SER A 444 -16.36 0.45 18.63
C SER A 444 -17.80 0.24 19.07
N GLY A 445 -18.06 -0.88 19.71
CA GLY A 445 -19.38 -1.18 20.22
C GLY A 445 -19.95 -2.47 19.68
N PRO A 446 -21.14 -2.83 20.13
CA PRO A 446 -22.01 -2.14 21.10
C PRO A 446 -21.49 -2.22 22.53
N TYR A 447 -21.98 -1.35 23.42
CA TYR A 447 -21.60 -1.38 24.83
C TYR A 447 -22.73 -1.79 25.75
N HIS A 448 -23.96 -1.89 25.26
CA HIS A 448 -25.12 -2.22 26.07
C HIS A 448 -25.42 -3.70 26.00
N GLY A 449 -25.94 -4.23 27.10
CA GLY A 449 -26.28 -5.63 27.17
C GLY A 449 -25.09 -6.52 27.51
N PHE A 450 -25.40 -7.81 27.63
CA PHE A 450 -24.37 -8.80 27.95
C PHE A 450 -23.31 -8.91 26.86
N ASP A 451 -23.73 -8.88 25.59
CA ASP A 451 -22.76 -8.93 24.50
C ASP A 451 -21.92 -7.65 24.45
N GLY A 452 -22.51 -6.51 24.76
CA GLY A 452 -21.77 -5.26 24.77
C GLY A 452 -20.85 -5.08 25.95
N PHE A 453 -21.11 -5.76 27.06
CA PHE A 453 -20.24 -5.64 28.23
C PHE A 453 -18.85 -6.18 27.95
N ALA A 454 -18.76 -7.27 27.18
CA ALA A 454 -17.46 -7.81 26.82
C ALA A 454 -16.65 -6.81 26.01
N ILE A 455 -17.30 -6.17 25.03
CA ILE A 455 -16.62 -5.17 24.22
C ILE A 455 -16.21 -3.98 25.07
N PHE A 456 -17.08 -3.56 25.99
CA PHE A 456 -16.76 -2.43 26.86
C PHE A 456 -15.54 -2.73 27.72
N ALA A 457 -15.50 -3.93 28.33
CA ALA A 457 -14.36 -4.30 29.15
C ALA A 457 -13.08 -4.41 28.31
N ARG A 458 -13.18 -5.00 27.12
CA ARG A 458 -12.02 -5.13 26.25
C ARG A 458 -11.48 -3.75 25.87
N ASP A 459 -12.37 -2.82 25.53
CA ASP A 459 -11.93 -1.47 25.16
C ASP A 459 -11.31 -0.75 26.35
N MET A 460 -11.91 -0.91 27.53
CA MET A 460 -11.36 -0.28 28.73
C MET A 460 -9.95 -0.77 29.00
N ASP A 461 -9.74 -2.08 28.91
CA ASP A 461 -8.40 -2.63 29.13
C ASP A 461 -7.44 -2.19 28.03
N MET A 462 -7.92 -2.15 26.78
CA MET A 462 -7.05 -1.78 25.67
C MET A 462 -6.57 -0.35 25.79
N THR A 463 -7.43 0.57 26.19
CA THR A 463 -7.04 1.97 26.25
C THR A 463 -6.31 2.30 27.55
N LEU A 464 -6.86 1.87 28.69
CA LEU A 464 -6.28 2.25 29.97
C LEU A 464 -4.89 1.68 30.16
N ASN A 465 -4.67 0.44 29.71
CA ASN A 465 -3.41 -0.25 29.92
C ASN A 465 -2.54 -0.25 28.67
N ASN A 466 -2.82 0.62 27.71
CA ASN A 466 -1.99 0.68 26.51
C ASN A 466 -0.61 1.23 26.86
N PRO A 467 0.46 0.68 26.25
CA PRO A 467 1.80 1.20 26.54
C PRO A 467 2.03 2.62 26.07
N CYS A 468 1.20 3.13 25.16
CA CYS A 468 1.44 4.46 24.60
C CYS A 468 1.40 5.55 25.67
N TRP A 469 0.66 5.33 26.75
CA TRP A 469 0.59 6.30 27.83
C TRP A 469 1.81 6.31 28.72
N LYS A 470 2.69 5.30 28.60
CA LYS A 470 3.88 5.19 29.42
C LYS A 470 5.14 5.63 28.68
N LYS A 471 4.98 6.22 27.49
CA LYS A 471 6.12 6.67 26.69
C LYS A 471 6.07 8.16 26.41
N LEU A 472 5.31 8.91 27.21
CA LEU A 472 5.07 10.32 26.93
C LEU A 472 6.21 11.23 27.36
N GLN A 473 7.12 10.75 28.18
CA GLN A 473 8.27 11.54 28.64
C GLN A 473 9.51 11.05 27.90
N ALA A 474 10.20 11.97 27.24
CA ALA A 474 11.44 11.61 26.57
C ALA A 474 12.45 11.15 27.61
N PRO A 475 13.13 10.02 27.40
CA PRO A 475 14.02 9.48 28.43
C PRO A 475 15.24 10.34 28.71
N TRP A 476 15.50 11.36 27.90
CA TRP A 476 16.59 12.30 28.16
C TRP A 476 16.10 13.58 28.83
N GLU A 477 14.85 13.62 29.26
CA GLU A 477 14.32 14.77 29.97
C GLU A 477 13.97 14.41 31.41
N SER B 1 -24.22 -13.83 22.00
CA SER B 1 -23.27 -14.57 22.80
C SER B 1 -21.84 -14.20 22.46
N GLN B 2 -20.98 -14.08 23.48
CA GLN B 2 -19.59 -13.69 23.30
C GLN B 2 -18.68 -14.71 23.95
N GLN B 3 -17.55 -14.97 23.32
CA GLN B 3 -16.48 -15.78 23.90
C GLN B 3 -15.39 -14.83 24.39
N VAL B 4 -15.03 -14.96 25.67
CA VAL B 4 -14.06 -14.04 26.27
C VAL B 4 -12.69 -14.15 25.62
N ASP B 5 -12.38 -15.29 24.99
CA ASP B 5 -11.11 -15.43 24.31
C ASP B 5 -11.08 -14.62 23.01
N LYS B 6 -12.22 -14.53 22.32
CA LYS B 6 -12.33 -13.82 21.05
C LYS B 6 -13.60 -12.96 21.11
N ILE B 7 -13.45 -11.72 21.58
CA ILE B 7 -14.59 -10.82 21.68
C ILE B 7 -14.79 -10.12 20.34
N LYS B 8 -16.03 -10.10 19.87
CA LYS B 8 -16.37 -9.53 18.58
C LYS B 8 -17.04 -8.18 18.77
N ALA B 9 -16.62 -7.19 17.97
CA ALA B 9 -17.27 -5.90 17.94
C ALA B 9 -18.54 -6.02 17.11
N SER B 10 -19.17 -4.89 16.77
CA SER B 10 -20.43 -4.91 16.03
C SER B 10 -20.32 -5.80 14.78
N TYR B 11 -19.25 -5.61 14.01
CA TYR B 11 -18.87 -6.58 12.99
C TYR B 11 -17.78 -7.47 13.55
N PRO B 12 -17.95 -8.80 13.53
CA PRO B 12 -19.08 -9.55 12.99
C PRO B 12 -20.00 -10.12 14.06
N LEU B 13 -20.21 -9.44 15.19
CA LEU B 13 -21.15 -9.93 16.19
C LEU B 13 -22.57 -9.98 15.63
N PHE B 14 -22.97 -8.96 14.89
CA PHE B 14 -24.32 -8.91 14.36
C PHE B 14 -24.50 -9.79 13.13
N LEU B 15 -23.49 -10.56 12.75
CA LEU B 15 -23.60 -11.56 11.71
C LEU B 15 -23.93 -12.94 12.26
N ASP B 16 -24.06 -13.08 13.58
CA ASP B 16 -24.39 -14.36 14.18
C ASP B 16 -25.83 -14.73 13.88
N GLN B 17 -26.13 -16.03 14.02
CA GLN B 17 -27.44 -16.53 13.63
C GLN B 17 -28.55 -15.93 14.47
N ASP B 18 -28.35 -15.79 15.78
CA ASP B 18 -29.40 -15.22 16.62
C ASP B 18 -29.68 -13.77 16.26
N TYR B 19 -28.63 -12.97 16.03
CA TYR B 19 -28.81 -11.59 15.64
C TYR B 19 -29.45 -11.48 14.26
N LYS B 20 -29.05 -12.34 13.34
CA LYS B 20 -29.66 -12.34 12.01
C LYS B 20 -31.15 -12.68 12.09
N ASP B 21 -31.50 -13.67 12.90
CA ASP B 21 -32.91 -14.03 13.06
C ASP B 21 -33.70 -12.91 13.70
N MET B 22 -33.13 -12.26 14.72
CA MET B 22 -33.83 -11.14 15.36
C MET B 22 -34.05 -9.99 14.38
N LEU B 23 -33.02 -9.66 13.59
CA LEU B 23 -33.17 -8.57 12.62
C LEU B 23 -34.16 -8.95 11.53
N ALA B 24 -34.17 -10.22 11.11
CA ALA B 24 -35.13 -10.66 10.11
C ALA B 24 -36.55 -10.56 10.64
N LYS B 25 -36.77 -10.95 11.90
CA LYS B 25 -38.09 -10.82 12.49
C LYS B 25 -38.50 -9.36 12.59
N LYS B 26 -37.57 -8.48 12.98
CA LYS B 26 -37.86 -7.06 13.06
C LYS B 26 -38.25 -6.50 11.70
N ARG B 27 -37.53 -6.90 10.65
CA ARG B 27 -37.80 -6.39 9.31
C ARG B 27 -39.13 -6.92 8.78
N ASP B 28 -39.41 -8.21 8.99
CA ASP B 28 -40.57 -8.85 8.42
C ASP B 28 -41.85 -8.62 9.23
N GLY B 29 -41.73 -8.12 10.46
CA GLY B 29 -42.91 -7.97 11.28
C GLY B 29 -43.41 -6.53 11.42
N PHE B 30 -42.48 -5.58 11.52
CA PHE B 30 -42.85 -4.21 11.87
C PHE B 30 -42.26 -3.14 10.97
N GLU B 31 -41.18 -3.40 10.24
CA GLU B 31 -40.58 -2.37 9.40
C GLU B 31 -41.40 -2.06 8.16
N GLU B 32 -42.25 -2.98 7.73
CA GLU B 32 -43.04 -2.82 6.51
C GLU B 32 -42.15 -2.48 5.32
N LYS B 33 -41.02 -3.17 5.25
CA LYS B 33 -40.03 -2.92 4.22
C LYS B 33 -40.56 -3.31 2.85
N TYR B 34 -40.08 -2.61 1.82
CA TYR B 34 -40.41 -2.97 0.45
C TYR B 34 -39.84 -4.34 0.13
N PRO B 35 -40.47 -5.10 -0.77
CA PRO B 35 -39.92 -6.40 -1.14
C PRO B 35 -38.52 -6.27 -1.72
N GLN B 36 -37.69 -7.28 -1.45
CA GLN B 36 -36.30 -7.23 -1.89
C GLN B 36 -36.19 -7.13 -3.41
N ASP B 37 -37.12 -7.75 -4.14
CA ASP B 37 -37.13 -7.60 -5.59
C ASP B 37 -37.36 -6.16 -6.00
N LYS B 38 -38.28 -5.47 -5.30
CA LYS B 38 -38.52 -4.06 -5.59
C LYS B 38 -37.29 -3.21 -5.29
N ILE B 39 -36.61 -3.50 -4.17
CA ILE B 39 -35.40 -2.75 -3.82
C ILE B 39 -34.31 -2.97 -4.87
N ASP B 40 -34.13 -4.22 -5.29
CA ASP B 40 -33.14 -4.52 -6.32
C ASP B 40 -33.47 -3.83 -7.63
N GLU B 41 -34.76 -3.83 -8.01
CA GLU B 41 -35.17 -3.19 -9.25
C GLU B 41 -34.92 -1.69 -9.21
N VAL B 42 -35.25 -1.06 -8.08
CA VAL B 42 -35.02 0.38 -7.95
C VAL B 42 -33.53 0.69 -7.97
N PHE B 43 -32.72 -0.14 -7.31
CA PHE B 43 -31.27 0.09 -7.33
C PHE B 43 -30.72 -0.04 -8.74
N GLN B 44 -31.18 -1.05 -9.48
CA GLN B 44 -30.75 -1.20 -10.88
C GLN B 44 -31.18 0.00 -11.71
N TRP B 45 -32.37 0.53 -11.43
CA TRP B 45 -32.82 1.73 -12.12
C TRP B 45 -31.92 2.92 -11.83
N THR B 46 -31.46 3.05 -10.58
CA THR B 46 -30.60 4.17 -10.22
C THR B 46 -29.25 4.15 -10.91
N THR B 47 -28.83 3.01 -11.44
CA THR B 47 -27.54 2.88 -12.10
C THR B 47 -27.62 3.03 -13.62
N THR B 48 -28.78 3.41 -14.14
CA THR B 48 -29.01 3.52 -15.57
C THR B 48 -28.82 4.97 -16.04
N LYS B 49 -28.86 5.16 -17.36
CA LYS B 49 -28.70 6.48 -17.93
C LYS B 49 -29.94 7.34 -17.77
N GLU B 50 -31.13 6.72 -17.78
CA GLU B 50 -32.36 7.48 -17.57
C GLU B 50 -32.37 8.13 -16.20
N TYR B 51 -31.96 7.38 -15.17
CA TYR B 51 -31.82 7.97 -13.85
C TYR B 51 -30.75 9.04 -13.84
N GLN B 52 -29.72 8.93 -14.67
CA GLN B 52 -28.72 9.98 -14.75
C GLN B 52 -29.31 11.26 -15.34
N GLU B 53 -30.15 11.14 -16.37
CA GLU B 53 -30.81 12.32 -16.91
C GLU B 53 -31.74 12.95 -15.88
N LEU B 54 -32.47 12.13 -15.13
CA LEU B 54 -33.32 12.67 -14.08
C LEU B 54 -32.49 13.33 -12.98
N ASN B 55 -31.34 12.76 -12.66
CA ASN B 55 -30.49 13.28 -11.59
C ASN B 55 -29.86 14.61 -11.98
N PHE B 56 -29.43 14.74 -13.24
CA PHE B 56 -28.80 15.96 -13.69
C PHE B 56 -29.81 17.08 -14.00
N GLN B 57 -31.10 16.77 -13.97
CA GLN B 57 -32.14 17.79 -14.10
C GLN B 57 -32.45 18.47 -12.77
N ARG B 58 -31.78 18.06 -11.69
CA ARG B 58 -32.04 18.64 -10.38
C ARG B 58 -31.73 20.13 -10.37
N GLU B 59 -32.59 20.90 -9.70
CA GLU B 59 -32.42 22.35 -9.64
C GLU B 59 -32.42 22.85 -8.20
N ALA B 60 -33.18 22.18 -7.33
CA ALA B 60 -33.34 22.63 -5.95
C ALA B 60 -32.82 21.65 -4.92
N LEU B 61 -32.61 20.39 -5.27
CA LEU B 61 -32.18 19.37 -4.32
C LEU B 61 -30.69 19.11 -4.49
N THR B 62 -29.97 19.07 -3.37
CA THR B 62 -28.56 18.72 -3.33
C THR B 62 -28.39 17.48 -2.48
N VAL B 63 -27.81 16.44 -3.06
CA VAL B 63 -27.59 15.17 -2.37
C VAL B 63 -26.10 14.92 -2.28
N ASN B 64 -25.60 14.74 -1.06
CA ASN B 64 -24.19 14.46 -0.80
C ASN B 64 -23.30 15.55 -1.40
N PRO B 65 -23.32 16.77 -0.87
CA PRO B 65 -22.47 17.83 -1.41
C PRO B 65 -20.99 17.56 -1.13
N ALA B 66 -20.15 18.23 -1.91
CA ALA B 66 -18.70 18.13 -1.79
C ALA B 66 -18.10 19.47 -1.38
N LYS B 67 -18.74 20.16 -0.44
CA LYS B 67 -18.26 21.47 -0.01
C LYS B 67 -18.81 21.75 1.38
N ALA B 68 -18.23 22.75 2.03
CA ALA B 68 -18.65 23.18 3.36
C ALA B 68 -18.97 24.66 3.36
N CYS B 69 -19.19 25.24 4.54
CA CYS B 69 -19.53 26.65 4.65
C CYS B 69 -18.30 27.50 4.93
N GLN B 70 -18.45 28.80 4.69
CA GLN B 70 -17.32 29.72 4.81
C GLN B 70 -16.67 29.74 6.19
N PRO B 71 -17.40 29.78 7.31
CA PRO B 71 -16.73 29.89 8.61
C PRO B 71 -15.76 28.76 8.92
N LEU B 72 -15.93 27.58 8.33
CA LEU B 72 -14.94 26.52 8.52
C LEU B 72 -13.59 26.94 7.95
N GLY B 73 -13.59 27.47 6.72
CA GLY B 73 -12.35 27.98 6.14
C GLY B 73 -11.83 29.17 6.89
N ALA B 74 -12.72 30.02 7.41
CA ALA B 74 -12.29 31.14 8.23
C ALA B 74 -11.58 30.67 9.49
N VAL B 75 -12.09 29.63 10.13
CA VAL B 75 -11.45 29.08 11.32
C VAL B 75 -10.10 28.49 10.96
N LEU B 76 -10.02 27.77 9.83
CA LEU B 76 -8.74 27.20 9.42
C LEU B 76 -7.71 28.30 9.15
N CYS B 77 -8.13 29.39 8.52
CA CYS B 77 -7.23 30.52 8.28
C CYS B 77 -6.80 31.16 9.60
N ALA B 78 -7.74 31.32 10.54
CA ALA B 78 -7.41 31.94 11.81
C ALA B 78 -6.44 31.10 12.62
N LEU B 79 -6.53 29.77 12.50
CA LEU B 79 -5.65 28.88 13.26
C LEU B 79 -4.19 29.00 12.83
N GLY B 80 -3.90 29.64 11.70
CA GLY B 80 -2.56 29.74 11.17
C GLY B 80 -1.75 30.93 11.66
N PHE B 81 -2.20 31.64 12.68
CA PHE B 81 -1.51 32.81 13.19
C PHE B 81 -1.11 32.60 14.64
N GLU B 82 -0.10 33.34 15.06
CA GLU B 82 0.54 33.13 16.35
C GLU B 82 -0.43 33.49 17.48
N LYS B 83 -0.71 32.50 18.34
CA LYS B 83 -1.54 32.70 19.54
C LYS B 83 -2.88 33.35 19.19
N THR B 84 -3.46 32.91 18.08
CA THR B 84 -4.70 33.47 17.57
C THR B 84 -5.86 32.53 17.89
N MET B 85 -6.95 33.10 18.41
CA MET B 85 -8.15 32.33 18.69
C MET B 85 -9.18 32.58 17.60
N PRO B 86 -9.64 31.55 16.90
CA PRO B 86 -10.80 31.71 16.01
C PRO B 86 -12.06 31.93 16.83
N TYR B 87 -12.81 32.97 16.47
CA TYR B 87 -14.00 33.38 17.19
C TYR B 87 -15.10 33.59 16.16
N VAL B 88 -16.11 32.74 16.19
CA VAL B 88 -17.19 32.78 15.22
C VAL B 88 -18.42 33.40 15.89
N HIS B 89 -18.72 34.65 15.53
CA HIS B 89 -19.87 35.36 16.06
C HIS B 89 -21.14 34.74 15.50
N GLY B 90 -21.91 34.08 16.37
CA GLY B 90 -23.12 33.39 15.94
C GLY B 90 -23.47 32.29 16.93
N SER B 91 -24.12 31.26 16.40
CA SER B 91 -24.55 30.14 17.23
C SER B 91 -23.39 29.21 17.54
N GLN B 92 -23.52 28.49 18.66
CA GLN B 92 -22.46 27.62 19.13
C GLN B 92 -22.43 26.28 18.41
N GLY B 93 -23.56 25.85 17.85
CA GLY B 93 -23.58 24.59 17.12
C GLY B 93 -22.67 24.60 15.91
N CYS B 94 -22.56 25.75 15.25
CA CYS B 94 -21.65 25.89 14.12
C CYS B 94 -20.21 25.65 14.56
N VAL B 95 -19.81 26.25 15.68
CA VAL B 95 -18.45 26.07 16.18
C VAL B 95 -18.21 24.62 16.59
N ALA B 96 -19.20 24.00 17.24
CA ALA B 96 -19.07 22.59 17.60
C ALA B 96 -18.86 21.73 16.36
N TYR B 97 -19.61 21.99 15.29
CA TYR B 97 -19.45 21.23 14.07
C TYR B 97 -18.10 21.48 13.42
N PHE B 98 -17.63 22.73 13.40
CA PHE B 98 -16.31 23.02 12.83
C PHE B 98 -15.22 22.26 13.59
N ARG B 99 -15.28 22.32 14.92
CA ARG B 99 -14.27 21.65 15.74
C ARG B 99 -14.33 20.15 15.56
N SER B 100 -15.54 19.57 15.48
CA SER B 100 -15.65 18.13 15.25
C SER B 100 -15.10 17.73 13.88
N TYR B 101 -15.39 18.52 12.85
CA TYR B 101 -14.89 18.24 11.51
C TYR B 101 -13.36 18.25 11.50
N PHE B 102 -12.76 19.31 12.05
CA PHE B 102 -11.31 19.41 12.01
C PHE B 102 -10.66 18.40 12.95
N ASN B 103 -11.31 18.04 14.05
CA ASN B 103 -10.79 17.01 14.93
C ASN B 103 -10.80 15.65 14.26
N ARG B 104 -11.87 15.32 13.52
CA ARG B 104 -11.91 14.07 12.80
C ARG B 104 -10.93 14.02 11.63
N HIS B 105 -10.66 15.15 10.98
CA HIS B 105 -9.68 15.12 9.89
C HIS B 105 -8.25 15.10 10.41
N PHE B 106 -7.87 16.09 11.20
CA PHE B 106 -6.49 16.22 11.65
C PHE B 106 -6.15 15.36 12.86
N ARG B 107 -7.15 14.83 13.55
CA ARG B 107 -6.94 14.05 14.77
C ARG B 107 -6.12 14.83 15.78
N GLU B 108 -6.44 16.11 15.92
CA GLU B 108 -5.72 17.05 16.76
C GLU B 108 -6.73 17.92 17.48
N PRO B 109 -6.35 18.50 18.64
CA PRO B 109 -7.23 19.48 19.28
C PRO B 109 -7.34 20.74 18.42
N VAL B 110 -8.56 21.21 18.24
CA VAL B 110 -8.83 22.40 17.46
C VAL B 110 -9.55 23.40 18.36
N SER B 111 -9.00 24.60 18.47
CA SER B 111 -9.52 25.63 19.34
C SER B 111 -10.36 26.61 18.54
N CYS B 112 -11.58 26.85 19.01
CA CYS B 112 -12.50 27.78 18.36
C CYS B 112 -13.60 28.13 19.35
N VAL B 113 -13.99 29.39 19.39
CA VAL B 113 -14.97 29.85 20.35
C VAL B 113 -16.11 30.55 19.63
N SER B 114 -17.24 30.67 20.33
CA SER B 114 -18.42 31.34 19.83
C SER B 114 -19.03 32.17 20.95
N ASP B 115 -19.79 33.19 20.57
CA ASP B 115 -20.53 33.98 21.54
C ASP B 115 -21.89 33.38 21.87
N SER B 116 -22.25 32.25 21.25
CA SER B 116 -23.47 31.51 21.56
C SER B 116 -24.70 32.41 21.42
N MET B 117 -24.85 32.98 20.22
CA MET B 117 -26.00 33.83 19.95
C MET B 117 -27.27 33.00 19.92
N THR B 118 -28.32 33.50 20.56
CA THR B 118 -29.56 32.74 20.74
C THR B 118 -30.75 33.52 20.23
N GLU B 119 -31.96 33.07 20.58
CA GLU B 119 -33.18 33.73 20.14
C GLU B 119 -33.19 35.20 20.55
N ASP B 120 -32.60 35.51 21.71
CA ASP B 120 -32.53 36.90 22.15
C ASP B 120 -31.74 37.75 21.16
N ALA B 121 -30.64 37.22 20.65
CA ALA B 121 -29.87 37.91 19.64
C ALA B 121 -30.57 37.97 18.28
N ALA B 122 -31.63 37.17 18.10
CA ALA B 122 -32.36 37.18 16.83
C ALA B 122 -33.16 38.45 16.63
N VAL B 123 -33.48 39.18 17.69
CA VAL B 123 -34.27 40.41 17.60
C VAL B 123 -33.47 41.66 17.92
N PHE B 124 -32.38 41.55 18.68
CA PHE B 124 -31.60 42.71 19.08
C PHE B 124 -30.17 42.67 18.59
N GLY B 125 -29.76 41.65 17.85
CA GLY B 125 -28.38 41.52 17.42
C GLY B 125 -27.51 40.91 18.50
N GLY B 126 -26.24 40.74 18.16
CA GLY B 126 -25.30 40.11 19.07
C GLY B 126 -24.24 41.06 19.60
N GLN B 127 -24.60 42.32 19.84
CA GLN B 127 -23.64 43.29 20.36
C GLN B 127 -23.18 42.90 21.76
N GLN B 128 -24.14 42.65 22.66
CA GLN B 128 -23.77 42.19 24.00
C GLN B 128 -23.09 40.84 23.95
N ASN B 129 -23.55 39.95 23.07
CA ASN B 129 -22.91 38.66 22.90
C ASN B 129 -21.46 38.84 22.45
N MET B 130 -21.23 39.74 21.49
CA MET B 130 -19.86 39.98 21.03
C MET B 130 -18.99 40.54 22.14
N LYS B 131 -19.50 41.51 22.90
CA LYS B 131 -18.73 42.10 23.98
C LYS B 131 -18.35 41.04 25.02
N ASP B 132 -19.33 40.28 25.51
CA ASP B 132 -19.06 39.27 26.51
C ASP B 132 -18.14 38.18 25.98
N GLY B 133 -18.34 37.76 24.72
CA GLY B 133 -17.49 36.73 24.17
C GLY B 133 -16.05 37.17 24.03
N LEU B 134 -15.83 38.40 23.56
CA LEU B 134 -14.48 38.92 23.44
C LEU B 134 -13.82 39.01 24.81
N GLN B 135 -14.54 39.54 25.80
CA GLN B 135 -13.96 39.66 27.14
C GLN B 135 -13.61 38.30 27.72
N ASN B 136 -14.54 37.34 27.63
CA ASN B 136 -14.30 36.02 28.18
C ASN B 136 -13.16 35.32 27.45
N CYS B 137 -13.10 35.44 26.13
CA CYS B 137 -12.05 34.81 25.36
C CYS B 137 -10.68 35.36 25.72
N LYS B 138 -10.59 36.69 25.86
CA LYS B 138 -9.30 37.28 26.22
C LYS B 138 -8.91 36.94 27.64
N ALA B 139 -9.87 36.88 28.57
CA ALA B 139 -9.55 36.62 29.96
C ALA B 139 -9.23 35.16 30.22
N THR B 140 -9.85 34.24 29.49
CA THR B 140 -9.74 32.81 29.79
C THR B 140 -8.57 32.15 29.06
N TYR B 141 -8.52 32.29 27.73
CA TYR B 141 -7.54 31.59 26.93
C TYR B 141 -6.32 32.44 26.59
N LYS B 142 -6.35 33.73 26.92
CA LYS B 142 -5.22 34.63 26.73
C LYS B 142 -4.60 34.56 25.33
N PRO B 143 -5.39 34.84 24.28
CA PRO B 143 -4.81 34.85 22.94
C PRO B 143 -4.15 36.18 22.63
N ASP B 144 -3.14 36.13 21.76
CA ASP B 144 -2.51 37.35 21.31
C ASP B 144 -3.36 38.10 20.29
N MET B 145 -4.29 37.41 19.62
CA MET B 145 -5.18 38.07 18.67
C MET B 145 -6.38 37.17 18.43
N ILE B 146 -7.55 37.79 18.30
CA ILE B 146 -8.81 37.07 18.10
C ILE B 146 -9.28 37.36 16.69
N ALA B 147 -9.49 36.31 15.90
CA ALA B 147 -9.93 36.46 14.52
C ALA B 147 -11.39 36.11 14.42
N VAL B 148 -12.22 37.10 14.06
CA VAL B 148 -13.67 37.00 14.15
C VAL B 148 -14.24 36.70 12.77
N SER B 149 -15.01 35.63 12.68
CA SER B 149 -15.82 35.27 11.52
C SER B 149 -17.30 35.27 11.94
N THR B 150 -18.16 34.88 11.00
CA THR B 150 -19.60 34.90 11.26
C THR B 150 -20.24 33.58 10.82
N THR B 151 -21.40 33.29 11.41
CA THR B 151 -22.24 32.19 11.00
C THR B 151 -23.36 32.72 10.11
N CYS B 152 -24.25 31.82 9.68
CA CYS B 152 -25.36 32.21 8.84
C CYS B 152 -26.35 33.10 9.59
N MET B 153 -26.55 32.85 10.88
CA MET B 153 -27.50 33.64 11.66
C MET B 153 -27.08 35.10 11.74
N ALA B 154 -25.80 35.34 12.07
CA ALA B 154 -25.32 36.71 12.21
C ALA B 154 -25.34 37.44 10.88
N GLU B 155 -25.13 36.72 9.78
CA GLU B 155 -25.19 37.35 8.47
C GLU B 155 -26.62 37.67 8.06
N VAL B 156 -27.56 36.78 8.40
CA VAL B 156 -28.96 37.02 8.05
C VAL B 156 -29.52 38.19 8.85
N ILE B 157 -29.27 38.22 10.16
CA ILE B 157 -29.79 39.30 10.99
C ILE B 157 -29.03 40.61 10.78
N GLY B 158 -27.91 40.59 10.06
CA GLY B 158 -27.19 41.80 9.72
C GLY B 158 -26.44 42.40 10.88
N ASP B 159 -25.48 41.65 11.43
CA ASP B 159 -24.64 42.12 12.53
C ASP B 159 -23.39 42.78 11.97
N ASP B 160 -23.20 44.05 12.30
CA ASP B 160 -22.02 44.79 11.85
C ASP B 160 -20.84 44.42 12.74
N LEU B 161 -19.92 43.61 12.21
CA LEU B 161 -18.77 43.17 12.99
C LEU B 161 -17.88 44.35 13.38
N ASN B 162 -17.65 45.28 12.44
CA ASN B 162 -16.78 46.42 12.72
C ASN B 162 -17.34 47.26 13.86
N ALA B 163 -18.63 47.60 13.80
CA ALA B 163 -19.23 48.41 14.85
C ALA B 163 -19.24 47.67 16.19
N PHE B 164 -19.53 46.37 16.16
CA PHE B 164 -19.56 45.60 17.40
C PHE B 164 -18.19 45.56 18.06
N ILE B 165 -17.13 45.33 17.27
CA ILE B 165 -15.79 45.26 17.84
C ILE B 165 -15.34 46.65 18.31
N ASN B 166 -15.69 47.69 17.56
CA ASN B 166 -15.33 49.05 17.97
C ASN B 166 -16.01 49.41 19.28
N ASN B 167 -17.28 49.04 19.44
CA ASN B 167 -17.98 49.30 20.70
C ASN B 167 -17.40 48.47 21.84
N SER B 168 -17.00 47.23 21.56
CA SER B 168 -16.39 46.40 22.58
C SER B 168 -15.08 47.02 23.08
N LYS B 169 -14.27 47.53 22.16
CA LYS B 169 -13.03 48.18 22.57
C LYS B 169 -13.29 49.51 23.27
N LYS B 170 -14.31 50.25 22.81
CA LYS B 170 -14.59 51.58 23.36
C LYS B 170 -15.22 51.50 24.75
N GLU B 171 -16.09 50.52 24.98
CA GLU B 171 -16.80 50.40 26.24
C GLU B 171 -16.00 49.68 27.31
N GLY B 172 -14.78 49.25 27.01
CA GLY B 172 -13.91 48.69 28.03
C GLY B 172 -14.06 47.20 28.25
N PHE B 173 -14.18 46.44 27.15
CA PHE B 173 -14.22 44.99 27.23
C PHE B 173 -12.93 44.33 26.79
N ILE B 174 -12.23 44.92 25.82
CA ILE B 174 -10.90 44.48 25.41
C ILE B 174 -10.03 45.72 25.26
N PRO B 175 -8.71 45.62 25.41
CA PRO B 175 -7.86 46.79 25.20
C PRO B 175 -7.99 47.33 23.79
N ASP B 176 -7.86 48.66 23.68
CA ASP B 176 -8.04 49.31 22.38
C ASP B 176 -7.00 48.87 21.37
N GLU B 177 -5.82 48.45 21.83
CA GLU B 177 -4.75 48.02 20.94
C GLU B 177 -4.75 46.52 20.70
N PHE B 178 -5.69 45.79 21.26
CA PHE B 178 -5.72 44.34 21.08
C PHE B 178 -6.13 44.01 19.65
N PRO B 179 -5.38 43.16 18.95
CA PRO B 179 -5.73 42.84 17.56
C PRO B 179 -6.99 41.99 17.45
N VAL B 180 -8.04 42.55 16.85
CA VAL B 180 -9.27 41.81 16.60
C VAL B 180 -9.68 41.97 15.14
N PRO B 181 -9.00 41.30 14.21
CA PRO B 181 -9.46 41.32 12.82
C PRO B 181 -10.79 40.59 12.66
N PHE B 182 -11.58 41.03 11.70
CA PHE B 182 -12.89 40.46 11.46
C PHE B 182 -13.09 40.23 9.97
N ALA B 183 -14.00 39.32 9.66
CA ALA B 183 -14.36 39.03 8.28
C ALA B 183 -15.80 38.52 8.24
N HIS B 184 -16.58 39.04 7.30
CA HIS B 184 -17.94 38.55 7.08
C HIS B 184 -17.85 37.30 6.22
N THR B 185 -18.38 36.18 6.74
CA THR B 185 -18.32 34.89 6.07
C THR B 185 -19.73 34.34 5.94
N PRO B 186 -20.52 34.84 4.99
CA PRO B 186 -21.87 34.31 4.78
C PRO B 186 -21.82 32.87 4.30
N SER B 187 -22.41 31.97 5.09
CA SER B 187 -22.35 30.55 4.76
C SER B 187 -23.15 30.21 3.52
N PHE B 188 -24.01 31.11 3.07
CA PHE B 188 -24.80 30.90 1.86
C PHE B 188 -24.12 31.42 0.60
N VAL B 189 -22.89 31.91 0.72
CA VAL B 189 -22.11 32.39 -0.41
C VAL B 189 -20.81 31.60 -0.47
N GLY B 190 -20.54 31.00 -1.63
CA GLY B 190 -19.30 30.27 -1.80
C GLY B 190 -19.22 29.03 -0.93
N SER B 191 -18.00 28.69 -0.52
CA SER B 191 -17.74 27.51 0.30
C SER B 191 -16.67 27.87 1.31
N HIS B 192 -16.09 26.83 1.92
CA HIS B 192 -15.09 27.04 2.97
C HIS B 192 -13.87 27.79 2.44
N VAL B 193 -13.52 27.57 1.17
CA VAL B 193 -12.37 28.29 0.60
C VAL B 193 -12.67 29.78 0.51
N THR B 194 -13.92 30.15 0.21
CA THR B 194 -14.30 31.55 0.24
C THR B 194 -14.17 32.14 1.64
N GLY B 195 -14.50 31.34 2.66
CA GLY B 195 -14.32 31.80 4.03
C GLY B 195 -12.86 31.99 4.38
N TRP B 196 -12.00 31.09 3.91
CA TRP B 196 -10.56 31.26 4.12
C TRP B 196 -10.07 32.55 3.46
N ASP B 197 -10.53 32.80 2.23
CA ASP B 197 -10.13 34.02 1.53
C ASP B 197 -10.59 35.26 2.27
N ASN B 198 -11.85 35.26 2.74
CA ASN B 198 -12.39 36.41 3.46
C ASN B 198 -11.63 36.64 4.76
N MET B 199 -11.35 35.57 5.51
CA MET B 199 -10.65 35.72 6.77
C MET B 199 -9.24 36.26 6.56
N PHE B 200 -8.52 35.73 5.56
CA PHE B 200 -7.18 36.21 5.30
C PHE B 200 -7.19 37.66 4.85
N GLU B 201 -8.14 38.03 4.00
CA GLU B 201 -8.23 39.41 3.55
C GLU B 201 -8.54 40.34 4.71
N GLY B 202 -9.41 39.90 5.63
CA GLY B 202 -9.72 40.71 6.80
C GLY B 202 -8.50 40.91 7.69
N ILE B 203 -7.73 39.84 7.92
CA ILE B 203 -6.54 39.95 8.75
C ILE B 203 -5.51 40.86 8.09
N ALA B 204 -5.28 40.68 6.79
CA ALA B 204 -4.31 41.50 6.08
C ALA B 204 -4.73 42.97 6.08
N ARG B 205 -6.01 43.23 5.86
CA ARG B 205 -6.51 44.61 5.92
C ARG B 205 -6.29 45.19 7.30
N TYR B 206 -6.71 44.48 8.35
CA TYR B 206 -6.57 44.97 9.71
C TYR B 206 -5.12 45.31 10.04
N PHE B 207 -4.18 44.50 9.54
CA PHE B 207 -2.80 44.71 9.93
C PHE B 207 -2.04 45.66 9.01
N THR B 208 -2.52 45.93 7.80
CA THR B 208 -1.72 46.71 6.85
C THR B 208 -2.40 47.91 6.22
N LEU B 209 -3.73 48.05 6.31
CA LEU B 209 -4.41 49.05 5.49
C LEU B 209 -4.06 50.47 5.92
N LYS B 210 -3.98 50.72 7.24
CA LYS B 210 -3.82 52.07 7.76
C LYS B 210 -2.36 52.40 8.05
N SER B 211 -1.41 51.57 7.62
CA SER B 211 0.01 51.82 7.83
C SER B 211 0.79 51.54 6.55
N MET B 212 0.28 52.02 5.42
CA MET B 212 0.92 51.81 4.13
C MET B 212 1.83 52.96 3.72
N ASP B 213 1.95 54.00 4.56
CA ASP B 213 2.75 55.16 4.20
C ASP B 213 4.24 54.90 4.30
N ASP B 214 4.66 54.04 5.22
CA ASP B 214 6.07 53.75 5.43
C ASP B 214 6.49 52.41 4.84
N LYS B 215 5.73 51.88 3.89
CA LYS B 215 6.01 50.59 3.29
C LYS B 215 6.57 50.78 1.89
N VAL B 216 7.70 50.12 1.62
CA VAL B 216 8.33 50.13 0.31
C VAL B 216 8.42 48.69 -0.18
N VAL B 217 7.99 48.46 -1.41
CA VAL B 217 7.94 47.10 -1.95
C VAL B 217 9.37 46.59 -2.11
N GLY B 218 9.64 45.42 -1.54
CA GLY B 218 10.94 44.81 -1.63
C GLY B 218 11.97 45.29 -0.62
N SER B 219 11.52 45.87 0.50
CA SER B 219 12.47 46.39 1.49
C SER B 219 13.14 45.24 2.25
N ASN B 220 12.36 44.26 2.67
CA ASN B 220 12.87 43.17 3.49
C ASN B 220 13.42 42.01 2.68
N LYS B 221 13.40 42.10 1.35
CA LYS B 221 13.98 41.08 0.47
C LYS B 221 13.37 39.70 0.72
N LYS B 222 12.05 39.65 0.91
CA LYS B 222 11.36 38.41 1.18
C LYS B 222 10.15 38.29 0.26
N ILE B 223 9.61 37.07 0.18
CA ILE B 223 8.46 36.76 -0.66
C ILE B 223 7.34 36.24 0.24
N ASN B 224 6.16 36.85 0.13
CA ASN B 224 5.00 36.39 0.88
C ASN B 224 4.36 35.20 0.18
N ILE B 225 4.03 34.18 0.96
CA ILE B 225 3.38 32.97 0.46
C ILE B 225 2.03 32.83 1.16
N VAL B 226 0.96 32.82 0.38
CA VAL B 226 -0.39 32.63 0.89
C VAL B 226 -0.86 31.24 0.45
N PRO B 227 -0.94 30.27 1.37
CA PRO B 227 -1.25 28.90 0.94
C PRO B 227 -2.72 28.65 0.66
N GLY B 228 -3.63 29.47 1.17
CA GLY B 228 -5.04 29.20 1.00
C GLY B 228 -5.51 28.08 1.91
N PHE B 229 -6.69 27.56 1.60
CA PHE B 229 -7.28 26.46 2.37
C PHE B 229 -6.49 25.20 2.09
N GLU B 230 -5.59 24.84 3.00
CA GLU B 230 -4.75 23.66 2.86
C GLU B 230 -4.92 22.80 4.11
N THR B 231 -5.17 21.51 3.89
CA THR B 231 -5.36 20.56 4.99
C THR B 231 -4.30 19.48 5.03
N TYR B 232 -3.19 19.66 4.31
CA TYR B 232 -2.07 18.74 4.35
C TYR B 232 -0.89 19.46 4.99
N LEU B 233 -0.39 18.90 6.10
CA LEU B 233 0.77 19.49 6.76
C LEU B 233 2.01 19.42 5.88
N GLY B 234 2.14 18.33 5.11
CA GLY B 234 3.23 18.23 4.18
C GLY B 234 3.23 19.32 3.13
N ASN B 235 2.03 19.79 2.76
CA ASN B 235 1.95 20.91 1.81
C ASN B 235 2.56 22.17 2.40
N PHE B 236 2.29 22.44 3.68
CA PHE B 236 2.90 23.59 4.33
C PHE B 236 4.40 23.42 4.47
N ARG B 237 4.86 22.20 4.78
CA ARG B 237 6.27 22.00 5.03
C ARG B 237 7.10 21.97 3.74
N VAL B 238 6.54 21.46 2.65
CA VAL B 238 7.33 21.31 1.42
C VAL B 238 7.65 22.68 0.81
N ILE B 239 6.71 23.63 0.90
CA ILE B 239 6.98 24.97 0.37
C ILE B 239 8.11 25.63 1.14
N LYS B 240 8.07 25.54 2.47
CA LYS B 240 9.14 26.11 3.29
C LYS B 240 10.47 25.42 3.00
N ARG B 241 10.47 24.10 2.86
CA ARG B 241 11.70 23.38 2.57
C ARG B 241 12.28 23.78 1.22
N MET B 242 11.43 23.89 0.19
CA MET B 242 11.90 24.24 -1.14
C MET B 242 12.40 25.67 -1.18
N LEU B 243 11.74 26.59 -0.47
CA LEU B 243 12.19 27.97 -0.46
C LEU B 243 13.48 28.14 0.35
N SER B 244 13.65 27.34 1.41
CA SER B 244 14.90 27.39 2.15
C SER B 244 16.05 26.77 1.35
N GLU B 245 15.75 25.75 0.54
CA GLU B 245 16.78 25.15 -0.30
C GLU B 245 17.32 26.15 -1.31
N MET B 246 16.44 26.97 -1.90
CA MET B 246 16.86 28.02 -2.81
C MET B 246 17.53 29.18 -2.10
N GLY B 247 17.48 29.23 -0.77
CA GLY B 247 17.99 30.39 -0.06
C GLY B 247 17.12 31.61 -0.19
N VAL B 248 15.84 31.43 -0.43
CA VAL B 248 14.92 32.54 -0.66
C VAL B 248 14.24 32.90 0.66
N GLY B 249 14.40 34.14 1.09
CA GLY B 249 13.67 34.64 2.25
C GLY B 249 12.19 34.66 1.98
N TYR B 250 11.39 34.11 2.89
CA TYR B 250 9.96 33.99 2.68
C TYR B 250 9.22 34.26 3.98
N SER B 251 7.94 34.60 3.83
CA SER B 251 7.03 34.78 4.96
C SER B 251 5.76 34.00 4.65
N LEU B 252 5.61 32.83 5.26
CA LEU B 252 4.43 31.99 5.06
C LEU B 252 3.31 32.53 5.94
N LEU B 253 2.42 33.32 5.35
CA LEU B 253 1.30 33.89 6.08
C LEU B 253 0.24 32.82 6.29
N SER B 254 -0.32 32.78 7.51
CA SER B 254 -1.31 31.77 7.90
C SER B 254 -0.74 30.36 7.76
N ASP B 255 0.24 30.08 8.63
CA ASP B 255 0.92 28.78 8.67
C ASP B 255 0.44 28.00 9.89
N PRO B 256 -0.55 27.11 9.75
CA PRO B 256 -1.06 26.37 10.91
C PRO B 256 -0.40 25.02 11.11
N GLU B 257 0.68 24.73 10.39
CA GLU B 257 1.28 23.40 10.43
C GLU B 257 1.87 23.05 11.79
N GLU B 258 2.08 24.04 12.66
CA GLU B 258 2.62 23.78 13.99
C GLU B 258 1.54 23.48 15.01
N VAL B 259 0.43 24.23 14.98
CA VAL B 259 -0.65 24.00 15.94
C VAL B 259 -1.45 22.75 15.61
N LEU B 260 -1.37 22.27 14.37
CA LEU B 260 -2.07 21.07 13.95
C LEU B 260 -1.19 19.83 14.00
N ASP B 261 0.04 19.95 14.50
CA ASP B 261 0.92 18.81 14.68
C ASP B 261 1.69 18.93 15.99
N THR B 262 1.01 19.35 17.05
CA THR B 262 1.67 19.50 18.34
C THR B 262 2.06 18.13 18.90
N PRO B 263 3.25 17.99 19.48
CA PRO B 263 3.66 16.69 20.01
C PRO B 263 2.89 16.30 21.26
N ALA B 264 2.86 15.00 21.52
CA ALA B 264 2.25 14.45 22.74
C ALA B 264 3.38 14.20 23.74
N ASP B 265 3.50 15.10 24.70
CA ASP B 265 4.54 14.98 25.74
C ASP B 265 3.97 15.24 27.13
N GLY B 266 2.70 14.94 27.35
CA GLY B 266 2.08 15.17 28.65
C GLY B 266 1.60 16.58 28.89
N GLN B 267 1.76 17.48 27.91
CA GLN B 267 1.34 18.87 28.04
C GLN B 267 0.50 19.25 26.83
N PHE B 268 -0.61 19.93 27.08
CA PHE B 268 -1.51 20.39 26.03
C PHE B 268 -1.16 21.83 25.70
N ARG B 269 -0.80 22.07 24.43
CA ARG B 269 -0.46 23.40 23.94
C ARG B 269 -1.61 23.91 23.08
N MET B 270 -2.30 24.95 23.56
CA MET B 270 -3.37 25.54 22.79
C MET B 270 -2.85 26.24 21.54
N TYR B 271 -1.70 26.90 21.65
CA TYR B 271 -1.10 27.63 20.54
C TYR B 271 0.30 27.09 20.28
N ALA B 272 0.68 27.05 19.00
CA ALA B 272 2.00 26.59 18.61
C ALA B 272 2.35 27.17 17.26
N GLY B 273 3.43 27.92 17.18
CA GLY B 273 3.88 28.47 15.91
C GLY B 273 2.88 29.47 15.34
N GLY B 274 2.77 29.47 14.03
CA GLY B 274 1.87 30.36 13.31
C GLY B 274 2.56 31.64 12.87
N THR B 275 1.85 32.38 12.03
CA THR B 275 2.37 33.64 11.52
C THR B 275 2.32 34.70 12.60
N THR B 276 3.46 35.33 12.87
CA THR B 276 3.52 36.38 13.86
C THR B 276 2.88 37.67 13.33
N GLN B 277 2.47 38.53 14.26
CA GLN B 277 1.87 39.79 13.86
C GLN B 277 2.88 40.71 13.18
N GLU B 278 4.16 40.59 13.55
CA GLU B 278 5.19 41.37 12.87
C GLU B 278 5.35 40.95 11.42
N GLU B 279 5.22 39.65 11.13
CA GLU B 279 5.27 39.19 9.75
C GLU B 279 4.14 39.77 8.92
N MET B 280 2.93 39.80 9.49
CA MET B 280 1.79 40.36 8.77
C MET B 280 1.94 41.88 8.61
N LYS B 281 2.48 42.54 9.63
CA LYS B 281 2.65 44.00 9.54
C LYS B 281 3.75 44.37 8.55
N ASP B 282 4.77 43.53 8.40
CA ASP B 282 5.85 43.76 7.47
C ASP B 282 5.60 43.11 6.11
N ALA B 283 4.44 42.49 5.92
CA ALA B 283 4.14 41.85 4.64
C ALA B 283 4.16 42.81 3.45
N PRO B 284 3.62 44.04 3.51
CA PRO B 284 3.68 44.92 2.34
C PRO B 284 5.09 45.30 1.92
N ASN B 285 6.10 45.04 2.75
CA ASN B 285 7.49 45.33 2.43
C ASN B 285 8.15 44.24 1.59
N ALA B 286 7.43 43.16 1.29
CA ALA B 286 7.99 42.04 0.56
C ALA B 286 8.19 42.38 -0.91
N LEU B 287 9.05 41.61 -1.57
CA LEU B 287 9.26 41.78 -3.00
C LEU B 287 7.98 41.50 -3.78
N ASN B 288 7.29 40.42 -3.44
CA ASN B 288 6.07 40.02 -4.13
C ASN B 288 5.32 39.04 -3.25
N THR B 289 4.08 38.77 -3.63
CA THR B 289 3.22 37.82 -2.93
C THR B 289 2.81 36.73 -3.90
N VAL B 290 3.03 35.48 -3.50
CA VAL B 290 2.68 34.32 -4.32
C VAL B 290 1.51 33.62 -3.67
N LEU B 291 0.42 33.47 -4.41
CA LEU B 291 -0.77 32.77 -3.93
C LEU B 291 -0.71 31.33 -4.40
N LEU B 292 -0.60 30.40 -3.44
CA LEU B 292 -0.46 28.99 -3.80
C LEU B 292 -1.73 28.45 -4.45
N GLN B 293 -2.89 28.96 -4.07
CA GLN B 293 -4.17 28.50 -4.60
C GLN B 293 -4.93 29.73 -5.09
N PRO B 294 -4.60 30.24 -6.28
CA PRO B 294 -5.16 31.52 -6.72
C PRO B 294 -6.64 31.48 -7.05
N TRP B 295 -7.22 30.29 -7.26
CA TRP B 295 -8.61 30.23 -7.71
C TRP B 295 -9.62 30.36 -6.59
N HIS B 296 -9.17 30.42 -5.33
CA HIS B 296 -10.06 30.79 -4.23
C HIS B 296 -9.48 31.92 -3.39
N LEU B 297 -8.41 32.56 -3.86
CA LEU B 297 -7.79 33.70 -3.19
C LEU B 297 -7.94 34.98 -4.02
N GLU B 298 -9.12 35.16 -4.62
CA GLU B 298 -9.32 36.30 -5.52
C GLU B 298 -9.44 37.60 -4.74
N LYS B 299 -10.17 37.60 -3.62
CA LYS B 299 -10.27 38.79 -2.79
C LYS B 299 -8.91 39.15 -2.20
N THR B 300 -8.16 38.14 -1.75
CA THR B 300 -6.81 38.38 -1.27
C THR B 300 -5.92 38.96 -2.36
N LYS B 301 -6.05 38.43 -3.59
CA LYS B 301 -5.28 38.97 -4.72
C LYS B 301 -5.64 40.42 -4.97
N LYS B 302 -6.93 40.75 -4.94
CA LYS B 302 -7.35 42.13 -5.16
C LYS B 302 -6.78 43.05 -4.10
N PHE B 303 -6.84 42.64 -2.83
CA PHE B 303 -6.29 43.47 -1.76
C PHE B 303 -4.79 43.65 -1.90
N VAL B 304 -4.07 42.56 -2.21
CA VAL B 304 -2.61 42.63 -2.29
C VAL B 304 -2.18 43.50 -3.45
N GLU B 305 -2.84 43.36 -4.61
CA GLU B 305 -2.45 44.14 -5.77
C GLU B 305 -2.88 45.60 -5.63
N GLY B 306 -3.99 45.87 -4.96
CA GLY B 306 -4.49 47.23 -4.84
C GLY B 306 -3.85 48.02 -3.72
N THR B 307 -3.66 47.40 -2.56
CA THR B 307 -3.13 48.09 -1.39
C THR B 307 -1.62 47.94 -1.28
N TRP B 308 -1.12 46.70 -1.27
CA TRP B 308 0.30 46.47 -1.13
C TRP B 308 1.10 46.82 -2.38
N LYS B 309 0.43 47.04 -3.51
CA LYS B 309 1.09 47.35 -4.78
C LYS B 309 2.05 46.25 -5.20
N HIS B 310 1.69 44.99 -4.93
CA HIS B 310 2.50 43.85 -5.32
C HIS B 310 2.01 43.29 -6.64
N GLU B 311 2.93 43.07 -7.57
CA GLU B 311 2.59 42.48 -8.88
C GLU B 311 2.54 40.97 -8.71
N VAL B 312 1.39 40.49 -8.25
CA VAL B 312 1.20 39.07 -7.96
C VAL B 312 1.33 38.27 -9.25
N PRO B 313 2.26 37.32 -9.32
CA PRO B 313 2.42 36.54 -10.55
C PRO B 313 1.21 35.66 -10.81
N LYS B 314 0.94 35.43 -12.10
CA LYS B 314 -0.15 34.55 -12.52
C LYS B 314 0.39 33.13 -12.53
N LEU B 315 0.36 32.50 -11.36
CA LEU B 315 0.90 31.17 -11.17
C LEU B 315 -0.20 30.19 -10.84
N ASN B 316 -0.13 29.00 -11.43
CA ASN B 316 -1.01 27.92 -11.04
C ASN B 316 -0.53 27.30 -9.72
N ILE B 317 -1.36 26.41 -9.17
CA ILE B 317 -0.95 25.74 -7.93
C ILE B 317 0.28 24.89 -8.21
N PRO B 318 1.30 24.91 -7.34
CA PRO B 318 2.49 24.11 -7.61
C PRO B 318 2.25 22.62 -7.44
N MET B 319 1.37 22.07 -8.28
CA MET B 319 1.01 20.66 -8.25
C MET B 319 1.47 19.99 -9.52
N GLY B 320 2.15 18.86 -9.38
CA GLY B 320 2.66 18.14 -10.54
C GLY B 320 4.07 18.50 -10.89
N LEU B 321 4.42 18.36 -12.17
CA LEU B 321 5.78 18.62 -12.65
C LEU B 321 5.92 19.99 -13.29
N ASP B 322 5.12 20.28 -14.32
CA ASP B 322 5.25 21.53 -15.05
C ASP B 322 4.93 22.73 -14.17
N TRP B 323 3.88 22.63 -13.35
CA TRP B 323 3.49 23.77 -12.53
C TRP B 323 4.46 24.00 -11.39
N THR B 324 5.02 22.92 -10.83
CA THR B 324 6.09 23.09 -9.85
C THR B 324 7.30 23.76 -10.48
N ASP B 325 7.64 23.39 -11.71
CA ASP B 325 8.73 24.05 -12.41
C ASP B 325 8.45 25.52 -12.60
N GLU B 326 7.23 25.86 -13.03
CA GLU B 326 6.89 27.26 -13.24
C GLU B 326 6.95 28.06 -11.94
N PHE B 327 6.46 27.46 -10.85
CA PHE B 327 6.54 28.13 -9.55
C PHE B 327 7.99 28.36 -9.14
N LEU B 328 8.86 27.36 -9.35
CA LEU B 328 10.25 27.51 -8.98
C LEU B 328 10.94 28.59 -9.80
N MET B 329 10.70 28.62 -11.12
CA MET B 329 11.30 29.67 -11.94
C MET B 329 10.78 31.05 -11.57
N LYS B 330 9.48 31.16 -11.27
CA LYS B 330 8.95 32.46 -10.87
C LYS B 330 9.56 32.93 -9.56
N VAL B 331 9.70 32.01 -8.59
CA VAL B 331 10.34 32.38 -7.33
C VAL B 331 11.79 32.78 -7.55
N SER B 332 12.50 32.05 -8.40
CA SER B 332 13.89 32.39 -8.70
C SER B 332 14.00 33.76 -9.36
N GLU B 333 13.09 34.07 -10.28
CA GLU B 333 13.11 35.37 -10.95
C GLU B 333 12.80 36.50 -9.97
N ILE B 334 11.81 36.29 -9.09
CA ILE B 334 11.44 37.35 -8.14
C ILE B 334 12.56 37.58 -7.15
N SER B 335 13.10 36.50 -6.56
CA SER B 335 14.10 36.64 -5.51
C SER B 335 15.51 36.84 -6.08
N GLY B 336 15.75 36.41 -7.31
CA GLY B 336 17.08 36.45 -7.87
C GLY B 336 17.98 35.30 -7.49
N GLN B 337 17.46 34.34 -6.73
CA GLN B 337 18.23 33.17 -6.29
C GLN B 337 18.11 32.05 -7.32
N PRO B 338 19.22 31.53 -7.84
CA PRO B 338 19.15 30.42 -8.78
C PRO B 338 18.63 29.16 -8.12
N ILE B 339 17.98 28.32 -8.91
CA ILE B 339 17.44 27.06 -8.43
C ILE B 339 18.61 26.12 -8.10
N PRO B 340 18.69 25.60 -6.89
CA PRO B 340 19.85 24.79 -6.50
C PRO B 340 19.84 23.43 -7.18
N ALA B 341 20.98 22.75 -7.07
CA ALA B 341 21.11 21.43 -7.69
C ALA B 341 20.27 20.38 -6.97
N SER B 342 19.97 20.59 -5.69
CA SER B 342 19.14 19.65 -4.96
C SER B 342 17.73 19.59 -5.54
N LEU B 343 17.16 20.75 -5.89
CA LEU B 343 15.83 20.77 -6.49
C LEU B 343 15.85 20.14 -7.88
N THR B 344 16.93 20.35 -8.65
CA THR B 344 17.05 19.70 -9.94
C THR B 344 17.12 18.18 -9.79
N LYS B 345 17.86 17.71 -8.78
CA LYS B 345 17.92 16.27 -8.52
C LYS B 345 16.56 15.74 -8.10
N GLU B 346 15.82 16.50 -7.29
CA GLU B 346 14.47 16.08 -6.91
C GLU B 346 13.55 15.98 -8.11
N ARG B 347 13.63 16.96 -9.02
CA ARG B 347 12.84 16.90 -10.25
C ARG B 347 13.23 15.71 -11.10
N GLY B 348 14.53 15.42 -11.19
CA GLY B 348 14.97 14.26 -11.94
C GLY B 348 14.48 12.96 -11.34
N ARG B 349 14.47 12.88 -10.00
CA ARG B 349 13.94 11.69 -9.34
C ARG B 349 12.45 11.53 -9.57
N LEU B 350 11.71 12.65 -9.56
CA LEU B 350 10.29 12.58 -9.88
C LEU B 350 10.07 12.10 -11.31
N VAL B 351 10.88 12.59 -12.25
CA VAL B 351 10.76 12.15 -13.64
C VAL B 351 11.11 10.67 -13.76
N ASP B 352 12.10 10.22 -12.99
CA ASP B 352 12.46 8.81 -12.98
C ASP B 352 11.31 7.94 -12.47
N MET B 353 10.65 8.36 -11.39
CA MET B 353 9.50 7.63 -10.91
C MET B 353 8.36 7.66 -11.92
N MET B 354 8.22 8.77 -12.65
CA MET B 354 7.21 8.85 -13.70
C MET B 354 7.49 7.83 -14.79
N THR B 355 8.76 7.70 -15.20
CA THR B 355 9.12 6.74 -16.24
C THR B 355 9.01 5.30 -15.75
N ASP B 356 9.29 5.06 -14.47
CA ASP B 356 9.26 3.69 -13.94
C ASP B 356 7.85 3.13 -13.89
N SER B 357 6.86 3.97 -13.59
CA SER B 357 5.48 3.53 -13.43
C SER B 357 4.57 3.94 -14.58
N HIS B 358 5.13 4.40 -15.70
CA HIS B 358 4.28 4.89 -16.79
C HIS B 358 3.50 3.76 -17.45
N THR B 359 4.02 2.54 -17.41
CA THR B 359 3.31 1.42 -18.04
C THR B 359 2.03 1.05 -17.28
N TRP B 360 1.96 1.37 -15.99
CA TRP B 360 0.78 1.06 -15.19
C TRP B 360 -0.18 2.22 -15.07
N LEU B 361 0.28 3.44 -15.26
CA LEU B 361 -0.55 4.63 -15.10
C LEU B 361 -1.16 5.11 -16.40
N HIS B 362 -0.53 4.82 -17.53
CA HIS B 362 -1.01 5.32 -18.82
C HIS B 362 -2.34 4.69 -19.17
N GLY B 363 -3.29 5.52 -19.62
CA GLY B 363 -4.59 5.06 -20.04
C GLY B 363 -5.59 4.81 -18.94
N LYS B 364 -5.21 5.01 -17.68
CA LYS B 364 -6.15 4.80 -16.59
C LYS B 364 -7.16 5.93 -16.53
N ARG B 365 -8.39 5.57 -16.18
CA ARG B 365 -9.51 6.51 -16.16
C ARG B 365 -9.87 6.85 -14.72
N PHE B 366 -9.88 8.14 -14.41
CA PHE B 366 -10.09 8.63 -13.06
C PHE B 366 -11.25 9.62 -13.01
N ALA B 367 -12.06 9.51 -11.96
CA ALA B 367 -13.08 10.48 -11.63
C ALA B 367 -12.69 11.17 -10.34
N LEU B 368 -12.33 12.45 -10.41
CA LEU B 368 -11.76 13.13 -9.26
C LEU B 368 -12.65 14.29 -8.84
N TRP B 369 -12.61 14.59 -7.53
CA TRP B 369 -13.35 15.75 -7.04
C TRP B 369 -12.60 16.37 -5.86
N GLY B 370 -12.96 17.60 -5.56
CA GLY B 370 -12.33 18.36 -4.49
C GLY B 370 -12.47 19.85 -4.75
N ASP B 371 -11.54 20.60 -4.15
CA ASP B 371 -11.51 22.05 -4.30
C ASP B 371 -10.96 22.44 -5.66
N PRO B 372 -11.28 23.65 -6.14
CA PRO B 372 -10.87 24.04 -7.51
C PRO B 372 -9.38 23.91 -7.79
N ASP B 373 -8.53 24.56 -7.00
CA ASP B 373 -7.09 24.51 -7.26
C ASP B 373 -6.55 23.10 -7.13
N PHE B 374 -6.97 22.38 -6.09
CA PHE B 374 -6.52 20.99 -5.92
C PHE B 374 -6.97 20.13 -7.09
N VAL B 375 -8.22 20.31 -7.54
CA VAL B 375 -8.74 19.50 -8.64
C VAL B 375 -7.97 19.79 -9.92
N MET B 376 -7.71 21.06 -10.22
CA MET B 376 -7.01 21.37 -11.46
C MET B 376 -5.56 20.92 -11.41
N GLY B 377 -4.91 21.02 -10.23
CA GLY B 377 -3.57 20.48 -10.12
C GLY B 377 -3.52 18.98 -10.30
N LEU B 378 -4.50 18.27 -9.72
CA LEU B 378 -4.57 16.83 -9.90
C LEU B 378 -4.83 16.47 -11.36
N VAL B 379 -5.68 17.24 -12.04
CA VAL B 379 -5.94 17.00 -13.46
C VAL B 379 -4.67 17.20 -14.28
N LYS B 380 -3.92 18.26 -13.99
CA LYS B 380 -2.68 18.51 -14.71
C LYS B 380 -1.67 17.38 -14.47
N PHE B 381 -1.55 16.92 -13.23
CA PHE B 381 -0.62 15.82 -12.95
C PHE B 381 -1.07 14.54 -13.64
N LEU B 382 -2.37 14.25 -13.65
CA LEU B 382 -2.88 13.07 -14.33
C LEU B 382 -2.61 13.13 -15.82
N LEU B 383 -2.78 14.31 -16.43
CA LEU B 383 -2.44 14.47 -17.84
C LEU B 383 -0.95 14.28 -18.09
N GLU B 384 -0.11 14.77 -17.17
CA GLU B 384 1.32 14.53 -17.27
C GLU B 384 1.67 13.05 -17.12
N LEU B 385 0.83 12.28 -16.43
CA LEU B 385 1.06 10.85 -16.24
C LEU B 385 0.46 10.00 -17.35
N GLY B 386 -0.22 10.61 -18.31
CA GLY B 386 -0.91 9.85 -19.33
C GLY B 386 -2.27 9.32 -18.93
N CYS B 387 -2.74 9.65 -17.72
CA CYS B 387 -4.04 9.22 -17.27
C CYS B 387 -5.15 10.07 -17.90
N GLU B 388 -6.36 9.54 -17.88
CA GLU B 388 -7.53 10.21 -18.45
C GLU B 388 -8.50 10.60 -17.34
N PRO B 389 -8.54 11.87 -16.94
CA PRO B 389 -9.53 12.29 -15.96
C PRO B 389 -10.91 12.45 -16.57
N VAL B 390 -11.63 11.33 -16.70
CA VAL B 390 -12.89 11.34 -17.46
C VAL B 390 -13.94 12.21 -16.78
N HIS B 391 -14.06 12.14 -15.46
CA HIS B 391 -15.07 12.88 -14.71
C HIS B 391 -14.38 13.83 -13.75
N ILE B 392 -14.40 15.12 -14.06
CA ILE B 392 -13.85 16.15 -13.19
C ILE B 392 -15.01 16.92 -12.58
N LEU B 393 -15.16 16.82 -11.26
CA LEU B 393 -16.27 17.42 -10.55
C LEU B 393 -15.74 18.38 -9.48
N CYS B 394 -16.33 19.57 -9.44
CA CYS B 394 -15.98 20.57 -8.42
C CYS B 394 -17.26 21.29 -8.03
N HIS B 395 -17.77 21.00 -6.83
CA HIS B 395 -19.04 21.57 -6.39
C HIS B 395 -18.93 23.09 -6.24
N ASN B 396 -17.78 23.58 -5.77
CA ASN B 396 -17.59 25.00 -5.52
C ASN B 396 -16.87 25.72 -6.65
N GLY B 397 -16.72 25.07 -7.80
CA GLY B 397 -16.12 25.74 -8.94
C GLY B 397 -17.06 26.70 -9.63
N ASN B 398 -16.50 27.57 -10.44
CA ASN B 398 -17.25 28.58 -11.18
C ASN B 398 -17.02 28.40 -12.68
N LYS B 399 -17.58 29.32 -13.46
CA LYS B 399 -17.47 29.23 -14.92
C LYS B 399 -16.07 29.52 -15.40
N ARG B 400 -15.39 30.50 -14.80
CA ARG B 400 -14.03 30.83 -15.20
C ARG B 400 -13.08 29.68 -14.88
N TRP B 401 -13.24 29.05 -13.72
CA TRP B 401 -12.42 27.90 -13.38
C TRP B 401 -12.68 26.74 -14.34
N LYS B 402 -13.94 26.53 -14.71
CA LYS B 402 -14.26 25.50 -15.68
C LYS B 402 -13.61 25.78 -17.03
N LYS B 403 -13.62 27.05 -17.46
CA LYS B 403 -12.97 27.41 -18.70
C LYS B 403 -11.47 27.15 -18.64
N ALA B 404 -10.84 27.49 -17.51
CA ALA B 404 -9.41 27.25 -17.36
C ALA B 404 -9.09 25.76 -17.41
N VAL B 405 -9.89 24.93 -16.73
CA VAL B 405 -9.65 23.50 -16.72
C VAL B 405 -9.89 22.91 -18.11
N ASP B 406 -10.90 23.42 -18.83
CA ASP B 406 -11.14 22.97 -20.19
C ASP B 406 -9.98 23.33 -21.11
N ALA B 407 -9.41 24.54 -20.92
CA ALA B 407 -8.24 24.92 -21.70
C ALA B 407 -7.05 24.01 -21.39
N ILE B 408 -6.89 23.65 -20.11
CA ILE B 408 -5.83 22.70 -19.74
C ILE B 408 -6.05 21.35 -20.42
N LEU B 409 -7.30 20.86 -20.40
CA LEU B 409 -7.60 19.56 -20.96
C LEU B 409 -7.40 19.54 -22.48
N ALA B 410 -7.82 20.61 -23.16
CA ALA B 410 -7.71 20.65 -24.61
C ALA B 410 -6.26 20.74 -25.09
N ALA B 411 -5.33 21.10 -24.21
CA ALA B 411 -3.92 21.18 -24.56
C ALA B 411 -3.21 19.84 -24.46
N SER B 412 -3.90 18.78 -24.05
CA SER B 412 -3.29 17.48 -23.89
C SER B 412 -4.10 16.43 -24.63
N PRO B 413 -3.44 15.42 -25.21
CA PRO B 413 -4.18 14.36 -25.91
C PRO B 413 -5.02 13.50 -24.98
N TYR B 414 -4.76 13.53 -23.67
CA TYR B 414 -5.46 12.66 -22.72
C TYR B 414 -6.67 13.34 -22.09
N GLY B 415 -7.01 14.55 -22.50
CA GLY B 415 -8.20 15.21 -22.00
C GLY B 415 -9.35 15.14 -22.98
N LYS B 416 -9.25 14.23 -23.96
CA LYS B 416 -10.26 14.13 -24.99
C LYS B 416 -11.59 13.65 -24.43
N ASN B 417 -11.57 12.68 -23.52
CA ASN B 417 -12.78 12.12 -22.92
C ASN B 417 -13.06 12.69 -21.53
N ALA B 418 -12.68 13.94 -21.30
CA ALA B 418 -12.82 14.57 -19.99
C ALA B 418 -13.92 15.62 -20.02
N THR B 419 -14.76 15.58 -18.99
CA THR B 419 -15.84 16.55 -18.82
C THR B 419 -15.73 17.18 -17.44
N VAL B 420 -15.91 18.49 -17.37
CA VAL B 420 -15.81 19.24 -16.12
C VAL B 420 -17.21 19.62 -15.66
N TYR B 421 -17.53 19.28 -14.42
CA TYR B 421 -18.84 19.59 -13.84
C TYR B 421 -18.65 20.53 -12.66
N ILE B 422 -19.39 21.64 -12.67
CA ILE B 422 -19.36 22.61 -11.59
C ILE B 422 -20.77 22.75 -11.03
N GLY B 423 -20.89 22.82 -9.72
CA GLY B 423 -22.18 22.88 -9.08
C GLY B 423 -22.87 21.54 -8.91
N LYS B 424 -22.19 20.44 -9.24
CA LYS B 424 -22.75 19.11 -9.11
C LYS B 424 -22.19 18.42 -7.87
N ASP B 425 -23.03 17.63 -7.22
CA ASP B 425 -22.69 16.97 -5.98
C ASP B 425 -22.26 15.53 -6.23
N LEU B 426 -22.08 14.78 -5.15
CA LEU B 426 -21.56 13.40 -5.26
C LEU B 426 -22.60 12.42 -5.75
N TRP B 427 -23.89 12.76 -5.71
CA TRP B 427 -24.89 11.91 -6.33
C TRP B 427 -24.79 11.97 -7.85
N HIS B 428 -24.50 13.16 -8.40
CA HIS B 428 -24.19 13.27 -9.81
C HIS B 428 -22.97 12.44 -10.17
N LEU B 429 -21.94 12.46 -9.33
CA LEU B 429 -20.75 11.66 -9.59
C LEU B 429 -21.06 10.17 -9.49
N ARG B 430 -21.96 9.77 -8.59
CA ARG B 430 -22.40 8.38 -8.53
C ARG B 430 -23.04 7.97 -9.83
N SER B 431 -23.95 8.80 -10.36
CA SER B 431 -24.57 8.50 -11.65
C SER B 431 -23.52 8.43 -12.76
N LEU B 432 -22.55 9.34 -12.74
CA LEU B 432 -21.53 9.36 -13.77
C LEU B 432 -20.66 8.10 -13.74
N VAL B 433 -20.18 7.71 -12.56
CA VAL B 433 -19.35 6.51 -12.44
C VAL B 433 -20.15 5.25 -12.65
N PHE B 434 -21.48 5.30 -12.55
CA PHE B 434 -22.28 4.14 -12.92
C PHE B 434 -22.51 4.04 -14.42
N THR B 435 -22.78 5.16 -15.09
CA THR B 435 -23.05 5.13 -16.53
C THR B 435 -21.78 5.17 -17.37
N ASP B 436 -20.76 5.91 -16.94
CA ASP B 436 -19.47 5.97 -17.62
C ASP B 436 -18.41 5.59 -16.60
N LYS B 437 -18.15 4.29 -16.49
CA LYS B 437 -17.33 3.77 -15.40
C LYS B 437 -15.87 4.15 -15.56
N PRO B 438 -15.27 4.84 -14.61
CA PRO B 438 -13.82 5.04 -14.61
C PRO B 438 -13.12 3.89 -13.89
N ASP B 439 -11.80 3.86 -14.03
CA ASP B 439 -11.03 2.84 -13.34
C ASP B 439 -10.92 3.13 -11.85
N PHE B 440 -10.75 4.39 -11.49
CA PHE B 440 -10.66 4.78 -10.08
C PHE B 440 -11.32 6.13 -9.90
N MET B 441 -11.66 6.46 -8.66
CA MET B 441 -12.08 7.82 -8.33
C MET B 441 -11.24 8.36 -7.19
N ILE B 442 -10.81 9.60 -7.34
CA ILE B 442 -9.96 10.28 -6.37
C ILE B 442 -10.78 11.33 -5.63
N GLY B 443 -10.77 11.27 -4.31
CA GLY B 443 -11.53 12.22 -3.53
C GLY B 443 -11.41 11.95 -2.05
N ASN B 444 -12.25 12.64 -1.28
CA ASN B 444 -12.24 12.51 0.16
C ASN B 444 -12.96 11.23 0.59
N SER B 445 -13.16 11.09 1.90
CA SER B 445 -13.78 9.88 2.44
C SER B 445 -15.23 9.72 2.01
N TYR B 446 -15.91 10.81 1.63
CA TYR B 446 -17.31 10.72 1.25
C TYR B 446 -17.52 9.89 0.00
N GLY B 447 -16.46 9.62 -0.76
CA GLY B 447 -16.58 8.73 -1.90
C GLY B 447 -16.64 7.26 -1.54
N LYS B 448 -16.31 6.90 -0.29
CA LYS B 448 -16.38 5.51 0.12
C LYS B 448 -17.79 4.96 0.02
N PHE B 449 -18.81 5.81 0.06
CA PHE B 449 -20.18 5.37 -0.12
C PHE B 449 -20.55 5.16 -1.57
N ILE B 450 -19.86 5.84 -2.49
CA ILE B 450 -20.08 5.58 -3.91
C ILE B 450 -19.51 4.22 -4.29
N GLN B 451 -18.29 3.93 -3.85
CA GLN B 451 -17.65 2.65 -4.16
C GLN B 451 -18.52 1.49 -3.73
N ARG B 452 -19.00 1.53 -2.49
CA ARG B 452 -19.93 0.51 -2.00
C ARG B 452 -21.09 0.36 -2.97
N ASP B 453 -21.68 1.48 -3.39
CA ASP B 453 -22.79 1.43 -4.34
C ASP B 453 -22.37 0.67 -5.59
N THR B 454 -21.20 0.99 -6.14
CA THR B 454 -20.73 0.28 -7.32
C THR B 454 -20.54 -1.20 -7.03
N LEU B 455 -20.01 -1.52 -5.85
CA LEU B 455 -19.82 -2.93 -5.50
C LEU B 455 -21.15 -3.64 -5.40
N HIS B 456 -22.24 -2.92 -5.11
CA HIS B 456 -23.54 -3.56 -5.07
C HIS B 456 -24.01 -3.99 -6.45
N LYS B 457 -23.54 -3.29 -7.50
CA LYS B 457 -23.89 -3.72 -8.85
C LYS B 457 -23.10 -4.95 -9.27
N GLY B 458 -21.90 -5.11 -8.75
CA GLY B 458 -21.05 -6.24 -9.09
C GLY B 458 -19.59 -5.88 -8.93
N LYS B 459 -18.77 -6.91 -8.70
CA LYS B 459 -17.33 -6.69 -8.56
C LYS B 459 -16.72 -6.13 -9.84
N GLU B 460 -17.30 -6.47 -11.00
CA GLU B 460 -16.80 -5.95 -12.26
C GLU B 460 -17.14 -4.48 -12.45
N PHE B 461 -18.10 -3.95 -11.69
CA PHE B 461 -18.50 -2.56 -11.79
C PHE B 461 -17.96 -1.69 -10.66
N GLU B 462 -17.22 -2.26 -9.72
CA GLU B 462 -16.73 -1.49 -8.59
C GLU B 462 -15.65 -0.50 -9.01
N VAL B 463 -15.79 0.74 -8.55
CA VAL B 463 -14.82 1.80 -8.80
C VAL B 463 -14.09 2.08 -7.49
N PRO B 464 -12.83 1.65 -7.34
CA PRO B 464 -12.12 1.90 -6.08
C PRO B 464 -11.85 3.38 -5.86
N LEU B 465 -11.76 3.75 -4.59
CA LEU B 465 -11.55 5.13 -4.16
C LEU B 465 -10.12 5.33 -3.68
N ILE B 466 -9.51 6.41 -4.13
CA ILE B 466 -8.21 6.86 -3.65
C ILE B 466 -8.43 8.13 -2.85
N ARG B 467 -8.04 8.10 -1.58
CA ARG B 467 -8.35 9.18 -0.64
C ARG B 467 -7.26 10.25 -0.72
N ILE B 468 -7.50 11.24 -1.58
CA ILE B 468 -6.65 12.42 -1.69
C ILE B 468 -7.56 13.63 -1.69
N GLY B 469 -7.57 14.37 -0.60
CA GLY B 469 -8.40 15.55 -0.49
C GLY B 469 -8.79 15.79 0.95
N PHE B 470 -9.87 16.56 1.12
CA PHE B 470 -10.40 16.92 2.41
C PHE B 470 -11.91 16.74 2.40
N PRO B 471 -12.47 16.09 3.44
CA PRO B 471 -11.80 15.50 4.60
C PRO B 471 -11.61 14.00 4.48
N ILE B 472 -10.53 13.46 5.05
CA ILE B 472 -10.30 12.02 5.10
C ILE B 472 -10.57 11.58 6.53
N PHE B 473 -11.62 10.78 6.73
CA PHE B 473 -12.05 10.37 8.05
C PHE B 473 -11.80 8.90 8.35
N ASP B 474 -11.81 8.04 7.35
CA ASP B 474 -11.70 6.60 7.54
C ASP B 474 -10.27 6.08 7.47
N ARG B 475 -9.30 6.97 7.33
CA ARG B 475 -7.89 6.60 7.36
C ARG B 475 -7.16 7.48 8.35
N HIS B 476 -6.05 6.95 8.87
CA HIS B 476 -5.30 7.61 9.94
C HIS B 476 -4.03 8.24 9.39
N HIS B 477 -3.79 9.48 9.81
CA HIS B 477 -2.53 10.20 9.58
C HIS B 477 -2.25 10.46 8.11
N LEU B 478 -3.28 10.47 7.25
CA LEU B 478 -3.09 10.86 5.87
C LEU B 478 -2.98 12.37 5.70
N HIS B 479 -3.35 13.14 6.72
CA HIS B 479 -3.22 14.60 6.67
C HIS B 479 -1.76 15.05 6.72
N ARG B 480 -0.83 14.15 7.02
CA ARG B 480 0.59 14.47 7.02
C ARG B 480 1.21 14.31 5.64
N SER B 481 0.44 13.91 4.64
CA SER B 481 0.96 13.71 3.29
C SER B 481 1.22 15.05 2.62
N THR B 482 1.81 14.98 1.43
CA THR B 482 2.14 16.16 0.64
C THR B 482 1.52 16.03 -0.74
N THR B 483 0.97 17.13 -1.24
CA THR B 483 0.46 17.19 -2.60
C THR B 483 1.10 18.29 -3.43
N LEU B 484 1.88 19.18 -2.83
CA LEU B 484 2.53 20.28 -3.53
C LEU B 484 3.98 19.93 -3.81
N GLY B 485 4.50 20.47 -4.91
CA GLY B 485 5.91 20.31 -5.22
C GLY B 485 6.24 18.92 -5.75
N TYR B 486 7.54 18.72 -5.95
CA TYR B 486 8.01 17.43 -6.45
C TYR B 486 7.74 16.31 -5.46
N GLU B 487 7.92 16.58 -4.16
CA GLU B 487 7.68 15.56 -3.15
C GLU B 487 6.22 15.13 -3.14
N GLY B 488 5.30 16.10 -3.21
CA GLY B 488 3.90 15.77 -3.31
C GLY B 488 3.57 15.02 -4.59
N ALA B 489 4.24 15.39 -5.69
CA ALA B 489 4.03 14.66 -6.94
C ALA B 489 4.46 13.20 -6.83
N MET B 490 5.61 12.94 -6.20
CA MET B 490 6.04 11.56 -6.00
C MET B 490 5.08 10.81 -5.09
N GLN B 491 4.60 11.46 -4.03
CA GLN B 491 3.66 10.79 -3.13
C GLN B 491 2.37 10.42 -3.86
N ILE B 492 1.85 11.36 -4.66
CA ILE B 492 0.62 11.10 -5.42
C ILE B 492 0.84 9.99 -6.44
N LEU B 493 1.97 10.03 -7.15
CA LEU B 493 2.27 9.01 -8.14
C LEU B 493 2.37 7.63 -7.48
N THR B 494 3.07 7.55 -6.34
CA THR B 494 3.18 6.29 -5.64
C THR B 494 1.83 5.78 -5.19
N THR B 495 0.99 6.67 -4.65
CA THR B 495 -0.35 6.26 -4.23
C THR B 495 -1.15 5.72 -5.40
N LEU B 496 -1.12 6.41 -6.54
CA LEU B 496 -1.90 5.98 -7.69
C LEU B 496 -1.42 4.64 -8.23
N VAL B 497 -0.11 4.51 -8.45
CA VAL B 497 0.40 3.27 -9.06
C VAL B 497 0.22 2.11 -8.09
N ASN B 498 0.43 2.33 -6.79
CA ASN B 498 0.25 1.24 -5.84
C ASN B 498 -1.22 0.86 -5.72
N SER B 499 -2.14 1.82 -5.79
CA SER B 499 -3.56 1.48 -5.77
C SER B 499 -3.94 0.64 -6.98
N ILE B 500 -3.42 1.01 -8.16
CA ILE B 500 -3.65 0.21 -9.35
C ILE B 500 -3.11 -1.20 -9.15
N LEU B 501 -1.93 -1.32 -8.53
CA LEU B 501 -1.32 -2.63 -8.34
C LEU B 501 -2.09 -3.49 -7.34
N GLU B 502 -2.58 -2.89 -6.24
CA GLU B 502 -3.42 -3.66 -5.32
C GLU B 502 -4.71 -4.10 -5.99
N ARG B 503 -5.32 -3.23 -6.81
CA ARG B 503 -6.53 -3.65 -7.51
C ARG B 503 -6.24 -4.82 -8.45
N LEU B 504 -5.12 -4.76 -9.18
CA LEU B 504 -4.77 -5.86 -10.07
C LEU B 504 -4.49 -7.14 -9.30
N ASP B 505 -3.79 -7.04 -8.16
CA ASP B 505 -3.50 -8.21 -7.35
C ASP B 505 -4.78 -8.83 -6.80
N GLU B 506 -5.71 -7.99 -6.34
CA GLU B 506 -6.98 -8.49 -5.84
C GLU B 506 -7.79 -9.16 -6.93
N GLU B 507 -7.78 -8.59 -8.15
CA GLU B 507 -8.53 -9.17 -9.24
C GLU B 507 -7.92 -10.47 -9.76
N THR B 508 -6.67 -10.76 -9.43
CA THR B 508 -5.97 -11.93 -9.94
C THR B 508 -5.53 -12.86 -8.82
N ARG B 509 -6.25 -12.86 -7.69
CA ARG B 509 -5.91 -13.72 -6.57
C ARG B 509 -6.72 -15.01 -6.53
N GLY B 510 -7.57 -15.25 -7.53
CA GLY B 510 -8.39 -16.45 -7.55
C GLY B 510 -7.56 -17.65 -7.98
N MET B 511 -7.48 -18.66 -7.13
CA MET B 511 -6.69 -19.85 -7.44
C MET B 511 -7.31 -20.62 -8.59
N GLN B 512 -6.49 -20.96 -9.59
CA GLN B 512 -6.88 -21.70 -10.78
C GLN B 512 -7.95 -20.99 -11.60
N ALA B 513 -8.27 -19.74 -11.27
CA ALA B 513 -9.24 -18.96 -12.03
C ALA B 513 -8.61 -17.75 -12.68
N THR B 514 -7.93 -16.89 -11.91
CA THR B 514 -7.29 -15.70 -12.44
C THR B 514 -5.87 -15.53 -11.92
N ASP B 515 -5.33 -16.51 -11.20
CA ASP B 515 -4.01 -16.39 -10.61
C ASP B 515 -2.87 -16.56 -11.61
N TYR B 516 -3.19 -16.85 -12.87
CA TYR B 516 -2.15 -16.92 -13.89
C TYR B 516 -1.46 -15.56 -14.08
N ASN B 517 -2.17 -14.47 -13.78
CA ASN B 517 -1.62 -13.13 -13.86
C ASN B 517 -1.17 -12.60 -12.50
N HIS B 518 -1.18 -13.45 -11.47
CA HIS B 518 -0.72 -13.06 -10.14
C HIS B 518 0.80 -13.04 -10.12
N ASP B 519 1.36 -12.09 -10.88
CA ASP B 519 2.80 -12.03 -11.08
C ASP B 519 3.50 -11.54 -9.82
N LEU B 520 4.61 -12.19 -9.49
CA LEU B 520 5.44 -11.72 -8.38
C LEU B 520 6.05 -10.35 -8.68
N VAL B 521 6.53 -10.15 -9.91
CA VAL B 521 7.16 -8.91 -10.32
C VAL B 521 6.15 -8.11 -11.13
N ARG B 522 5.88 -6.88 -10.71
CA ARG B 522 4.94 -6.02 -11.41
C ARG B 522 5.57 -4.64 -11.67
N ASN C 46 28.48 -17.45 -30.15
CA ASN C 46 28.57 -18.61 -29.28
C ASN C 46 30.00 -18.82 -28.78
N LYS C 47 30.60 -17.76 -28.26
CA LYS C 47 31.95 -17.81 -27.73
C LYS C 47 31.95 -17.26 -26.31
N LYS C 48 33.11 -17.31 -25.66
CA LYS C 48 33.23 -16.84 -24.30
C LYS C 48 33.04 -15.33 -24.22
N SER C 49 32.46 -14.88 -23.11
CA SER C 49 32.30 -13.46 -22.85
C SER C 49 33.56 -12.92 -22.19
N GLN C 50 33.91 -11.69 -22.55
CA GLN C 50 35.12 -11.08 -22.01
C GLN C 50 34.98 -10.86 -20.51
N PRO C 51 35.96 -11.27 -19.70
CA PRO C 51 35.86 -11.06 -18.26
C PRO C 51 35.85 -9.58 -17.90
N GLY C 52 35.16 -9.25 -16.82
CA GLY C 52 35.16 -7.90 -16.29
C GLY C 52 34.21 -6.93 -16.96
N LEU C 53 33.27 -7.42 -17.75
CA LEU C 53 32.32 -6.56 -18.44
C LEU C 53 30.91 -6.80 -17.91
N MET C 54 30.06 -5.78 -18.05
CA MET C 54 28.68 -5.84 -17.56
C MET C 54 27.79 -6.57 -18.57
N THR C 55 28.12 -7.83 -18.83
CA THR C 55 27.28 -8.68 -19.63
C THR C 55 26.10 -9.18 -18.80
N ILE C 56 25.00 -9.48 -19.50
CA ILE C 56 23.77 -9.93 -18.85
C ILE C 56 23.53 -11.40 -19.09
N ARG C 57 24.50 -12.09 -19.68
CA ARG C 57 24.34 -13.50 -20.04
C ARG C 57 24.04 -14.34 -18.80
N GLY C 58 23.05 -15.22 -18.93
CA GLY C 58 22.72 -16.14 -17.87
C GLY C 58 23.65 -17.33 -17.86
N CYS C 59 23.29 -18.30 -17.02
CA CYS C 59 24.05 -19.53 -16.86
C CYS C 59 23.29 -20.69 -17.48
N ALA C 60 23.91 -21.87 -17.45
CA ALA C 60 23.23 -23.07 -17.91
C ALA C 60 22.03 -23.40 -17.03
N TYR C 61 22.14 -23.12 -15.72
CA TYR C 61 21.01 -23.33 -14.82
C TYR C 61 19.85 -22.43 -15.18
N ALA C 62 20.13 -21.16 -15.53
CA ALA C 62 19.07 -20.25 -15.93
C ALA C 62 18.40 -20.71 -17.22
N GLY C 63 19.19 -21.21 -18.17
CA GLY C 63 18.63 -21.69 -19.42
C GLY C 63 17.91 -23.02 -19.33
N SER C 64 18.21 -23.82 -18.31
CA SER C 64 17.57 -25.11 -18.12
C SER C 64 16.41 -25.05 -17.14
N LYS C 65 16.69 -24.62 -15.91
CA LYS C 65 15.64 -24.52 -14.90
C LYS C 65 14.68 -23.38 -15.22
N GLY C 66 15.21 -22.20 -15.53
CA GLY C 66 14.37 -21.04 -15.69
C GLY C 66 13.57 -21.02 -16.98
N VAL C 67 14.06 -21.71 -18.01
CA VAL C 67 13.50 -21.62 -19.35
C VAL C 67 12.77 -22.91 -19.74
N VAL C 68 13.47 -24.04 -19.74
CA VAL C 68 12.92 -25.26 -20.32
C VAL C 68 12.14 -26.07 -19.30
N TRP C 69 12.67 -26.24 -18.09
CA TRP C 69 12.04 -27.14 -17.14
C TRP C 69 11.05 -26.43 -16.21
N GLY C 70 11.33 -25.18 -15.85
CA GLY C 70 10.51 -24.46 -14.91
C GLY C 70 9.05 -24.32 -15.28
N PRO C 71 8.74 -23.97 -16.52
CA PRO C 71 7.33 -23.83 -16.93
C PRO C 71 6.52 -25.12 -16.82
N ILE C 72 7.15 -26.28 -16.77
CA ILE C 72 6.41 -27.53 -16.57
C ILE C 72 5.73 -27.46 -15.20
N LYS C 73 4.40 -27.48 -15.21
CA LYS C 73 3.65 -27.15 -14.00
C LYS C 73 3.48 -28.34 -13.07
N ASP C 74 3.14 -29.51 -13.60
CA ASP C 74 2.83 -30.66 -12.76
C ASP C 74 4.07 -31.31 -12.16
N MET C 75 5.26 -30.87 -12.54
CA MET C 75 6.50 -31.42 -12.02
C MET C 75 7.12 -30.47 -11.01
N ILE C 76 7.88 -31.04 -10.08
CA ILE C 76 8.59 -30.28 -9.05
C ILE C 76 10.06 -30.22 -9.42
N HIS C 77 10.62 -29.01 -9.45
CA HIS C 77 12.00 -28.80 -9.88
C HIS C 77 12.83 -28.37 -8.67
N ILE C 78 13.84 -29.18 -8.35
CA ILE C 78 14.70 -28.95 -7.20
C ILE C 78 15.95 -28.25 -7.68
N SER C 79 16.19 -27.04 -7.18
CA SER C 79 17.44 -26.32 -7.44
C SER C 79 18.49 -26.89 -6.52
N HIS C 80 19.15 -27.96 -6.96
CA HIS C 80 20.11 -28.67 -6.12
C HIS C 80 21.36 -27.83 -5.95
N GLY C 81 21.64 -27.40 -4.72
CA GLY C 81 22.78 -26.57 -4.44
C GLY C 81 22.46 -25.51 -3.41
N PRO C 82 23.26 -24.45 -3.37
CA PRO C 82 22.99 -23.35 -2.43
C PRO C 82 21.68 -22.64 -2.72
N VAL C 83 21.32 -21.68 -1.85
CA VAL C 83 19.97 -21.13 -1.86
C VAL C 83 19.80 -19.98 -2.84
N GLY C 84 20.88 -19.35 -3.29
CA GLY C 84 20.74 -18.12 -4.07
C GLY C 84 20.11 -18.36 -5.44
N CYS C 85 20.55 -19.40 -6.14
CA CYS C 85 20.16 -19.58 -7.54
C CYS C 85 18.66 -19.73 -7.68
N GLY C 86 18.06 -20.60 -6.86
CA GLY C 86 16.61 -20.77 -6.91
C GLY C 86 15.85 -19.54 -6.49
N GLN C 87 16.37 -18.81 -5.49
CA GLN C 87 15.68 -17.63 -5.00
C GLN C 87 15.65 -16.52 -6.04
N TYR C 88 16.76 -16.29 -6.74
CA TYR C 88 16.76 -15.25 -7.77
C TYR C 88 15.95 -15.65 -8.99
N SER C 89 15.78 -16.95 -9.22
CA SER C 89 15.02 -17.44 -10.35
C SER C 89 13.57 -17.75 -9.99
N ARG C 90 13.15 -17.49 -8.76
CA ARG C 90 11.79 -17.83 -8.34
C ARG C 90 10.80 -16.85 -8.94
N ALA C 91 9.88 -17.37 -9.76
CA ALA C 91 8.80 -16.58 -10.37
C ALA C 91 9.34 -15.38 -11.14
N GLY C 92 10.52 -15.54 -11.72
CA GLY C 92 11.12 -14.46 -12.50
C GLY C 92 10.51 -14.32 -13.88
N ARG C 93 10.46 -15.42 -14.62
CA ARG C 93 9.89 -15.43 -15.96
C ARG C 93 8.38 -15.62 -15.87
N ARG C 94 7.65 -14.91 -16.73
CA ARG C 94 6.19 -14.92 -16.71
C ARG C 94 5.64 -16.01 -17.62
N ASN C 95 6.08 -17.24 -17.36
CA ASN C 95 5.55 -18.41 -18.07
C ASN C 95 4.23 -18.79 -17.43
N TYR C 96 3.14 -18.34 -18.05
CA TYR C 96 1.82 -18.49 -17.48
C TYR C 96 1.37 -19.95 -17.53
N TYR C 97 0.52 -20.32 -16.57
CA TYR C 97 0.04 -21.69 -16.44
C TYR C 97 -1.29 -21.69 -15.71
N ILE C 98 -2.00 -22.80 -15.80
CA ILE C 98 -3.27 -23.00 -15.11
C ILE C 98 -3.10 -24.16 -14.15
N GLY C 99 -3.36 -23.93 -12.87
CA GLY C 99 -3.26 -24.98 -11.88
C GLY C 99 -3.33 -24.40 -10.49
N THR C 100 -3.47 -25.31 -9.53
CA THR C 100 -3.51 -24.94 -8.11
C THR C 100 -2.09 -25.00 -7.58
N THR C 101 -1.47 -23.84 -7.41
CA THR C 101 -0.08 -23.78 -6.96
C THR C 101 0.06 -24.36 -5.57
N GLY C 102 1.06 -25.22 -5.39
CA GLY C 102 1.27 -25.89 -4.13
C GLY C 102 0.57 -27.23 -4.00
N VAL C 103 -0.30 -27.58 -4.94
CA VAL C 103 -1.04 -28.83 -4.88
C VAL C 103 -0.71 -29.67 -6.10
N ASN C 104 -1.05 -29.16 -7.28
CA ASN C 104 -0.79 -29.86 -8.54
C ASN C 104 0.09 -29.08 -9.50
N ALA C 105 0.34 -27.80 -9.24
CA ALA C 105 1.24 -26.98 -10.04
C ALA C 105 2.25 -26.33 -9.12
N PHE C 106 3.50 -26.24 -9.59
CA PHE C 106 4.60 -25.78 -8.73
C PHE C 106 5.55 -24.87 -9.50
N VAL C 107 5.01 -24.10 -10.45
CA VAL C 107 5.86 -23.27 -11.31
C VAL C 107 6.51 -22.15 -10.51
N THR C 108 5.71 -21.43 -9.72
CA THR C 108 6.18 -20.24 -9.02
C THR C 108 6.76 -20.56 -7.65
N MET C 109 7.01 -21.82 -7.35
CA MET C 109 7.56 -22.25 -6.07
C MET C 109 9.05 -22.52 -6.21
N ASN C 110 9.76 -22.39 -5.09
CA ASN C 110 11.21 -22.57 -5.06
C ASN C 110 11.52 -23.78 -4.18
N PHE C 111 11.79 -24.92 -4.82
CA PHE C 111 12.29 -26.10 -4.14
C PHE C 111 13.80 -26.15 -4.28
N THR C 112 14.51 -26.17 -3.16
CA THR C 112 15.95 -26.14 -3.19
C THR C 112 16.51 -27.03 -2.09
N SER C 113 17.75 -27.49 -2.30
CA SER C 113 18.43 -28.28 -1.29
C SER C 113 19.01 -27.41 -0.17
N ASP C 114 19.30 -26.14 -0.47
CA ASP C 114 19.88 -25.19 0.48
C ASP C 114 21.16 -25.75 1.07
N PHE C 115 22.15 -25.92 0.19
CA PHE C 115 23.43 -26.50 0.58
C PHE C 115 24.12 -25.65 1.63
N GLN C 116 24.65 -26.31 2.66
CA GLN C 116 25.46 -25.70 3.69
C GLN C 116 26.90 -26.19 3.55
N GLU C 117 27.74 -25.81 4.51
CA GLU C 117 29.15 -26.20 4.45
C GLU C 117 29.31 -27.71 4.52
N LYS C 118 28.51 -28.38 5.36
CA LYS C 118 28.61 -29.83 5.47
C LYS C 118 28.16 -30.53 4.19
N ASP C 119 27.17 -29.95 3.48
CA ASP C 119 26.75 -30.52 2.21
C ASP C 119 27.78 -30.32 1.11
N ILE C 120 28.67 -29.34 1.25
CA ILE C 120 29.76 -29.16 0.31
C ILE C 120 30.93 -30.08 0.64
N VAL C 121 31.25 -30.21 1.93
CA VAL C 121 32.39 -31.03 2.33
C VAL C 121 32.11 -32.51 2.10
N PHE C 122 30.92 -32.98 2.49
CA PHE C 122 30.60 -34.39 2.44
C PHE C 122 29.67 -34.77 1.29
N GLY C 123 29.27 -33.82 0.45
CA GLY C 123 28.38 -34.12 -0.65
C GLY C 123 26.92 -34.02 -0.25
N GLY C 124 26.07 -33.95 -1.27
CA GLY C 124 24.64 -33.80 -1.04
C GLY C 124 23.78 -34.86 -1.70
N ASP C 125 24.26 -36.10 -1.70
CA ASP C 125 23.48 -37.19 -2.29
C ASP C 125 22.49 -37.80 -1.30
N LYS C 126 22.92 -38.04 -0.06
CA LYS C 126 21.98 -38.44 0.98
C LYS C 126 20.95 -37.36 1.23
N LYS C 127 21.40 -36.10 1.23
CA LYS C 127 20.46 -34.98 1.34
C LYS C 127 19.49 -34.97 0.17
N LEU C 128 19.98 -35.28 -1.04
CA LEU C 128 19.08 -35.33 -2.19
C LEU C 128 18.03 -36.43 -2.04
N ALA C 129 18.44 -37.61 -1.57
CA ALA C 129 17.47 -38.69 -1.38
C ALA C 129 16.44 -38.33 -0.31
N LYS C 130 16.89 -37.76 0.80
CA LYS C 130 15.96 -37.34 1.85
C LYS C 130 15.03 -36.25 1.34
N LEU C 131 15.54 -35.32 0.55
CA LEU C 131 14.72 -34.27 -0.01
C LEU C 131 13.68 -34.83 -0.96
N ILE C 132 14.04 -35.83 -1.77
CA ILE C 132 13.08 -36.45 -2.66
C ILE C 132 11.98 -37.14 -1.85
N ASP C 133 12.36 -37.83 -0.78
CA ASP C 133 11.36 -38.46 0.08
C ASP C 133 10.42 -37.43 0.70
N GLU C 134 10.98 -36.31 1.16
CA GLU C 134 10.14 -35.28 1.77
C GLU C 134 9.25 -34.60 0.74
N VAL C 135 9.74 -34.44 -0.49
CA VAL C 135 8.91 -33.89 -1.57
C VAL C 135 7.74 -34.81 -1.85
N GLU C 136 8.00 -36.12 -1.92
CA GLU C 136 6.92 -37.07 -2.13
C GLU C 136 5.92 -37.04 -0.98
N THR C 137 6.41 -36.90 0.25
CA THR C 137 5.52 -36.87 1.40
C THR C 137 4.64 -35.63 1.40
N LEU C 138 5.23 -34.46 1.15
CA LEU C 138 4.53 -33.20 1.31
C LEU C 138 3.74 -32.78 0.08
N PHE C 139 4.13 -33.24 -1.11
CA PHE C 139 3.47 -32.86 -2.36
C PHE C 139 3.13 -34.13 -3.14
N PRO C 140 2.10 -34.85 -2.69
CA PRO C 140 1.80 -36.15 -3.30
C PRO C 140 1.26 -36.07 -4.72
N LEU C 141 0.75 -34.92 -5.15
CA LEU C 141 0.12 -34.80 -6.46
C LEU C 141 1.10 -34.41 -7.56
N ASN C 142 2.39 -34.29 -7.25
CA ASN C 142 3.37 -34.01 -8.29
C ASN C 142 3.48 -35.20 -9.23
N LYS C 143 3.62 -34.92 -10.52
CA LYS C 143 3.72 -35.94 -11.54
C LYS C 143 5.15 -36.20 -11.98
N GLY C 144 6.13 -35.61 -11.29
CA GLY C 144 7.52 -35.83 -11.62
C GLY C 144 8.44 -34.88 -10.88
N ILE C 145 9.72 -35.22 -10.81
CA ILE C 145 10.72 -34.41 -10.14
C ILE C 145 11.90 -34.23 -11.09
N SER C 146 12.40 -33.00 -11.19
CA SER C 146 13.58 -32.70 -11.99
C SER C 146 14.61 -32.00 -11.11
N VAL C 147 15.80 -32.58 -11.03
CA VAL C 147 16.86 -32.07 -10.16
C VAL C 147 17.80 -31.24 -11.04
N GLN C 148 17.69 -29.93 -10.96
CA GLN C 148 18.54 -29.01 -11.73
C GLN C 148 19.79 -28.69 -10.91
N SER C 149 20.95 -29.03 -11.44
CA SER C 149 22.19 -28.85 -10.71
C SER C 149 22.66 -27.39 -10.76
N GLU C 150 23.19 -26.91 -9.65
CA GLU C 150 23.85 -25.62 -9.58
C GLU C 150 25.36 -25.83 -9.59
N CYS C 151 26.10 -24.73 -9.51
CA CYS C 151 27.55 -24.79 -9.71
C CYS C 151 28.26 -25.77 -8.79
N PRO C 152 28.04 -25.79 -7.46
CA PRO C 152 28.80 -26.71 -6.61
C PRO C 152 28.55 -28.18 -6.91
N ILE C 153 27.44 -28.54 -7.52
CA ILE C 153 27.10 -29.95 -7.70
C ILE C 153 28.11 -30.65 -8.59
N GLY C 154 28.48 -30.01 -9.71
CA GLY C 154 29.44 -30.61 -10.62
C GLY C 154 30.88 -30.51 -10.19
N LEU C 155 31.16 -29.73 -9.15
CA LEU C 155 32.53 -29.53 -8.68
C LEU C 155 32.88 -30.38 -7.47
N ILE C 156 31.90 -30.75 -6.65
CA ILE C 156 32.15 -31.58 -5.47
C ILE C 156 32.06 -33.06 -5.78
N GLY C 157 31.76 -33.44 -7.01
CA GLY C 157 31.66 -34.84 -7.39
C GLY C 157 30.42 -35.51 -6.85
N ASP C 158 29.25 -35.01 -7.21
CA ASP C 158 27.98 -35.56 -6.77
C ASP C 158 27.33 -36.32 -7.92
N ASP C 159 26.90 -37.55 -7.64
CA ASP C 159 26.25 -38.41 -8.63
C ASP C 159 24.74 -38.31 -8.43
N ILE C 160 24.16 -37.24 -8.99
CA ILE C 160 22.71 -37.09 -8.91
C ILE C 160 21.99 -38.03 -9.85
N GLU C 161 22.66 -38.54 -10.88
CA GLU C 161 22.02 -39.50 -11.78
C GLU C 161 21.72 -40.81 -11.07
N SER C 162 22.66 -41.31 -10.27
CA SER C 162 22.43 -42.55 -9.54
C SER C 162 21.31 -42.38 -8.52
N VAL C 163 21.31 -41.27 -7.79
CA VAL C 163 20.24 -41.01 -6.83
C VAL C 163 18.90 -40.91 -7.54
N SER C 164 18.86 -40.22 -8.68
CA SER C 164 17.62 -40.11 -9.43
C SER C 164 17.12 -41.47 -9.89
N LYS C 165 18.03 -42.31 -10.39
CA LYS C 165 17.63 -43.65 -10.83
C LYS C 165 17.09 -44.47 -9.67
N VAL C 166 17.79 -44.45 -8.54
CA VAL C 166 17.38 -45.27 -7.39
C VAL C 166 16.03 -44.82 -6.87
N LYS C 167 15.86 -43.51 -6.69
CA LYS C 167 14.61 -43.00 -6.13
C LYS C 167 13.45 -43.14 -7.11
N GLY C 168 13.71 -43.02 -8.42
CA GLY C 168 12.67 -43.25 -9.40
C GLY C 168 12.23 -44.70 -9.44
N ALA C 169 13.19 -45.62 -9.33
CA ALA C 169 12.83 -47.04 -9.26
C ALA C 169 12.05 -47.33 -7.98
N GLU C 170 12.43 -46.72 -6.86
CA GLU C 170 11.74 -47.00 -5.60
C GLU C 170 10.33 -46.42 -5.58
N LEU C 171 10.16 -45.18 -6.04
CA LEU C 171 8.89 -44.49 -5.96
C LEU C 171 8.05 -44.59 -7.23
N SER C 172 8.55 -45.29 -8.26
CA SER C 172 7.86 -45.39 -9.54
C SER C 172 7.51 -44.01 -10.10
N LYS C 173 8.48 -43.09 -9.99
CA LYS C 173 8.30 -41.71 -10.40
C LYS C 173 9.42 -41.32 -11.36
N THR C 174 9.11 -40.40 -12.26
CA THR C 174 10.08 -39.90 -13.23
C THR C 174 10.92 -38.81 -12.59
N ILE C 175 12.17 -39.12 -12.28
CA ILE C 175 13.12 -38.15 -11.74
C ILE C 175 14.18 -37.90 -12.80
N VAL C 176 14.32 -36.65 -13.21
CA VAL C 176 15.16 -36.24 -14.32
C VAL C 176 16.36 -35.48 -13.75
N PRO C 177 17.56 -36.04 -13.76
CA PRO C 177 18.75 -35.29 -13.32
C PRO C 177 19.29 -34.45 -14.46
N VAL C 178 19.38 -33.14 -14.23
CA VAL C 178 19.89 -32.20 -15.23
C VAL C 178 21.18 -31.61 -14.69
N ARG C 179 22.27 -31.83 -15.43
CA ARG C 179 23.58 -31.27 -15.09
C ARG C 179 23.73 -29.91 -15.74
N CYS C 180 22.99 -28.94 -15.18
CA CYS C 180 22.95 -27.58 -15.68
C CYS C 180 23.81 -26.63 -14.85
N GLU C 181 24.97 -27.08 -14.42
CA GLU C 181 25.87 -26.26 -13.62
C GLU C 181 26.18 -24.96 -14.35
N GLY C 182 26.16 -23.85 -13.60
CA GLY C 182 26.24 -22.54 -14.22
C GLY C 182 27.54 -22.29 -14.95
N PHE C 183 28.65 -22.82 -14.44
CA PHE C 183 29.94 -22.60 -15.11
C PHE C 183 30.02 -23.29 -16.46
N ARG C 184 29.19 -24.29 -16.71
CA ARG C 184 29.20 -24.97 -17.99
C ARG C 184 28.72 -24.03 -19.09
N GLY C 185 29.45 -23.99 -20.20
CA GLY C 185 29.07 -23.17 -21.33
C GLY C 185 29.36 -21.69 -21.10
N VAL C 186 28.90 -20.89 -22.06
CA VAL C 186 29.13 -19.45 -22.04
C VAL C 186 27.85 -18.65 -21.87
N SER C 187 26.68 -19.27 -22.02
CA SER C 187 25.41 -18.57 -21.89
C SER C 187 24.33 -19.61 -21.57
N GLN C 188 23.07 -19.19 -21.70
CA GLN C 188 21.95 -20.09 -21.43
C GLN C 188 21.71 -21.08 -22.55
N SER C 189 22.38 -20.93 -23.70
CA SER C 189 22.19 -21.87 -24.79
C SER C 189 22.60 -23.28 -24.39
N LEU C 190 23.71 -23.40 -23.65
CA LEU C 190 24.10 -24.71 -23.14
C LEU C 190 23.05 -25.25 -22.18
N GLY C 191 22.42 -24.38 -21.40
CA GLY C 191 21.32 -24.83 -20.56
C GLY C 191 20.17 -25.38 -21.38
N HIS C 192 19.84 -24.72 -22.49
CA HIS C 192 18.80 -25.22 -23.38
C HIS C 192 19.18 -26.59 -23.92
N HIS C 193 20.44 -26.76 -24.34
CA HIS C 193 20.88 -28.03 -24.91
C HIS C 193 20.82 -29.15 -23.86
N ILE C 194 21.29 -28.86 -22.65
CA ILE C 194 21.30 -29.88 -21.60
C ILE C 194 19.88 -30.25 -21.19
N ALA C 195 18.99 -29.25 -21.08
CA ALA C 195 17.61 -29.53 -20.74
C ALA C 195 16.92 -30.34 -21.83
N ASN C 196 17.20 -30.04 -23.10
CA ASN C 196 16.64 -30.82 -24.19
C ASN C 196 17.16 -32.25 -24.16
N ASP C 197 18.44 -32.43 -23.86
CA ASP C 197 18.98 -33.78 -23.73
C ASP C 197 18.30 -34.53 -22.59
N ALA C 198 18.05 -33.86 -21.47
CA ALA C 198 17.36 -34.49 -20.36
C ALA C 198 15.94 -34.89 -20.74
N VAL C 199 15.24 -34.00 -21.46
CA VAL C 199 13.89 -34.31 -21.94
C VAL C 199 13.91 -35.55 -22.83
N ARG C 200 14.86 -35.58 -23.77
CA ARG C 200 14.96 -36.71 -24.70
C ARG C 200 15.29 -38.01 -23.97
N ASP C 201 16.19 -37.94 -22.99
CA ASP C 201 16.68 -39.15 -22.34
C ASP C 201 15.79 -39.63 -21.19
N TRP C 202 14.86 -38.81 -20.71
CA TRP C 202 14.12 -39.22 -19.52
C TRP C 202 12.61 -39.15 -19.69
N VAL C 203 12.11 -38.20 -20.48
CA VAL C 203 10.68 -37.93 -20.52
C VAL C 203 10.08 -38.25 -21.88
N LEU C 204 10.87 -38.08 -22.95
CA LEU C 204 10.31 -38.13 -24.29
C LEU C 204 9.92 -39.55 -24.70
N GLY C 205 10.67 -40.55 -24.24
CA GLY C 205 10.43 -41.92 -24.67
C GLY C 205 9.62 -42.75 -23.71
N LYS C 206 8.90 -42.10 -22.79
CA LYS C 206 8.14 -42.83 -21.78
C LYS C 206 6.92 -43.55 -22.34
N ARG C 207 6.49 -43.21 -23.55
CA ARG C 207 5.33 -43.85 -24.17
C ARG C 207 5.69 -44.41 -25.54
N ASP C 208 6.94 -44.81 -25.74
CA ASP C 208 7.35 -45.36 -27.02
C ASP C 208 6.63 -46.67 -27.32
N GLU C 209 6.46 -47.52 -26.32
CA GLU C 209 5.77 -48.79 -26.48
C GLU C 209 4.27 -48.68 -26.24
N ASP C 210 3.76 -47.48 -25.98
CA ASP C 210 2.35 -47.25 -25.71
C ASP C 210 1.66 -46.85 -27.01
N THR C 211 0.56 -47.52 -27.33
CA THR C 211 -0.20 -47.26 -28.55
C THR C 211 -1.68 -47.13 -28.24
N THR C 212 -2.01 -46.64 -27.05
CA THR C 212 -3.40 -46.46 -26.64
C THR C 212 -3.88 -45.02 -26.84
N PHE C 213 -3.06 -44.16 -27.45
CA PHE C 213 -3.45 -42.77 -27.70
C PHE C 213 -4.14 -42.67 -29.05
N ALA C 214 -5.34 -42.08 -29.05
CA ALA C 214 -6.11 -41.92 -30.27
C ALA C 214 -5.55 -40.74 -31.07
N SER C 215 -4.87 -41.03 -32.16
CA SER C 215 -4.24 -40.02 -32.99
C SER C 215 -5.13 -39.65 -34.18
N THR C 216 -5.05 -38.38 -34.57
CA THR C 216 -5.79 -37.83 -35.69
C THR C 216 -4.82 -37.21 -36.68
N PRO C 217 -5.21 -37.09 -37.96
CA PRO C 217 -4.30 -36.51 -38.95
C PRO C 217 -3.98 -35.04 -38.72
N TYR C 218 -4.69 -34.37 -37.82
CA TYR C 218 -4.49 -32.95 -37.54
C TYR C 218 -3.83 -32.73 -36.19
N ASP C 219 -2.86 -33.57 -35.86
CA ASP C 219 -2.17 -33.52 -34.56
C ASP C 219 -0.89 -32.71 -34.68
N VAL C 220 -0.81 -31.61 -33.93
CA VAL C 220 0.36 -30.76 -33.91
C VAL C 220 0.79 -30.56 -32.46
N ALA C 221 2.08 -30.28 -32.28
CA ALA C 221 2.66 -30.05 -30.96
C ALA C 221 3.42 -28.74 -30.99
N ILE C 222 3.09 -27.85 -30.06
CA ILE C 222 3.74 -26.55 -29.95
C ILE C 222 4.97 -26.71 -29.05
N ILE C 223 6.15 -26.48 -29.61
CA ILE C 223 7.41 -26.63 -28.91
C ILE C 223 8.11 -25.28 -28.88
N GLY C 224 8.78 -24.99 -27.76
CA GLY C 224 9.54 -23.77 -27.64
C GLY C 224 8.74 -22.54 -27.28
N ASP C 225 7.43 -22.66 -27.10
CA ASP C 225 6.60 -21.55 -26.67
C ASP C 225 6.46 -21.62 -25.16
N TYR C 226 6.98 -20.61 -24.47
CA TYR C 226 7.06 -20.60 -23.02
C TYR C 226 5.93 -19.82 -22.36
N ASN C 227 4.91 -19.45 -23.13
CA ASN C 227 3.71 -18.83 -22.59
C ASN C 227 4.04 -17.56 -21.79
N ILE C 228 4.93 -16.75 -22.34
CA ILE C 228 5.31 -15.50 -21.69
C ILE C 228 4.15 -14.54 -21.83
N GLY C 229 3.40 -14.34 -20.75
CA GLY C 229 2.22 -13.52 -20.81
C GLY C 229 1.04 -14.15 -21.51
N GLY C 230 1.12 -15.44 -21.82
CA GLY C 230 0.05 -16.10 -22.55
C GLY C 230 0.24 -16.18 -24.04
N ASP C 231 1.47 -16.08 -24.53
CA ASP C 231 1.71 -16.16 -25.98
C ASP C 231 1.29 -17.51 -26.53
N ALA C 232 1.61 -18.59 -25.81
CA ALA C 232 1.29 -19.93 -26.28
C ALA C 232 -0.21 -20.13 -26.37
N TRP C 233 -0.97 -19.60 -25.42
CA TRP C 233 -2.43 -19.68 -25.49
C TRP C 233 -2.98 -18.91 -26.68
N SER C 234 -2.44 -17.71 -26.93
CA SER C 234 -2.90 -16.91 -28.06
C SER C 234 -2.53 -17.54 -29.40
N SER C 235 -1.49 -18.38 -29.44
CA SER C 235 -1.19 -19.14 -30.64
C SER C 235 -2.06 -20.39 -30.76
N ARG C 236 -2.29 -21.06 -29.63
CA ARG C 236 -3.05 -22.31 -29.65
C ARG C 236 -4.52 -22.05 -30.00
N ILE C 237 -5.05 -20.90 -29.61
CA ILE C 237 -6.44 -20.59 -29.97
C ILE C 237 -6.57 -20.48 -31.49
N LEU C 238 -5.62 -19.81 -32.14
CA LEU C 238 -5.65 -19.72 -33.59
C LEU C 238 -5.43 -21.08 -34.24
N LEU C 239 -4.52 -21.88 -33.69
CA LEU C 239 -4.25 -23.19 -34.27
C LEU C 239 -5.47 -24.10 -34.17
N GLU C 240 -6.17 -24.09 -33.03
CA GLU C 240 -7.34 -24.93 -32.86
C GLU C 240 -8.54 -24.40 -33.62
N GLU C 241 -8.60 -23.09 -33.84
CA GLU C 241 -9.65 -22.54 -34.70
C GLU C 241 -9.46 -22.94 -36.15
N MET C 242 -8.26 -23.37 -36.53
CA MET C 242 -7.99 -23.84 -37.89
C MET C 242 -8.38 -25.30 -38.10
N GLY C 243 -8.83 -26.00 -37.06
CA GLY C 243 -9.14 -27.41 -37.16
C GLY C 243 -8.04 -28.34 -36.70
N LEU C 244 -6.91 -27.80 -36.24
CA LEU C 244 -5.82 -28.61 -35.74
C LEU C 244 -6.02 -28.92 -34.26
N ARG C 245 -5.45 -30.04 -33.84
CA ARG C 245 -5.51 -30.48 -32.44
C ARG C 245 -4.12 -30.35 -31.85
N CYS C 246 -3.96 -29.44 -30.89
CA CYS C 246 -2.67 -29.22 -30.24
C CYS C 246 -2.54 -30.23 -29.10
N VAL C 247 -1.98 -31.40 -29.44
CA VAL C 247 -1.85 -32.46 -28.45
C VAL C 247 -0.86 -32.05 -27.35
N ALA C 248 0.26 -31.45 -27.74
CA ALA C 248 1.32 -31.10 -26.79
C ALA C 248 1.62 -29.61 -26.90
N GLN C 249 1.78 -28.96 -25.75
CA GLN C 249 2.21 -27.56 -25.68
C GLN C 249 3.15 -27.43 -24.49
N TRP C 250 4.44 -27.50 -24.75
CA TRP C 250 5.44 -27.40 -23.70
C TRP C 250 6.56 -26.48 -24.18
N SER C 251 7.23 -25.83 -23.22
CA SER C 251 7.07 -26.00 -21.79
C SER C 251 6.07 -25.03 -21.16
N GLY C 252 5.78 -23.93 -21.85
CA GLY C 252 4.83 -22.97 -21.35
C GLY C 252 3.46 -23.57 -21.14
N ASP C 253 2.97 -23.54 -19.90
CA ASP C 253 1.73 -24.23 -19.51
C ASP C 253 1.81 -25.71 -19.88
N GLY C 254 3.01 -26.28 -19.80
CA GLY C 254 3.22 -27.64 -20.21
C GLY C 254 3.17 -28.63 -19.07
N SER C 255 2.82 -29.87 -19.40
CA SER C 255 2.77 -30.96 -18.45
C SER C 255 3.63 -32.11 -18.95
N ILE C 256 3.99 -33.00 -18.03
CA ILE C 256 4.81 -34.15 -18.40
C ILE C 256 4.06 -35.07 -19.36
N SER C 257 2.73 -35.17 -19.20
CA SER C 257 1.93 -35.98 -20.11
C SER C 257 2.00 -35.45 -21.53
N GLU C 258 1.97 -34.13 -21.69
CA GLU C 258 2.08 -33.54 -23.03
C GLU C 258 3.44 -33.82 -23.64
N ILE C 259 4.51 -33.74 -22.84
CA ILE C 259 5.84 -34.07 -23.34
C ILE C 259 5.89 -35.53 -23.78
N GLU C 260 5.29 -36.43 -23.01
CA GLU C 260 5.29 -37.84 -23.39
C GLU C 260 4.43 -38.09 -24.62
N LEU C 261 3.37 -37.31 -24.81
CA LEU C 261 2.50 -37.45 -25.97
C LEU C 261 3.02 -36.77 -27.22
N THR C 262 4.02 -35.90 -27.09
CA THR C 262 4.59 -35.23 -28.25
C THR C 262 5.03 -36.16 -29.37
N PRO C 263 5.70 -37.31 -29.12
CA PRO C 263 6.10 -38.17 -30.23
C PRO C 263 4.94 -38.81 -30.99
N LYS C 264 3.70 -38.53 -30.58
CA LYS C 264 2.52 -39.08 -31.21
C LYS C 264 1.78 -38.08 -32.08
N VAL C 265 2.39 -36.94 -32.38
CA VAL C 265 1.74 -35.91 -33.16
C VAL C 265 2.19 -36.00 -34.61
N LYS C 266 1.48 -35.31 -35.49
CA LYS C 266 1.79 -35.31 -36.92
C LYS C 266 2.70 -34.17 -37.35
N LEU C 267 2.74 -33.07 -36.60
CA LEU C 267 3.61 -31.95 -36.96
C LEU C 267 4.11 -31.28 -35.69
N ASN C 268 5.35 -30.78 -35.73
CA ASN C 268 5.94 -30.06 -34.61
C ASN C 268 6.11 -28.60 -34.99
N LEU C 269 5.30 -27.72 -34.40
CA LEU C 269 5.41 -26.29 -34.62
C LEU C 269 6.34 -25.72 -33.55
N VAL C 270 7.54 -25.31 -33.97
CA VAL C 270 8.57 -24.83 -33.06
C VAL C 270 8.56 -23.31 -33.07
N HIS C 271 8.33 -22.71 -31.90
CA HIS C 271 8.37 -21.26 -31.77
C HIS C 271 9.81 -20.78 -31.61
N CYS C 272 10.48 -21.24 -30.56
CA CYS C 272 11.87 -20.87 -30.30
C CYS C 272 12.79 -21.95 -30.86
N TYR C 273 13.44 -21.65 -31.99
CA TYR C 273 14.33 -22.62 -32.61
C TYR C 273 15.58 -22.84 -31.77
N ARG C 274 16.09 -21.78 -31.13
CA ARG C 274 17.36 -21.87 -30.44
C ARG C 274 17.34 -22.89 -29.31
N SER C 275 16.24 -22.96 -28.57
CA SER C 275 16.17 -23.81 -27.38
C SER C 275 15.63 -25.20 -27.65
N MET C 276 14.92 -25.42 -28.77
CA MET C 276 14.33 -26.72 -29.04
C MET C 276 14.72 -27.29 -30.40
N ASN C 277 15.75 -26.75 -31.04
CA ASN C 277 16.20 -27.32 -32.31
C ASN C 277 16.71 -28.74 -32.12
N TYR C 278 17.43 -28.98 -31.01
CA TYR C 278 17.94 -30.32 -30.74
C TYR C 278 16.81 -31.32 -30.61
N ILE C 279 15.78 -30.98 -29.82
CA ILE C 279 14.68 -31.90 -29.62
C ILE C 279 13.86 -32.08 -30.89
N SER C 280 13.71 -31.01 -31.69
CA SER C 280 12.97 -31.13 -32.94
C SER C 280 13.70 -32.06 -33.91
N ARG C 281 15.02 -31.90 -34.02
CA ARG C 281 15.78 -32.77 -34.90
C ARG C 281 15.77 -34.21 -34.40
N HIS C 282 15.84 -34.41 -33.08
CA HIS C 282 15.78 -35.76 -32.54
C HIS C 282 14.44 -36.42 -32.84
N MET C 283 13.35 -35.68 -32.67
CA MET C 283 12.03 -36.24 -32.97
C MET C 283 11.87 -36.53 -34.46
N GLU C 284 12.40 -35.65 -35.32
CA GLU C 284 12.33 -35.90 -36.75
C GLU C 284 13.13 -37.14 -37.15
N GLU C 285 14.31 -37.33 -36.54
CA GLU C 285 15.14 -38.47 -36.90
C GLU C 285 14.57 -39.78 -36.36
N LYS C 286 14.06 -39.76 -35.12
CA LYS C 286 13.61 -40.98 -34.47
C LYS C 286 12.17 -41.33 -34.85
N TYR C 287 11.23 -40.42 -34.57
CA TYR C 287 9.82 -40.68 -34.79
C TYR C 287 9.34 -40.25 -36.18
N GLY C 288 10.19 -39.62 -36.97
CA GLY C 288 9.80 -39.19 -38.31
C GLY C 288 8.70 -38.15 -38.32
N ILE C 289 8.73 -37.22 -37.37
CA ILE C 289 7.74 -36.16 -37.26
C ILE C 289 8.32 -34.90 -37.88
N PRO C 290 7.75 -34.39 -38.97
CA PRO C 290 8.25 -33.12 -39.53
C PRO C 290 8.03 -31.97 -38.56
N TRP C 291 8.98 -31.03 -38.59
CA TRP C 291 8.92 -29.85 -37.74
C TRP C 291 9.10 -28.60 -38.59
N MET C 292 8.36 -27.56 -38.25
CA MET C 292 8.42 -26.29 -38.95
C MET C 292 8.34 -25.15 -37.93
N GLU C 293 8.92 -24.02 -38.29
CA GLU C 293 8.93 -22.84 -37.43
C GLU C 293 7.77 -21.92 -37.78
N TYR C 294 7.07 -21.44 -36.77
CA TYR C 294 5.94 -20.54 -36.94
C TYR C 294 6.21 -19.22 -36.25
N ASN C 295 5.75 -18.13 -36.86
CA ASN C 295 5.91 -16.79 -36.33
C ASN C 295 4.54 -16.14 -36.28
N PHE C 296 4.06 -15.85 -35.07
CA PHE C 296 2.74 -15.26 -34.86
C PHE C 296 2.83 -13.83 -34.34
N PHE C 297 3.96 -13.16 -34.57
CA PHE C 297 4.16 -11.80 -34.10
C PHE C 297 3.75 -10.84 -35.22
N GLY C 298 2.68 -10.09 -34.99
CA GLY C 298 2.16 -9.19 -36.00
C GLY C 298 1.17 -9.90 -36.90
N PRO C 299 0.27 -9.14 -37.53
CA PRO C 299 -0.75 -9.77 -38.38
C PRO C 299 -0.20 -10.37 -39.66
N THR C 300 0.78 -9.73 -40.31
CA THR C 300 1.32 -10.27 -41.55
C THR C 300 2.05 -11.60 -41.31
N LYS C 301 2.93 -11.63 -40.31
CA LYS C 301 3.64 -12.85 -39.99
C LYS C 301 2.68 -13.94 -39.52
N THR C 302 1.67 -13.57 -38.72
CA THR C 302 0.70 -14.55 -38.26
C THR C 302 -0.07 -15.15 -39.44
N ILE C 303 -0.49 -14.31 -40.39
CA ILE C 303 -1.23 -14.80 -41.54
C ILE C 303 -0.36 -15.72 -42.38
N GLU C 304 0.89 -15.32 -42.62
CA GLU C 304 1.80 -16.13 -43.43
C GLU C 304 2.07 -17.48 -42.74
N SER C 305 2.30 -17.46 -41.43
CA SER C 305 2.56 -18.71 -40.71
C SER C 305 1.33 -19.61 -40.69
N LEU C 306 0.14 -19.03 -40.54
CA LEU C 306 -1.07 -19.83 -40.57
C LEU C 306 -1.26 -20.49 -41.92
N ARG C 307 -1.03 -19.74 -42.99
CA ARG C 307 -1.16 -20.32 -44.33
C ARG C 307 -0.11 -21.41 -44.56
N ALA C 308 1.12 -21.18 -44.11
CA ALA C 308 2.16 -22.19 -44.26
C ALA C 308 1.82 -23.47 -43.49
N ILE C 309 1.29 -23.31 -42.27
CA ILE C 309 0.92 -24.49 -41.48
C ILE C 309 -0.24 -25.22 -42.15
N ALA C 310 -1.24 -24.49 -42.63
CA ALA C 310 -2.37 -25.13 -43.30
C ALA C 310 -1.94 -25.83 -44.58
N ALA C 311 -0.87 -25.34 -45.22
CA ALA C 311 -0.38 -25.99 -46.44
C ALA C 311 0.16 -27.39 -46.16
N LYS C 312 0.39 -27.74 -44.90
CA LYS C 312 0.90 -29.06 -44.54
C LYS C 312 -0.20 -30.09 -44.33
N PHE C 313 -1.47 -29.70 -44.48
CA PHE C 313 -2.59 -30.58 -44.26
C PHE C 313 -3.50 -30.59 -45.49
N ASP C 314 -4.66 -31.20 -45.35
CA ASP C 314 -5.60 -31.33 -46.46
C ASP C 314 -6.32 -30.01 -46.71
N GLU C 315 -7.27 -30.03 -47.64
CA GLU C 315 -7.95 -28.81 -48.07
C GLU C 315 -8.88 -28.27 -46.99
N SER C 316 -9.39 -29.14 -46.11
CA SER C 316 -10.28 -28.68 -45.05
C SER C 316 -9.56 -27.73 -44.10
N ILE C 317 -8.31 -28.07 -43.74
CA ILE C 317 -7.54 -27.21 -42.84
C ILE C 317 -7.23 -25.88 -43.52
N GLN C 318 -6.93 -25.91 -44.82
CA GLN C 318 -6.67 -24.67 -45.54
C GLN C 318 -7.90 -23.78 -45.60
N LYS C 319 -9.06 -24.38 -45.86
CA LYS C 319 -10.31 -23.62 -45.87
C LYS C 319 -10.60 -23.01 -44.50
N LYS C 320 -10.40 -23.79 -43.43
CA LYS C 320 -10.59 -23.25 -42.09
C LYS C 320 -9.58 -22.14 -41.78
N CYS C 321 -8.35 -22.26 -42.27
CA CYS C 321 -7.36 -21.21 -42.08
C CYS C 321 -7.78 -19.92 -42.78
N GLU C 322 -8.27 -20.04 -44.01
CA GLU C 322 -8.75 -18.85 -44.72
C GLU C 322 -9.94 -18.23 -44.00
N GLU C 323 -10.84 -19.07 -43.47
CA GLU C 323 -11.97 -18.55 -42.71
C GLU C 323 -11.51 -17.82 -41.45
N VAL C 324 -10.51 -18.37 -40.76
CA VAL C 324 -10.00 -17.74 -39.55
C VAL C 324 -9.34 -16.40 -39.89
N ILE C 325 -8.58 -16.37 -40.99
CA ILE C 325 -7.93 -15.13 -41.41
C ILE C 325 -8.97 -14.07 -41.75
N ALA C 326 -10.03 -14.47 -42.46
CA ALA C 326 -11.10 -13.52 -42.77
C ALA C 326 -11.80 -13.03 -41.51
N LYS C 327 -11.99 -13.93 -40.54
CA LYS C 327 -12.64 -13.54 -39.28
C LYS C 327 -11.80 -12.52 -38.52
N TYR C 328 -10.49 -12.73 -38.46
CA TYR C 328 -9.62 -11.87 -37.67
C TYR C 328 -9.10 -10.65 -38.42
N LYS C 329 -9.35 -10.56 -39.73
CA LYS C 329 -8.90 -9.38 -40.48
C LYS C 329 -9.43 -8.07 -39.94
N PRO C 330 -10.73 -7.88 -39.69
CA PRO C 330 -11.19 -6.55 -39.23
C PRO C 330 -10.58 -6.11 -37.91
N GLU C 331 -10.29 -7.03 -37.00
CA GLU C 331 -9.75 -6.65 -35.69
C GLU C 331 -8.35 -6.06 -35.79
N TRP C 332 -7.44 -6.74 -36.48
CA TRP C 332 -6.09 -6.20 -36.61
C TRP C 332 -6.08 -5.03 -37.58
N GLU C 333 -7.01 -4.99 -38.55
CA GLU C 333 -7.13 -3.81 -39.39
C GLU C 333 -7.51 -2.58 -38.57
N ALA C 334 -8.46 -2.74 -37.63
CA ALA C 334 -8.82 -1.63 -36.76
C ALA C 334 -7.67 -1.25 -35.84
N VAL C 335 -6.92 -2.25 -35.35
CA VAL C 335 -5.78 -1.95 -34.49
C VAL C 335 -4.74 -1.12 -35.25
N VAL C 336 -4.45 -1.50 -36.50
CA VAL C 336 -3.52 -0.73 -37.32
C VAL C 336 -4.06 0.66 -37.59
N ALA C 337 -5.35 0.76 -37.93
CA ALA C 337 -5.94 2.06 -38.24
C ALA C 337 -5.88 2.99 -37.03
N LYS C 338 -5.97 2.44 -35.83
CA LYS C 338 -5.92 3.28 -34.64
C LYS C 338 -4.49 3.64 -34.23
N TYR C 339 -3.55 2.71 -34.34
CA TYR C 339 -2.23 2.91 -33.74
C TYR C 339 -1.10 3.21 -34.72
N ARG C 340 -1.26 2.85 -35.99
CA ARG C 340 -0.23 3.18 -36.99
C ARG C 340 -0.03 4.68 -37.16
N PRO C 341 -1.10 5.50 -37.20
CA PRO C 341 -0.87 6.97 -37.32
C PRO C 341 0.04 7.54 -36.25
N ARG C 342 -0.08 7.07 -35.01
CA ARG C 342 0.74 7.60 -33.91
C ARG C 342 2.06 6.88 -33.75
N LEU C 343 2.37 5.91 -34.61
CA LEU C 343 3.62 5.18 -34.54
C LEU C 343 4.41 5.21 -35.83
N GLU C 344 3.89 5.81 -36.89
CA GLU C 344 4.55 5.78 -38.19
C GLU C 344 5.87 6.55 -38.16
N GLY C 345 6.91 5.93 -38.71
CA GLY C 345 8.19 6.58 -38.88
C GLY C 345 9.18 6.43 -37.74
N LYS C 346 8.75 5.92 -36.59
CA LYS C 346 9.64 5.78 -35.45
C LYS C 346 10.62 4.63 -35.68
N ARG C 347 11.85 4.81 -35.21
CA ARG C 347 12.94 3.89 -35.49
C ARG C 347 13.17 2.97 -34.29
N VAL C 348 13.61 1.74 -34.57
CA VAL C 348 13.68 0.68 -33.58
C VAL C 348 15.07 0.07 -33.57
N MET C 349 15.56 -0.25 -32.37
CA MET C 349 16.67 -1.16 -32.19
C MET C 349 16.29 -2.20 -31.14
N LEU C 350 16.77 -3.42 -31.32
CA LEU C 350 16.47 -4.49 -30.39
C LEU C 350 17.73 -5.31 -30.13
N TYR C 351 17.80 -5.87 -28.92
CA TYR C 351 18.93 -6.73 -28.57
C TYR C 351 18.43 -7.70 -27.50
N ILE C 352 18.07 -8.91 -27.94
CA ILE C 352 17.42 -9.90 -27.10
C ILE C 352 18.22 -11.20 -27.21
N GLY C 353 17.77 -12.27 -26.57
CA GLY C 353 18.64 -13.42 -26.40
C GLY C 353 18.96 -14.23 -27.65
N GLY C 354 18.02 -15.03 -28.15
CA GLY C 354 18.32 -15.86 -29.30
C GLY C 354 17.37 -15.84 -30.47
N LEU C 355 16.09 -15.56 -30.21
CA LEU C 355 15.05 -15.68 -31.22
C LEU C 355 14.34 -14.36 -31.51
N ARG C 356 13.93 -13.64 -30.47
CA ARG C 356 13.20 -12.41 -30.66
C ARG C 356 13.97 -11.30 -31.38
N PRO C 357 15.31 -11.24 -31.38
CA PRO C 357 15.98 -10.18 -32.16
C PRO C 357 15.63 -10.18 -33.65
N ARG C 358 15.31 -11.34 -34.22
CA ARG C 358 15.11 -11.43 -35.67
C ARG C 358 13.67 -11.71 -36.08
N HIS C 359 12.79 -12.07 -35.17
CA HIS C 359 11.42 -12.43 -35.53
C HIS C 359 10.40 -11.37 -35.14
N VAL C 360 10.82 -10.29 -34.50
CA VAL C 360 9.89 -9.23 -34.09
C VAL C 360 9.75 -8.13 -35.13
N ILE C 361 10.51 -8.19 -36.22
CA ILE C 361 10.49 -7.12 -37.22
C ILE C 361 9.11 -6.94 -37.84
N GLY C 362 8.43 -8.03 -38.16
CA GLY C 362 7.17 -7.99 -38.87
C GLY C 362 6.10 -7.14 -38.19
N ALA C 363 5.95 -7.28 -36.88
CA ALA C 363 4.97 -6.48 -36.17
C ALA C 363 5.36 -5.00 -36.17
N TYR C 364 6.65 -4.71 -36.07
CA TYR C 364 7.10 -3.32 -36.11
C TYR C 364 6.80 -2.68 -37.46
N GLU C 365 7.05 -3.40 -38.56
CA GLU C 365 6.73 -2.85 -39.88
C GLU C 365 5.22 -2.80 -40.11
N ASP C 366 4.46 -3.70 -39.49
CA ASP C 366 3.01 -3.64 -39.62
C ASP C 366 2.44 -2.39 -38.98
N LEU C 367 3.14 -1.82 -38.01
CA LEU C 367 2.75 -0.59 -37.36
C LEU C 367 3.36 0.65 -38.02
N GLY C 368 4.06 0.48 -39.13
CA GLY C 368 4.70 1.60 -39.79
C GLY C 368 5.98 2.07 -39.14
N MET C 369 6.70 1.17 -38.47
CA MET C 369 7.87 1.53 -37.70
C MET C 369 9.12 0.94 -38.35
N GLU C 370 10.18 1.74 -38.37
CA GLU C 370 11.43 1.38 -39.04
C GLU C 370 12.37 0.67 -38.07
N VAL C 371 12.98 -0.41 -38.53
CA VAL C 371 13.91 -1.19 -37.72
C VAL C 371 15.32 -0.94 -38.24
N VAL C 372 16.21 -0.51 -37.34
CA VAL C 372 17.58 -0.23 -37.71
C VAL C 372 18.54 -0.86 -36.70
N ASN C 381 25.44 -19.54 -35.10
CA ASN C 381 25.73 -18.89 -36.37
C ASN C 381 24.50 -18.89 -37.28
N ASP C 382 23.66 -19.92 -37.14
CA ASP C 382 22.48 -20.03 -37.97
C ASP C 382 21.46 -18.93 -37.65
N ASP C 383 21.48 -18.41 -36.42
CA ASP C 383 20.60 -17.30 -36.07
C ASP C 383 20.92 -16.06 -36.90
N TYR C 384 22.21 -15.79 -37.08
CA TYR C 384 22.61 -14.63 -37.89
C TYR C 384 22.37 -14.89 -39.37
N ASP C 385 22.47 -16.15 -39.81
CA ASP C 385 22.19 -16.47 -41.20
C ASP C 385 20.74 -16.18 -41.56
N ARG C 386 19.82 -16.48 -40.65
CA ARG C 386 18.40 -16.22 -40.87
C ARG C 386 18.05 -14.79 -40.49
N LEU C 396 22.96 -3.10 -37.90
CA LEU C 396 23.93 -3.36 -36.84
C LEU C 396 23.62 -4.69 -36.17
N LEU C 397 24.58 -5.62 -36.24
CA LEU C 397 24.36 -7.00 -35.80
C LEU C 397 25.26 -7.37 -34.64
N TYR C 398 25.33 -6.53 -33.61
CA TYR C 398 26.19 -6.80 -32.46
C TYR C 398 25.72 -8.04 -31.71
N GLU C 407 27.19 5.15 -26.99
CA GLU C 407 26.40 6.37 -26.93
C GLU C 407 26.44 7.14 -28.25
N GLU C 408 27.66 7.31 -28.79
CA GLU C 408 27.83 8.14 -29.97
C GLU C 408 27.05 7.60 -31.16
N PHE C 409 27.05 6.28 -31.35
CA PHE C 409 26.26 5.69 -32.41
C PHE C 409 24.77 5.92 -32.17
N VAL C 410 24.33 5.74 -30.92
CA VAL C 410 22.94 5.98 -30.57
C VAL C 410 22.56 7.43 -30.88
N LYS C 411 23.48 8.36 -30.60
CA LYS C 411 23.24 9.75 -30.93
C LYS C 411 23.15 9.96 -32.44
N ARG C 412 23.98 9.26 -33.21
CA ARG C 412 23.97 9.50 -34.66
C ARG C 412 22.68 8.97 -35.29
N ILE C 413 22.18 7.83 -34.83
CA ILE C 413 20.99 7.26 -35.47
C ILE C 413 19.71 7.77 -34.82
N LYS C 414 19.81 8.18 -33.55
CA LYS C 414 18.68 8.68 -32.77
C LYS C 414 17.52 7.67 -32.77
N PRO C 415 17.68 6.52 -32.14
CA PRO C 415 16.58 5.55 -32.12
C PRO C 415 15.44 6.04 -31.25
N ASP C 416 14.21 5.73 -31.69
CA ASP C 416 13.04 6.10 -30.90
C ASP C 416 12.72 5.05 -29.84
N LEU C 417 13.09 3.80 -30.08
CA LEU C 417 12.80 2.72 -29.15
C LEU C 417 13.93 1.70 -29.18
N ILE C 418 14.25 1.17 -28.00
CA ILE C 418 15.19 0.07 -27.86
C ILE C 418 14.51 -1.04 -27.06
N GLY C 419 14.62 -2.27 -27.55
CA GLY C 419 14.00 -3.40 -26.88
C GLY C 419 14.98 -4.43 -26.38
N SER C 420 15.13 -4.54 -25.07
CA SER C 420 16.05 -5.51 -24.47
C SER C 420 15.51 -5.88 -23.08
N GLY C 421 16.36 -6.47 -22.25
CA GLY C 421 15.94 -7.02 -20.97
C GLY C 421 15.86 -5.98 -19.87
N ILE C 422 15.62 -6.48 -18.66
CA ILE C 422 15.36 -5.63 -17.50
C ILE C 422 16.63 -4.89 -17.08
N LYS C 423 17.78 -5.57 -17.11
CA LYS C 423 19.00 -4.98 -16.58
C LYS C 423 19.46 -3.79 -17.43
N GLU C 424 19.34 -3.90 -18.76
CA GLU C 424 19.62 -2.80 -19.67
C GLU C 424 18.45 -1.83 -19.78
N LYS C 425 17.26 -2.23 -19.31
CA LYS C 425 16.08 -1.38 -19.40
C LYS C 425 16.28 -0.08 -18.65
N PHE C 426 16.80 -0.17 -17.42
CA PHE C 426 16.97 1.04 -16.62
C PHE C 426 18.13 1.87 -17.11
N ILE C 427 19.19 1.25 -17.64
CA ILE C 427 20.29 2.01 -18.22
C ILE C 427 19.78 2.85 -19.39
N PHE C 428 19.02 2.22 -20.30
CA PHE C 428 18.52 2.96 -21.45
C PHE C 428 17.41 3.93 -21.08
N GLN C 429 16.68 3.68 -19.98
CA GLN C 429 15.77 4.69 -19.46
C GLN C 429 16.54 5.91 -18.98
N LYS C 430 17.65 5.70 -18.27
CA LYS C 430 18.47 6.82 -17.81
C LYS C 430 19.04 7.59 -18.98
N MET C 431 19.48 6.89 -20.04
CA MET C 431 19.94 7.58 -21.23
C MET C 431 18.84 8.33 -21.95
N GLY C 432 17.57 8.05 -21.64
CA GLY C 432 16.46 8.79 -22.18
C GLY C 432 15.71 8.14 -23.32
N ILE C 433 16.23 7.06 -23.89
CA ILE C 433 15.57 6.39 -25.00
C ILE C 433 14.39 5.58 -24.46
N PRO C 434 13.19 5.72 -25.03
CA PRO C 434 12.08 4.87 -24.61
C PRO C 434 12.43 3.40 -24.78
N PHE C 435 11.99 2.59 -23.83
CA PHE C 435 12.42 1.20 -23.75
C PHE C 435 11.23 0.27 -23.66
N ARG C 436 11.44 -0.97 -24.11
CA ARG C 436 10.45 -2.03 -24.05
C ARG C 436 11.13 -3.31 -23.61
N GLU C 437 10.64 -3.91 -22.54
CA GLU C 437 11.17 -5.18 -22.05
C GLU C 437 10.76 -6.28 -23.02
N MET C 438 11.73 -6.78 -23.79
CA MET C 438 11.47 -7.81 -24.81
C MET C 438 11.63 -9.21 -24.26
N HIS C 439 11.91 -9.36 -22.97
CA HIS C 439 12.05 -10.67 -22.34
C HIS C 439 10.84 -11.06 -21.50
N SER C 440 10.22 -10.11 -20.80
CA SER C 440 9.03 -10.39 -20.00
C SER C 440 7.82 -9.59 -20.46
N TRP C 441 7.88 -9.00 -21.66
CA TRP C 441 6.81 -8.17 -22.21
C TRP C 441 6.48 -6.97 -21.33
N ASP C 442 7.41 -6.56 -20.47
CA ASP C 442 7.22 -5.42 -19.57
C ASP C 442 5.98 -5.61 -18.70
N TYR C 443 5.83 -6.82 -18.15
CA TYR C 443 4.71 -7.17 -17.29
C TYR C 443 3.37 -7.01 -18.01
N SER C 444 3.38 -7.18 -19.32
CA SER C 444 2.16 -7.12 -20.12
C SER C 444 2.08 -8.35 -21.02
N GLY C 445 1.15 -8.34 -21.97
CA GLY C 445 1.03 -9.43 -22.90
C GLY C 445 -0.36 -10.03 -22.94
N PRO C 446 -0.57 -11.01 -23.81
CA PRO C 446 0.37 -11.61 -24.76
C PRO C 446 0.70 -10.69 -25.93
N TYR C 447 1.81 -10.94 -26.63
CA TYR C 447 2.20 -10.15 -27.78
C TYR C 447 2.08 -10.91 -29.10
N HIS C 448 1.82 -12.21 -29.06
CA HIS C 448 1.76 -13.03 -30.26
C HIS C 448 0.31 -13.31 -30.65
N GLY C 449 0.09 -13.51 -31.94
CA GLY C 449 -1.23 -13.76 -32.45
C GLY C 449 -2.02 -12.49 -32.68
N PHE C 450 -3.22 -12.67 -33.22
CA PHE C 450 -4.11 -11.54 -33.50
C PHE C 450 -4.56 -10.85 -32.23
N ASP C 451 -4.86 -11.63 -31.18
CA ASP C 451 -5.24 -11.02 -29.90
C ASP C 451 -4.07 -10.29 -29.27
N GLY C 452 -2.85 -10.79 -29.44
CA GLY C 452 -1.69 -10.14 -28.87
C GLY C 452 -1.19 -8.94 -29.65
N PHE C 453 -1.53 -8.85 -30.95
CA PHE C 453 -1.09 -7.69 -31.72
C PHE C 453 -1.72 -6.40 -31.20
N ALA C 454 -2.97 -6.46 -30.76
CA ALA C 454 -3.60 -5.26 -30.19
C ALA C 454 -2.87 -4.80 -28.94
N ILE C 455 -2.50 -5.73 -28.06
CA ILE C 455 -1.78 -5.37 -26.85
C ILE C 455 -0.39 -4.84 -27.20
N PHE C 456 0.26 -5.44 -28.20
CA PHE C 456 1.58 -4.96 -28.61
C PHE C 456 1.51 -3.54 -29.14
N ALA C 457 0.52 -3.24 -29.99
CA ALA C 457 0.37 -1.89 -30.51
C ALA C 457 0.03 -0.90 -29.41
N ARG C 458 -0.85 -1.30 -28.48
CA ARG C 458 -1.19 -0.43 -27.37
C ARG C 458 0.03 -0.12 -26.50
N ASP C 459 0.87 -1.13 -26.25
CA ASP C 459 2.07 -0.90 -25.45
C ASP C 459 3.08 -0.05 -26.21
N MET C 460 3.18 -0.23 -27.52
CA MET C 460 4.05 0.62 -28.33
C MET C 460 3.63 2.08 -28.20
N ASP C 461 2.34 2.35 -28.35
CA ASP C 461 1.85 3.72 -28.22
C ASP C 461 2.04 4.23 -26.79
N MET C 462 1.83 3.38 -25.80
CA MET C 462 1.96 3.80 -24.40
C MET C 462 3.38 4.20 -24.07
N THR C 463 4.36 3.44 -24.56
CA THR C 463 5.75 3.72 -24.22
C THR C 463 6.33 4.84 -25.08
N LEU C 464 6.15 4.74 -26.40
CA LEU C 464 6.80 5.70 -27.30
C LEU C 464 6.25 7.11 -27.12
N ASN C 465 4.93 7.23 -26.94
CA ASN C 465 4.28 8.54 -26.90
C ASN C 465 4.00 9.02 -25.49
N ASN C 466 4.58 8.37 -24.48
CA ASN C 466 4.39 8.82 -23.11
C ASN C 466 5.06 10.18 -22.91
N PRO C 467 4.40 11.12 -22.23
CA PRO C 467 5.02 12.44 -22.02
C PRO C 467 6.23 12.41 -21.12
N CYS C 468 6.45 11.33 -20.36
CA CYS C 468 7.57 11.29 -19.42
C CYS C 468 8.90 11.42 -20.14
N TRP C 469 9.00 10.97 -21.40
CA TRP C 469 10.23 11.08 -22.15
C TRP C 469 10.50 12.50 -22.65
N LYS C 470 9.50 13.38 -22.58
CA LYS C 470 9.66 14.77 -23.01
C LYS C 470 9.90 15.71 -21.83
N LYS C 471 10.11 15.18 -20.64
CA LYS C 471 10.31 15.98 -19.44
C LYS C 471 11.68 15.75 -18.81
N LEU C 472 12.63 15.22 -19.58
CA LEU C 472 13.93 14.88 -19.00
C LEU C 472 14.76 16.11 -18.68
N GLN C 473 14.64 17.17 -19.46
CA GLN C 473 15.44 18.37 -19.29
C GLN C 473 14.67 19.40 -18.47
N ALA C 474 15.30 19.90 -17.40
CA ALA C 474 14.67 20.93 -16.60
C ALA C 474 14.52 22.20 -17.42
N PRO C 475 13.39 22.91 -17.28
CA PRO C 475 13.18 24.11 -18.10
C PRO C 475 14.16 25.23 -17.84
N TRP C 476 14.84 25.23 -16.69
CA TRP C 476 15.81 26.27 -16.36
C TRP C 476 17.23 25.92 -16.76
N GLU C 477 17.42 24.79 -17.43
CA GLU C 477 18.75 24.40 -17.90
C GLU C 477 18.87 24.56 -19.41
N SER D 1 -10.64 -12.79 -29.41
CA SER D 1 -11.13 -11.57 -30.02
C SER D 1 -10.75 -10.35 -29.19
N GLN D 2 -10.45 -9.24 -29.87
CA GLN D 2 -10.06 -8.01 -29.21
C GLN D 2 -10.86 -6.84 -29.78
N GLN D 3 -11.25 -5.92 -28.90
CA GLN D 3 -11.90 -4.68 -29.29
C GLN D 3 -10.89 -3.55 -29.18
N VAL D 4 -10.75 -2.78 -30.27
CA VAL D 4 -9.72 -1.75 -30.32
C VAL D 4 -9.98 -0.64 -29.31
N ASP D 5 -11.21 -0.47 -28.84
CA ASP D 5 -11.50 0.55 -27.84
C ASP D 5 -11.25 0.06 -26.43
N LYS D 6 -11.31 -1.26 -26.20
CA LYS D 6 -11.18 -1.85 -24.87
C LYS D 6 -10.21 -3.02 -24.93
N ILE D 7 -9.04 -2.79 -25.51
CA ILE D 7 -8.02 -3.83 -25.62
C ILE D 7 -7.70 -4.37 -24.23
N LYS D 8 -7.71 -5.70 -24.11
CA LYS D 8 -7.51 -6.39 -22.85
C LYS D 8 -6.15 -7.06 -22.83
N ALA D 9 -5.44 -6.93 -21.72
CA ALA D 9 -4.19 -7.65 -21.52
C ALA D 9 -4.53 -9.09 -21.16
N SER D 10 -3.52 -9.88 -20.75
CA SER D 10 -3.74 -11.30 -20.45
C SER D 10 -4.92 -11.49 -19.50
N TYR D 11 -4.98 -10.68 -18.45
CA TYR D 11 -6.18 -10.56 -17.65
C TYR D 11 -6.94 -9.30 -18.08
N PRO D 12 -8.22 -9.40 -18.48
CA PRO D 12 -9.04 -10.60 -18.53
C PRO D 12 -9.26 -11.14 -19.94
N LEU D 13 -8.26 -11.07 -20.83
CA LEU D 13 -8.45 -11.65 -22.16
C LEU D 13 -8.61 -13.16 -22.08
N PHE D 14 -7.83 -13.82 -21.22
CA PHE D 14 -7.91 -15.27 -21.09
C PHE D 14 -9.10 -15.73 -20.26
N LEU D 15 -9.95 -14.80 -19.82
CA LEU D 15 -11.21 -15.12 -19.17
C LEU D 15 -12.37 -15.20 -20.16
N ASP D 16 -12.11 -14.97 -21.44
CA ASP D 16 -13.16 -15.05 -22.46
C ASP D 16 -13.62 -16.48 -22.65
N GLN D 17 -14.81 -16.63 -23.23
CA GLN D 17 -15.41 -17.96 -23.38
C GLN D 17 -14.59 -18.85 -24.30
N ASP D 18 -14.08 -18.29 -25.40
CA ASP D 18 -13.28 -19.10 -26.33
C ASP D 18 -11.99 -19.57 -25.68
N TYR D 19 -11.30 -18.68 -24.97
CA TYR D 19 -10.08 -19.07 -24.28
C TYR D 19 -10.37 -20.07 -23.17
N LYS D 20 -11.47 -19.87 -22.44
CA LYS D 20 -11.85 -20.82 -21.39
C LYS D 20 -12.12 -22.19 -21.97
N ASP D 21 -12.83 -22.26 -23.10
CA ASP D 21 -13.12 -23.54 -23.73
C ASP D 21 -11.84 -24.20 -24.25
N MET D 22 -10.94 -23.42 -24.84
CA MET D 22 -9.68 -23.99 -25.31
C MET D 22 -8.86 -24.55 -24.15
N LEU D 23 -8.79 -23.81 -23.04
CA LEU D 23 -8.05 -24.29 -21.88
C LEU D 23 -8.69 -25.52 -21.28
N ALA D 24 -10.03 -25.57 -21.25
CA ALA D 24 -10.71 -26.75 -20.75
C ALA D 24 -10.44 -27.96 -21.62
N LYS D 25 -10.44 -27.78 -22.95
CA LYS D 25 -10.11 -28.87 -23.84
C LYS D 25 -8.67 -29.33 -23.63
N LYS D 26 -7.75 -28.39 -23.46
CA LYS D 26 -6.36 -28.74 -23.21
C LYS D 26 -6.21 -29.55 -21.93
N ARG D 27 -6.92 -29.14 -20.88
CA ARG D 27 -6.83 -29.83 -19.60
C ARG D 27 -7.47 -31.21 -19.65
N ASP D 28 -8.63 -31.32 -20.28
CA ASP D 28 -9.38 -32.57 -20.29
C ASP D 28 -8.89 -33.55 -21.34
N GLY D 29 -8.07 -33.12 -22.29
CA GLY D 29 -7.65 -34.01 -23.35
C GLY D 29 -6.25 -34.56 -23.21
N PHE D 30 -5.31 -33.73 -22.77
CA PHE D 30 -3.89 -34.09 -22.81
C PHE D 30 -3.13 -33.84 -21.53
N GLU D 31 -3.60 -32.94 -20.66
CA GLU D 31 -2.86 -32.63 -19.44
C GLU D 31 -2.88 -33.77 -18.43
N GLU D 32 -3.86 -34.66 -18.52
CA GLU D 32 -4.01 -35.77 -17.57
C GLU D 32 -4.04 -35.25 -16.13
N LYS D 33 -4.78 -34.18 -15.93
CA LYS D 33 -4.85 -33.53 -14.63
C LYS D 33 -5.61 -34.39 -13.63
N TYR D 34 -5.25 -34.23 -12.36
CA TYR D 34 -5.98 -34.90 -11.30
C TYR D 34 -7.40 -34.34 -11.22
N PRO D 35 -8.36 -35.14 -10.75
CA PRO D 35 -9.73 -34.64 -10.63
C PRO D 35 -9.79 -33.45 -9.68
N GLN D 36 -10.71 -32.53 -9.96
CA GLN D 36 -10.81 -31.31 -9.17
C GLN D 36 -11.17 -31.59 -7.73
N ASP D 37 -12.01 -32.60 -7.48
CA ASP D 37 -12.30 -33.00 -6.11
C ASP D 37 -11.04 -33.50 -5.41
N LYS D 38 -10.19 -34.23 -6.13
CA LYS D 38 -8.95 -34.72 -5.56
C LYS D 38 -8.01 -33.57 -5.22
N ILE D 39 -7.92 -32.57 -6.11
CA ILE D 39 -7.09 -31.40 -5.86
C ILE D 39 -7.61 -30.63 -4.65
N ASP D 40 -8.94 -30.48 -4.55
CA ASP D 40 -9.53 -29.79 -3.41
C ASP D 40 -9.24 -30.53 -2.11
N GLU D 41 -9.34 -31.87 -2.13
CA GLU D 41 -9.03 -32.65 -0.95
C GLU D 41 -7.58 -32.49 -0.53
N VAL D 42 -6.66 -32.52 -1.50
CA VAL D 42 -5.25 -32.37 -1.16
C VAL D 42 -4.97 -30.98 -0.60
N PHE D 43 -5.57 -29.95 -1.20
CA PHE D 43 -5.39 -28.59 -0.70
C PHE D 43 -5.93 -28.45 0.72
N GLN D 44 -7.11 -29.03 0.99
CA GLN D 44 -7.66 -28.99 2.33
C GLN D 44 -6.74 -29.71 3.31
N TRP D 45 -6.13 -30.81 2.87
CA TRP D 45 -5.16 -31.51 3.70
C TRP D 45 -3.96 -30.63 4.02
N THR D 46 -3.48 -29.88 3.03
CA THR D 46 -2.31 -29.02 3.25
C THR D 46 -2.58 -27.88 4.22
N THR D 47 -3.84 -27.59 4.52
CA THR D 47 -4.19 -26.52 5.44
C THR D 47 -4.48 -27.02 6.85
N THR D 48 -4.28 -28.32 7.11
CA THR D 48 -4.57 -28.93 8.39
C THR D 48 -3.32 -28.94 9.26
N LYS D 49 -3.48 -29.41 10.50
CA LYS D 49 -2.35 -29.50 11.42
C LYS D 49 -1.49 -30.74 11.19
N GLU D 50 -2.08 -31.83 10.70
CA GLU D 50 -1.29 -33.01 10.37
C GLU D 50 -0.24 -32.67 9.31
N TYR D 51 -0.66 -31.92 8.29
CA TYR D 51 0.30 -31.44 7.31
C TYR D 51 1.33 -30.51 7.94
N GLN D 52 0.94 -29.79 9.01
CA GLN D 52 1.90 -28.91 9.66
C GLN D 52 2.98 -29.70 10.38
N GLU D 53 2.61 -30.77 11.09
CA GLU D 53 3.63 -31.65 11.68
C GLU D 53 4.48 -32.32 10.61
N LEU D 54 3.87 -32.73 9.50
CA LEU D 54 4.67 -33.33 8.43
C LEU D 54 5.63 -32.32 7.82
N ASN D 55 5.20 -31.06 7.70
CA ASN D 55 6.03 -30.03 7.10
C ASN D 55 7.16 -29.61 8.02
N PHE D 56 6.89 -29.52 9.32
CA PHE D 56 7.92 -29.09 10.28
C PHE D 56 8.90 -30.19 10.62
N GLN D 57 8.67 -31.42 10.16
CA GLN D 57 9.64 -32.50 10.28
C GLN D 57 10.68 -32.46 9.17
N ARG D 58 10.56 -31.51 8.24
CA ARG D 58 11.50 -31.40 7.13
C ARG D 58 12.90 -31.10 7.65
N GLU D 59 13.88 -31.81 7.09
CA GLU D 59 15.28 -31.59 7.44
C GLU D 59 16.21 -31.48 6.24
N ALA D 60 15.79 -31.92 5.05
CA ALA D 60 16.62 -31.81 3.86
C ALA D 60 15.98 -30.98 2.74
N LEU D 61 14.69 -30.73 2.80
CA LEU D 61 13.99 -29.99 1.75
C LEU D 61 13.69 -28.58 2.21
N THR D 62 13.97 -27.61 1.35
CA THR D 62 13.65 -26.21 1.59
C THR D 62 12.68 -25.73 0.51
N VAL D 63 11.54 -25.21 0.93
CA VAL D 63 10.50 -24.74 0.01
C VAL D 63 10.27 -23.26 0.27
N ASN D 64 10.46 -22.44 -0.77
CA ASN D 64 10.24 -21.00 -0.71
C ASN D 64 11.06 -20.37 0.42
N PRO D 65 12.38 -20.31 0.29
CA PRO D 65 13.20 -19.71 1.34
C PRO D 65 13.00 -18.21 1.44
N ALA D 66 13.46 -17.66 2.56
CA ALA D 66 13.39 -16.23 2.79
C ALA D 66 14.79 -15.66 2.97
N LYS D 67 15.73 -16.08 2.12
CA LYS D 67 17.11 -15.65 2.21
C LYS D 67 17.77 -15.78 0.85
N ALA D 68 18.91 -15.11 0.70
CA ALA D 68 19.69 -15.17 -0.53
C ALA D 68 21.12 -15.59 -0.22
N CYS D 69 22.01 -15.49 -1.20
CA CYS D 69 23.39 -15.88 -1.03
C CYS D 69 24.27 -14.68 -0.69
N GLN D 70 25.46 -14.97 -0.17
CA GLN D 70 26.36 -13.91 0.30
C GLN D 70 26.75 -12.90 -0.77
N PRO D 71 27.12 -13.30 -2.00
CA PRO D 71 27.58 -12.30 -2.97
C PRO D 71 26.57 -11.20 -3.28
N LEU D 72 25.27 -11.45 -3.11
CA LEU D 72 24.30 -10.37 -3.30
C LEU D 72 24.52 -9.26 -2.27
N GLY D 73 24.66 -9.64 -1.00
CA GLY D 73 24.96 -8.66 0.02
C GLY D 73 26.33 -8.03 -0.18
N ALA D 74 27.29 -8.80 -0.68
CA ALA D 74 28.60 -8.23 -0.97
C ALA D 74 28.51 -7.16 -2.06
N VAL D 75 27.71 -7.41 -3.09
CA VAL D 75 27.51 -6.43 -4.15
C VAL D 75 26.82 -5.19 -3.60
N LEU D 76 25.81 -5.38 -2.74
CA LEU D 76 25.13 -4.23 -2.14
C LEU D 76 26.10 -3.39 -1.31
N CYS D 77 26.97 -4.05 -0.55
CA CYS D 77 27.97 -3.32 0.23
C CYS D 77 28.96 -2.59 -0.68
N ALA D 78 29.39 -3.25 -1.77
CA ALA D 78 30.33 -2.61 -2.68
C ALA D 78 29.73 -1.41 -3.38
N LEU D 79 28.41 -1.43 -3.62
CA LEU D 79 27.76 -0.32 -4.30
C LEU D 79 27.76 0.96 -3.47
N GLY D 80 28.05 0.87 -2.18
CA GLY D 80 27.99 2.00 -1.28
C GLY D 80 29.25 2.84 -1.19
N PHE D 81 30.25 2.57 -2.02
CA PHE D 81 31.51 3.31 -1.99
C PHE D 81 31.68 4.09 -3.28
N GLU D 82 32.40 5.21 -3.18
CA GLU D 82 32.49 6.15 -4.29
C GLU D 82 33.24 5.54 -5.47
N LYS D 83 32.58 5.54 -6.64
CA LYS D 83 33.18 5.07 -7.89
C LYS D 83 33.75 3.67 -7.74
N THR D 84 33.03 2.82 -7.03
CA THR D 84 33.44 1.45 -6.76
C THR D 84 32.61 0.48 -7.58
N MET D 85 33.28 -0.43 -8.28
CA MET D 85 32.60 -1.44 -9.07
C MET D 85 32.57 -2.76 -8.31
N PRO D 86 31.39 -3.34 -8.09
CA PRO D 86 31.32 -4.71 -7.58
C PRO D 86 31.79 -5.70 -8.63
N TYR D 87 32.68 -6.59 -8.22
CA TYR D 87 33.32 -7.57 -9.11
C TYR D 87 33.22 -8.91 -8.42
N VAL D 88 32.43 -9.82 -8.98
CA VAL D 88 32.20 -11.12 -8.37
C VAL D 88 33.01 -12.16 -9.15
N HIS D 89 34.13 -12.58 -8.56
CA HIS D 89 34.98 -13.59 -9.16
C HIS D 89 34.25 -14.92 -9.18
N GLY D 90 33.81 -15.33 -10.37
CA GLY D 90 33.07 -16.57 -10.51
C GLY D 90 32.26 -16.55 -11.80
N SER D 91 31.18 -17.32 -11.78
CA SER D 91 30.34 -17.44 -12.97
C SER D 91 29.53 -16.16 -13.19
N GLN D 92 29.18 -15.93 -14.45
CA GLN D 92 28.48 -14.70 -14.82
C GLN D 92 26.98 -14.78 -14.55
N GLY D 93 26.42 -15.99 -14.51
CA GLY D 93 25.00 -16.13 -14.21
C GLY D 93 24.64 -15.61 -12.84
N CYS D 94 25.55 -15.77 -11.87
CA CYS D 94 25.34 -15.22 -10.54
C CYS D 94 25.20 -13.71 -10.60
N VAL D 95 26.09 -13.05 -11.35
CA VAL D 95 26.05 -11.59 -11.46
C VAL D 95 24.79 -11.15 -12.18
N ALA D 96 24.38 -11.89 -13.21
CA ALA D 96 23.13 -11.57 -13.91
C ALA D 96 21.95 -11.65 -12.95
N TYR D 97 21.90 -12.68 -12.12
CA TYR D 97 20.82 -12.82 -11.16
C TYR D 97 20.85 -11.71 -10.12
N PHE D 98 22.04 -11.34 -9.63
CA PHE D 98 22.14 -10.25 -8.66
C PHE D 98 21.61 -8.96 -9.26
N ARG D 99 22.03 -8.65 -10.48
CA ARG D 99 21.60 -7.43 -11.14
C ARG D 99 20.10 -7.44 -11.39
N SER D 100 19.54 -8.59 -11.80
CA SER D 100 18.10 -8.67 -12.01
C SER D 100 17.34 -8.46 -10.71
N TYR D 101 17.81 -9.08 -9.62
CA TYR D 101 17.17 -8.92 -8.32
C TYR D 101 17.15 -7.46 -7.89
N PHE D 102 18.32 -6.81 -7.94
CA PHE D 102 18.39 -5.43 -7.47
C PHE D 102 17.67 -4.48 -8.42
N ASN D 103 17.64 -4.78 -9.72
CA ASN D 103 16.88 -3.98 -10.67
C ASN D 103 15.39 -4.08 -10.40
N ARG D 104 14.89 -5.29 -10.12
CA ARG D 104 13.48 -5.44 -9.81
C ARG D 104 13.11 -4.78 -8.50
N HIS D 105 14.01 -4.80 -7.51
CA HIS D 105 13.66 -4.15 -6.24
C HIS D 105 13.76 -2.63 -6.33
N PHE D 106 14.94 -2.11 -6.68
CA PHE D 106 15.17 -0.67 -6.66
C PHE D 106 14.68 0.04 -7.92
N ARG D 107 14.42 -0.69 -8.99
CA ARG D 107 14.03 -0.10 -10.28
C ARG D 107 15.04 0.95 -10.74
N GLU D 108 16.32 0.62 -10.57
CA GLU D 108 17.44 1.47 -10.93
C GLU D 108 18.49 0.60 -11.62
N PRO D 109 19.34 1.20 -12.46
CA PRO D 109 20.48 0.46 -12.98
C PRO D 109 21.40 0.01 -11.86
N VAL D 110 21.90 -1.21 -11.96
CA VAL D 110 22.79 -1.79 -10.97
C VAL D 110 24.05 -2.28 -11.67
N SER D 111 25.20 -1.80 -11.20
CA SER D 111 26.47 -2.10 -11.82
C SER D 111 27.15 -3.26 -11.08
N CYS D 112 27.57 -4.27 -11.84
CA CYS D 112 28.24 -5.43 -11.29
C CYS D 112 28.88 -6.19 -12.43
N VAL D 113 30.11 -6.67 -12.22
CA VAL D 113 30.85 -7.36 -13.26
C VAL D 113 31.30 -8.72 -12.74
N SER D 114 31.65 -9.60 -13.68
CA SER D 114 32.16 -10.92 -13.39
C SER D 114 33.31 -11.23 -14.34
N ASP D 115 34.15 -12.18 -13.94
CA ASP D 115 35.23 -12.64 -14.80
C ASP D 115 34.81 -13.81 -15.68
N SER D 116 33.54 -14.21 -15.64
CA SER D 116 33.00 -15.28 -16.47
C SER D 116 33.80 -16.56 -16.28
N MET D 117 33.84 -17.03 -15.04
CA MET D 117 34.59 -18.25 -14.72
C MET D 117 33.89 -19.46 -15.34
N THR D 118 34.64 -20.25 -16.11
CA THR D 118 34.05 -21.27 -16.97
C THR D 118 34.75 -22.60 -16.67
N GLU D 119 34.44 -23.68 -17.40
CA GLU D 119 35.01 -25.00 -17.11
C GLU D 119 36.54 -24.95 -17.06
N ASP D 120 37.15 -24.12 -17.89
CA ASP D 120 38.60 -23.95 -17.84
C ASP D 120 39.04 -23.51 -16.46
N ALA D 121 38.34 -22.52 -15.89
CA ALA D 121 38.62 -22.09 -14.53
C ALA D 121 38.19 -23.11 -13.51
N ALA D 122 37.22 -23.96 -13.84
CA ALA D 122 36.87 -25.05 -12.93
C ALA D 122 37.99 -26.07 -12.81
N VAL D 123 38.78 -26.23 -13.87
CA VAL D 123 39.89 -27.19 -13.83
C VAL D 123 41.16 -26.53 -13.29
N PHE D 124 41.43 -25.29 -13.70
CA PHE D 124 42.70 -24.64 -13.41
C PHE D 124 42.61 -23.44 -12.47
N GLY D 125 41.42 -23.09 -11.98
CA GLY D 125 41.27 -21.90 -11.18
C GLY D 125 41.06 -20.66 -12.04
N GLY D 126 40.71 -19.57 -11.37
CA GLY D 126 40.37 -18.35 -12.07
C GLY D 126 41.42 -17.25 -11.97
N GLN D 127 42.70 -17.64 -11.97
CA GLN D 127 43.76 -16.64 -11.92
C GLN D 127 43.80 -15.80 -13.19
N GLN D 128 43.79 -16.47 -14.35
CA GLN D 128 43.72 -15.74 -15.62
C GLN D 128 42.41 -14.97 -15.73
N ASN D 129 41.31 -15.58 -15.28
CA ASN D 129 40.04 -14.88 -15.27
C ASN D 129 40.10 -13.63 -14.40
N MET D 130 40.72 -13.73 -13.23
CA MET D 130 40.84 -12.57 -12.35
C MET D 130 41.68 -11.47 -13.00
N LYS D 131 42.81 -11.84 -13.59
CA LYS D 131 43.67 -10.85 -14.23
C LYS D 131 42.92 -10.13 -15.36
N ASP D 132 42.33 -10.89 -16.28
CA ASP D 132 41.64 -10.30 -17.40
C ASP D 132 40.44 -9.46 -16.95
N GLY D 133 39.68 -9.97 -15.97
CA GLY D 133 38.52 -9.22 -15.50
C GLY D 133 38.91 -7.92 -14.85
N LEU D 134 39.94 -7.93 -14.00
CA LEU D 134 40.38 -6.70 -13.37
C LEU D 134 40.86 -5.69 -14.42
N GLN D 135 41.66 -6.15 -15.39
CA GLN D 135 42.16 -5.25 -16.41
C GLN D 135 41.03 -4.64 -17.22
N ASN D 136 40.09 -5.48 -17.68
CA ASN D 136 38.99 -4.99 -18.51
C ASN D 136 38.07 -4.07 -17.72
N CYS D 137 37.80 -4.41 -16.46
CA CYS D 137 36.93 -3.57 -15.63
C CYS D 137 37.56 -2.21 -15.40
N LYS D 138 38.86 -2.16 -15.12
CA LYS D 138 39.51 -0.87 -14.91
C LYS D 138 39.60 -0.07 -16.20
N ALA D 139 39.84 -0.73 -17.33
CA ALA D 139 40.00 0.00 -18.59
C ALA D 139 38.67 0.47 -19.16
N THR D 140 37.57 -0.24 -18.88
CA THR D 140 36.29 0.05 -19.51
C THR D 140 35.45 1.04 -18.70
N TYR D 141 35.15 0.71 -17.44
CA TYR D 141 34.24 1.48 -16.63
C TYR D 141 34.92 2.55 -15.78
N LYS D 142 36.25 2.60 -15.81
CA LYS D 142 37.03 3.61 -15.09
C LYS D 142 36.62 3.75 -13.62
N PRO D 143 36.68 2.68 -12.83
CA PRO D 143 36.33 2.80 -11.42
C PRO D 143 37.51 3.25 -10.58
N ASP D 144 37.20 3.96 -9.49
CA ASP D 144 38.23 4.31 -8.51
C ASP D 144 38.58 3.14 -7.62
N MET D 145 37.73 2.12 -7.56
CA MET D 145 37.96 0.95 -6.72
C MET D 145 37.18 -0.22 -7.28
N ILE D 146 37.73 -1.42 -7.11
CA ILE D 146 37.07 -2.65 -7.52
C ILE D 146 36.94 -3.53 -6.28
N ALA D 147 35.71 -3.80 -5.86
CA ALA D 147 35.46 -4.58 -4.66
C ALA D 147 35.09 -6.00 -5.07
N VAL D 148 35.92 -6.97 -4.68
CA VAL D 148 35.86 -8.33 -5.20
C VAL D 148 35.17 -9.23 -4.18
N SER D 149 34.15 -9.94 -4.62
CA SER D 149 33.50 -11.02 -3.90
C SER D 149 33.64 -12.31 -4.68
N THR D 150 33.01 -13.38 -4.18
CA THR D 150 33.09 -14.69 -4.84
C THR D 150 31.72 -15.32 -4.95
N THR D 151 31.59 -16.23 -5.91
CA THR D 151 30.42 -17.08 -6.05
C THR D 151 30.72 -18.45 -5.43
N CYS D 152 29.75 -19.36 -5.55
CA CYS D 152 29.91 -20.68 -4.95
C CYS D 152 31.01 -21.49 -5.63
N MET D 153 31.13 -21.37 -6.95
CA MET D 153 32.10 -22.18 -7.68
C MET D 153 33.53 -21.79 -7.33
N ALA D 154 33.80 -20.49 -7.18
CA ALA D 154 35.14 -20.04 -6.82
C ALA D 154 35.51 -20.48 -5.41
N GLU D 155 34.54 -20.44 -4.49
CA GLU D 155 34.80 -20.89 -3.13
C GLU D 155 34.98 -22.41 -3.06
N VAL D 156 34.30 -23.14 -3.94
CA VAL D 156 34.40 -24.60 -3.93
C VAL D 156 35.74 -25.04 -4.50
N ILE D 157 36.14 -24.47 -5.63
CA ILE D 157 37.43 -24.88 -6.21
C ILE D 157 38.60 -24.33 -5.41
N GLY D 158 38.37 -23.36 -4.54
CA GLY D 158 39.42 -22.85 -3.67
C GLY D 158 40.32 -21.82 -4.32
N ASP D 159 39.72 -20.75 -4.85
CA ASP D 159 40.49 -19.68 -5.46
C ASP D 159 40.93 -18.69 -4.40
N ASP D 160 42.23 -18.45 -4.30
CA ASP D 160 42.78 -17.52 -3.31
C ASP D 160 42.71 -16.11 -3.87
N LEU D 161 41.77 -15.32 -3.36
CA LEU D 161 41.59 -13.95 -3.86
C LEU D 161 42.83 -13.10 -3.64
N ASN D 162 43.43 -13.20 -2.45
CA ASN D 162 44.60 -12.38 -2.15
C ASN D 162 45.75 -12.66 -3.11
N ALA D 163 46.06 -13.95 -3.31
CA ALA D 163 47.15 -14.31 -4.21
C ALA D 163 46.83 -13.91 -5.65
N PHE D 164 45.58 -14.09 -6.07
CA PHE D 164 45.21 -13.76 -7.44
C PHE D 164 45.33 -12.26 -7.69
N ILE D 165 44.86 -11.44 -6.74
CA ILE D 165 44.95 -9.99 -6.92
C ILE D 165 46.39 -9.53 -6.85
N ASN D 166 47.19 -10.13 -5.95
CA ASN D 166 48.60 -9.76 -5.88
C ASN D 166 49.32 -10.11 -7.18
N ASN D 167 49.03 -11.27 -7.75
CA ASN D 167 49.64 -11.65 -9.02
C ASN D 167 49.18 -10.73 -10.15
N SER D 168 47.92 -10.32 -10.14
CA SER D 168 47.43 -9.38 -11.14
C SER D 168 48.17 -8.05 -11.04
N LYS D 169 48.40 -7.57 -9.82
CA LYS D 169 49.14 -6.33 -9.63
C LYS D 169 50.60 -6.48 -10.02
N LYS D 170 51.21 -7.64 -9.75
CA LYS D 170 52.63 -7.83 -10.05
C LYS D 170 52.89 -7.92 -11.54
N GLU D 171 51.98 -8.50 -12.30
CA GLU D 171 52.16 -8.70 -13.74
C GLU D 171 51.68 -7.51 -14.56
N GLY D 172 51.28 -6.42 -13.91
CA GLY D 172 50.95 -5.20 -14.62
C GLY D 172 49.55 -5.11 -15.17
N PHE D 173 48.67 -6.07 -14.84
CA PHE D 173 47.29 -5.99 -15.31
C PHE D 173 46.58 -4.80 -14.69
N ILE D 174 46.85 -4.51 -13.42
CA ILE D 174 46.30 -3.33 -12.76
C ILE D 174 47.45 -2.63 -12.03
N PRO D 175 47.37 -1.32 -11.81
CA PRO D 175 48.43 -0.64 -11.07
C PRO D 175 48.57 -1.19 -9.65
N ASP D 176 49.81 -1.16 -9.15
CA ASP D 176 50.07 -1.68 -7.80
C ASP D 176 49.36 -0.89 -6.72
N GLU D 177 49.06 0.38 -6.97
CA GLU D 177 48.41 1.24 -5.99
C GLU D 177 46.90 1.30 -6.14
N PHE D 178 46.34 0.61 -7.12
CA PHE D 178 44.90 0.64 -7.33
C PHE D 178 44.20 -0.15 -6.23
N PRO D 179 43.23 0.45 -5.53
CA PRO D 179 42.57 -0.26 -4.43
C PRO D 179 41.66 -1.38 -4.92
N VAL D 180 41.99 -2.62 -4.55
CA VAL D 180 41.16 -3.78 -4.91
C VAL D 180 40.86 -4.58 -3.64
N PRO D 181 39.96 -4.11 -2.79
CA PRO D 181 39.57 -4.92 -1.62
C PRO D 181 38.82 -6.17 -2.05
N PHE D 182 38.97 -7.22 -1.26
CA PHE D 182 38.36 -8.50 -1.57
C PHE D 182 37.73 -9.09 -0.32
N ALA D 183 36.80 -10.02 -0.54
CA ALA D 183 36.16 -10.73 0.55
C ALA D 183 35.70 -12.09 0.05
N HIS D 184 35.96 -13.12 0.84
CA HIS D 184 35.47 -14.46 0.54
C HIS D 184 34.03 -14.57 1.02
N THR D 185 33.11 -14.83 0.09
CA THR D 185 31.67 -14.85 0.37
C THR D 185 31.11 -16.19 -0.10
N PRO D 186 31.29 -17.26 0.67
CA PRO D 186 30.74 -18.56 0.29
C PRO D 186 29.22 -18.54 0.37
N SER D 187 28.57 -18.87 -0.75
CA SER D 187 27.11 -18.82 -0.81
C SER D 187 26.46 -19.88 0.06
N PHE D 188 27.20 -20.90 0.47
CA PHE D 188 26.66 -21.98 1.30
C PHE D 188 26.82 -21.70 2.79
N VAL D 189 27.33 -20.53 3.16
CA VAL D 189 27.48 -20.12 4.55
C VAL D 189 26.67 -18.85 4.76
N GLY D 190 25.77 -18.88 5.74
CA GLY D 190 24.99 -17.69 6.04
C GLY D 190 24.05 -17.29 4.93
N SER D 191 23.83 -15.99 4.80
CA SER D 191 22.92 -15.44 3.80
C SER D 191 23.53 -14.16 3.26
N HIS D 192 22.71 -13.36 2.58
CA HIS D 192 23.20 -12.13 1.95
C HIS D 192 23.75 -11.14 2.98
N VAL D 193 23.16 -11.11 4.17
CA VAL D 193 23.67 -10.22 5.21
C VAL D 193 25.09 -10.62 5.63
N THR D 194 25.37 -11.93 5.66
CA THR D 194 26.73 -12.38 5.92
C THR D 194 27.68 -11.92 4.81
N GLY D 195 27.20 -11.91 3.57
CA GLY D 195 28.01 -11.40 2.48
C GLY D 195 28.30 -9.92 2.62
N TRP D 196 27.29 -9.14 3.03
CA TRP D 196 27.52 -7.72 3.30
C TRP D 196 28.56 -7.55 4.39
N ASP D 197 28.46 -8.33 5.47
CA ASP D 197 29.43 -8.24 6.55
C ASP D 197 30.84 -8.57 6.05
N ASN D 198 30.96 -9.64 5.26
CA ASN D 198 32.28 -10.03 4.75
C ASN D 198 32.87 -8.96 3.84
N MET D 199 32.05 -8.39 2.95
CA MET D 199 32.54 -7.36 2.05
C MET D 199 32.98 -6.12 2.81
N PHE D 200 32.18 -5.68 3.79
CA PHE D 200 32.55 -4.51 4.57
C PHE D 200 33.82 -4.75 5.37
N GLU D 201 33.94 -5.93 5.98
CA GLU D 201 35.16 -6.23 6.74
C GLU D 201 36.37 -6.28 5.82
N GLY D 202 36.22 -6.83 4.62
CA GLY D 202 37.34 -6.86 3.68
C GLY D 202 37.77 -5.46 3.26
N ILE D 203 36.80 -4.59 2.97
CA ILE D 203 37.13 -3.23 2.57
C ILE D 203 37.81 -2.48 3.71
N ALA D 204 37.26 -2.61 4.92
CA ALA D 204 37.86 -1.93 6.08
C ALA D 204 39.27 -2.46 6.35
N ARG D 205 39.46 -3.77 6.24
CA ARG D 205 40.79 -4.34 6.37
C ARG D 205 41.74 -3.73 5.34
N TYR D 206 41.35 -3.76 4.07
CA TYR D 206 42.21 -3.25 3.01
C TYR D 206 42.61 -1.80 3.26
N PHE D 207 41.69 -1.00 3.78
CA PHE D 207 41.98 0.42 3.91
C PHE D 207 42.61 0.81 5.25
N THR D 208 42.54 -0.03 6.29
CA THR D 208 42.99 0.39 7.60
C THR D 208 43.96 -0.55 8.30
N LEU D 209 44.14 -1.79 7.86
CA LEU D 209 44.88 -2.76 8.66
C LEU D 209 46.36 -2.41 8.74
N LYS D 210 46.94 -1.89 7.66
CA LYS D 210 48.39 -1.67 7.59
C LYS D 210 48.78 -0.23 7.86
N SER D 211 47.85 0.60 8.34
CA SER D 211 48.15 2.00 8.63
C SER D 211 47.53 2.40 9.97
N MET D 212 47.62 1.53 10.96
CA MET D 212 47.05 1.79 12.28
C MET D 212 48.05 2.43 13.23
N ASP D 213 49.30 2.64 12.81
CA ASP D 213 50.31 3.19 13.71
C ASP D 213 50.19 4.70 13.89
N ASP D 214 49.43 5.39 13.04
CA ASP D 214 49.24 6.82 13.14
C ASP D 214 47.79 7.20 13.41
N LYS D 215 46.97 6.26 13.86
CA LYS D 215 45.56 6.49 14.11
C LYS D 215 45.33 6.68 15.61
N VAL D 216 44.65 7.77 15.97
CA VAL D 216 44.28 8.05 17.35
C VAL D 216 42.77 8.15 17.43
N VAL D 217 42.17 7.42 18.36
CA VAL D 217 40.72 7.38 18.46
C VAL D 217 40.20 8.74 18.89
N GLY D 218 39.21 9.25 18.16
CA GLY D 218 38.63 10.55 18.45
C GLY D 218 39.36 11.73 17.86
N SER D 219 40.27 11.51 16.92
CA SER D 219 41.02 12.62 16.34
C SER D 219 40.13 13.53 15.52
N ASN D 220 39.33 12.95 14.63
CA ASN D 220 38.45 13.73 13.76
C ASN D 220 37.10 14.04 14.41
N LYS D 221 36.86 13.54 15.62
CA LYS D 221 35.65 13.87 16.38
C LYS D 221 34.38 13.52 15.61
N LYS D 222 34.38 12.36 14.96
CA LYS D 222 33.25 11.87 14.19
C LYS D 222 32.87 10.48 14.66
N ILE D 223 31.69 10.03 14.27
CA ILE D 223 31.18 8.71 14.61
C ILE D 223 30.93 7.94 13.33
N ASN D 224 31.53 6.76 13.23
CA ASN D 224 31.33 5.91 12.07
C ASN D 224 30.01 5.16 12.19
N ILE D 225 29.22 5.17 11.12
CA ILE D 225 27.93 4.50 11.07
C ILE D 225 28.01 3.42 10.00
N VAL D 226 27.81 2.18 10.40
CA VAL D 226 27.79 1.03 9.49
C VAL D 226 26.34 0.56 9.38
N PRO D 227 25.66 0.83 8.25
CA PRO D 227 24.23 0.51 8.18
C PRO D 227 23.92 -0.96 7.95
N GLY D 228 24.86 -1.75 7.45
CA GLY D 228 24.58 -3.12 7.13
C GLY D 228 23.78 -3.25 5.85
N PHE D 229 23.23 -4.45 5.66
CA PHE D 229 22.41 -4.73 4.47
C PHE D 229 21.10 -3.99 4.61
N GLU D 230 21.00 -2.84 3.94
CA GLU D 230 19.82 -2.01 3.99
C GLU D 230 19.34 -1.75 2.57
N THR D 231 18.05 -2.02 2.31
CA THR D 231 17.47 -1.86 0.99
C THR D 231 16.38 -0.80 0.97
N TYR D 232 16.31 0.04 2.01
CA TYR D 232 15.39 1.17 2.05
C TYR D 232 16.22 2.44 1.90
N LEU D 233 15.93 3.22 0.85
CA LEU D 233 16.68 4.44 0.61
C LEU D 233 16.42 5.47 1.70
N GLY D 234 15.24 5.45 2.32
CA GLY D 234 14.95 6.36 3.40
C GLY D 234 15.70 6.07 4.68
N ASN D 235 16.13 4.83 4.87
CA ASN D 235 16.86 4.48 6.08
C ASN D 235 18.26 5.10 6.09
N PHE D 236 18.90 5.17 4.92
CA PHE D 236 20.18 5.86 4.83
C PHE D 236 20.04 7.35 5.10
N ARG D 237 18.92 7.94 4.67
CA ARG D 237 18.73 9.38 4.78
C ARG D 237 18.27 9.79 6.17
N VAL D 238 17.48 8.96 6.85
CA VAL D 238 16.98 9.35 8.17
C VAL D 238 18.11 9.40 9.18
N ILE D 239 19.07 8.48 9.08
CA ILE D 239 20.20 8.48 9.99
C ILE D 239 21.03 9.75 9.79
N LYS D 240 21.30 10.09 8.53
CA LYS D 240 22.07 11.29 8.23
C LYS D 240 21.34 12.55 8.69
N ARG D 241 20.02 12.60 8.47
CA ARG D 241 19.25 13.76 8.90
C ARG D 241 19.24 13.91 10.42
N MET D 242 19.05 12.81 11.14
CA MET D 242 19.02 12.88 12.60
C MET D 242 20.39 13.25 13.15
N LEU D 243 21.46 12.74 12.54
CA LEU D 243 22.81 13.09 13.01
C LEU D 243 23.16 14.52 12.68
N SER D 244 22.71 15.04 11.54
CA SER D 244 22.95 16.43 11.21
C SER D 244 22.15 17.36 12.11
N GLU D 245 20.93 16.98 12.46
CA GLU D 245 20.14 17.79 13.39
C GLU D 245 20.81 17.86 14.75
N MET D 246 21.38 16.75 15.20
CA MET D 246 22.10 16.72 16.47
C MET D 246 23.41 17.51 16.43
N GLY D 247 23.87 17.91 15.26
CA GLY D 247 25.17 18.55 15.15
C GLY D 247 26.32 17.58 15.31
N VAL D 248 26.09 16.31 15.01
CA VAL D 248 27.10 15.27 15.23
C VAL D 248 27.83 15.01 13.91
N GLY D 249 29.16 15.13 13.94
CA GLY D 249 29.95 14.73 12.80
C GLY D 249 29.93 13.22 12.65
N TYR D 250 29.69 12.74 11.42
CA TYR D 250 29.54 11.32 11.18
C TYR D 250 30.17 10.95 9.85
N SER D 251 30.49 9.67 9.70
CA SER D 251 30.99 9.11 8.46
C SER D 251 30.17 7.86 8.15
N LEU D 252 29.19 8.00 7.26
CA LEU D 252 28.33 6.87 6.88
C LEU D 252 29.12 6.00 5.91
N LEU D 253 29.71 4.93 6.42
CA LEU D 253 30.47 4.00 5.60
C LEU D 253 29.53 3.13 4.78
N SER D 254 29.84 2.96 3.50
CA SER D 254 29.00 2.19 2.57
C SER D 254 27.59 2.79 2.47
N ASP D 255 27.55 4.00 1.92
CA ASP D 255 26.31 4.73 1.72
C ASP D 255 25.88 4.65 0.25
N PRO D 256 25.00 3.73 -0.13
CA PRO D 256 24.62 3.58 -1.55
C PRO D 256 23.38 4.37 -1.93
N GLU D 257 22.91 5.26 -1.06
CA GLU D 257 21.64 5.94 -1.31
C GLU D 257 21.67 6.82 -2.55
N GLU D 258 22.85 7.26 -2.99
CA GLU D 258 22.95 8.15 -4.14
C GLU D 258 22.97 7.39 -5.46
N VAL D 259 23.69 6.26 -5.53
CA VAL D 259 23.75 5.51 -6.77
C VAL D 259 22.46 4.74 -7.03
N LEU D 260 21.64 4.54 -6.01
CA LEU D 260 20.37 3.84 -6.15
C LEU D 260 19.20 4.80 -6.30
N ASP D 261 19.47 6.10 -6.41
CA ASP D 261 18.43 7.10 -6.62
C ASP D 261 18.89 8.14 -7.62
N THR D 262 19.50 7.69 -8.71
CA THR D 262 20.02 8.61 -9.71
C THR D 262 18.88 9.29 -10.45
N PRO D 263 18.91 10.62 -10.58
CA PRO D 263 17.84 11.31 -11.31
C PRO D 263 17.85 10.98 -12.78
N ALA D 264 16.66 11.03 -13.39
CA ALA D 264 16.50 10.79 -14.82
C ALA D 264 16.51 12.14 -15.53
N ASP D 265 17.68 12.52 -16.03
CA ASP D 265 17.84 13.79 -16.74
C ASP D 265 18.48 13.61 -18.11
N GLY D 266 18.25 12.46 -18.75
CA GLY D 266 18.82 12.19 -20.05
C GLY D 266 20.25 11.73 -20.04
N GLN D 267 20.85 11.52 -18.87
CA GLN D 267 22.22 11.09 -18.74
C GLN D 267 22.29 9.90 -17.78
N PHE D 268 23.08 8.90 -18.14
CA PHE D 268 23.24 7.69 -17.33
C PHE D 268 24.51 7.84 -16.50
N ARG D 269 24.36 7.72 -15.18
CA ARG D 269 25.48 7.79 -14.24
C ARG D 269 25.73 6.41 -13.67
N MET D 270 26.89 5.84 -13.98
CA MET D 270 27.26 4.55 -13.39
C MET D 270 27.57 4.70 -11.91
N TYR D 271 28.20 5.80 -11.52
CA TYR D 271 28.58 6.06 -10.15
C TYR D 271 27.97 7.37 -9.68
N ALA D 272 27.55 7.41 -8.42
CA ALA D 272 26.96 8.61 -7.84
C ALA D 272 27.09 8.53 -6.32
N GLY D 273 27.79 9.49 -5.74
CA GLY D 273 27.94 9.56 -4.30
C GLY D 273 28.72 8.37 -3.76
N GLY D 274 28.40 8.00 -2.53
CA GLY D 274 29.03 6.87 -1.87
C GLY D 274 30.16 7.30 -0.94
N THR D 275 30.58 6.34 -0.11
CA THR D 275 31.67 6.59 0.81
C THR D 275 32.98 6.75 0.07
N THR D 276 33.72 7.82 0.39
CA THR D 276 35.00 8.06 -0.24
C THR D 276 36.08 7.20 0.40
N GLN D 277 37.19 7.02 -0.32
CA GLN D 277 38.30 6.24 0.21
C GLN D 277 38.98 6.96 1.37
N GLU D 278 38.94 8.30 1.38
CA GLU D 278 39.52 9.05 2.49
C GLU D 278 38.72 8.82 3.78
N GLU D 279 37.39 8.70 3.66
CA GLU D 279 36.57 8.41 4.84
C GLU D 279 36.91 7.05 5.41
N MET D 280 37.12 6.05 4.55
CA MET D 280 37.51 4.73 5.02
C MET D 280 38.91 4.76 5.64
N LYS D 281 39.84 5.48 5.03
CA LYS D 281 41.20 5.53 5.55
C LYS D 281 41.27 6.30 6.87
N ASP D 282 40.38 7.27 7.06
CA ASP D 282 40.32 8.05 8.29
C ASP D 282 39.32 7.48 9.29
N ALA D 283 38.68 6.36 8.98
CA ALA D 283 37.71 5.77 9.88
C ALA D 283 38.25 5.42 11.26
N PRO D 284 39.45 4.83 11.41
CA PRO D 284 39.93 4.51 12.77
C PRO D 284 40.11 5.72 13.67
N ASN D 285 40.18 6.92 13.11
CA ASN D 285 40.34 8.14 13.90
C ASN D 285 39.04 8.59 14.56
N ALA D 286 37.93 7.93 14.28
CA ALA D 286 36.63 8.33 14.80
C ALA D 286 36.54 8.08 16.29
N LEU D 287 35.59 8.78 16.94
CA LEU D 287 35.36 8.58 18.36
C LEU D 287 34.88 7.16 18.64
N ASN D 288 33.97 6.65 17.82
CA ASN D 288 33.41 5.33 18.00
C ASN D 288 32.76 4.91 16.69
N THR D 289 32.38 3.63 16.63
CA THR D 289 31.68 3.07 15.48
C THR D 289 30.38 2.46 15.95
N VAL D 290 29.27 2.90 15.35
CA VAL D 290 27.94 2.42 15.70
C VAL D 290 27.45 1.55 14.55
N LEU D 291 27.09 0.30 14.86
CA LEU D 291 26.57 -0.64 13.89
C LEU D 291 25.05 -0.60 13.95
N LEU D 292 24.42 -0.24 12.84
CA LEU D 292 22.96 -0.11 12.82
C LEU D 292 22.28 -1.46 12.89
N GLN D 293 22.90 -2.50 12.35
CA GLN D 293 22.34 -3.86 12.33
C GLN D 293 23.38 -4.80 12.92
N PRO D 294 23.51 -4.83 14.24
CA PRO D 294 24.60 -5.59 14.87
C PRO D 294 24.49 -7.10 14.72
N TRP D 295 23.30 -7.64 14.43
CA TRP D 295 23.14 -9.09 14.44
C TRP D 295 23.64 -9.78 13.18
N HIS D 296 24.01 -9.02 12.16
CA HIS D 296 24.74 -9.59 11.03
C HIS D 296 26.06 -8.90 10.78
N LEU D 297 26.37 -7.84 11.52
CA LEU D 297 27.68 -7.19 11.47
C LEU D 297 28.55 -7.68 12.62
N GLU D 298 28.84 -8.98 12.61
CA GLU D 298 29.63 -9.58 13.67
C GLU D 298 31.13 -9.58 13.36
N LYS D 299 31.50 -9.97 12.14
CA LYS D 299 32.90 -9.89 11.72
C LYS D 299 33.36 -8.44 11.67
N THR D 300 32.48 -7.54 11.21
CA THR D 300 32.80 -6.12 11.24
C THR D 300 33.01 -5.63 12.66
N LYS D 301 32.16 -6.06 13.59
CA LYS D 301 32.32 -5.67 14.99
C LYS D 301 33.64 -6.17 15.55
N LYS D 302 34.00 -7.42 15.24
CA LYS D 302 35.25 -7.98 15.71
C LYS D 302 36.44 -7.19 15.17
N PHE D 303 36.41 -6.85 13.88
CA PHE D 303 37.51 -6.08 13.31
C PHE D 303 37.60 -4.69 13.91
N VAL D 304 36.46 -4.02 14.10
CA VAL D 304 36.47 -2.67 14.62
C VAL D 304 36.96 -2.65 16.07
N GLU D 305 36.51 -3.61 16.88
CA GLU D 305 36.92 -3.64 18.27
C GLU D 305 38.37 -4.09 18.43
N GLY D 306 38.84 -4.97 17.55
CA GLY D 306 40.19 -5.50 17.67
C GLY D 306 41.27 -4.62 17.06
N THR D 307 41.00 -4.07 15.87
CA THR D 307 41.98 -3.28 15.15
C THR D 307 41.81 -1.78 15.41
N TRP D 308 40.61 -1.25 15.16
CA TRP D 308 40.38 0.18 15.35
C TRP D 308 40.36 0.58 16.81
N LYS D 309 40.28 -0.39 17.73
CA LYS D 309 40.25 -0.13 19.17
C LYS D 309 39.08 0.77 19.55
N HIS D 310 37.93 0.52 18.94
CA HIS D 310 36.71 1.27 19.23
C HIS D 310 35.79 0.46 20.13
N GLU D 311 35.31 1.09 21.19
CA GLU D 311 34.35 0.46 22.10
C GLU D 311 32.97 0.58 21.48
N VAL D 312 32.65 -0.39 20.61
CA VAL D 312 31.39 -0.39 19.88
C VAL D 312 30.24 -0.54 20.87
N PRO D 313 29.32 0.41 20.94
CA PRO D 313 28.21 0.30 21.89
C PRO D 313 27.29 -0.87 21.56
N LYS D 314 26.70 -1.44 22.61
CA LYS D 314 25.75 -2.54 22.46
C LYS D 314 24.37 -1.95 22.24
N LEU D 315 24.13 -1.53 21.00
CA LEU D 315 22.88 -0.89 20.61
C LEU D 315 22.09 -1.82 19.69
N ASN D 316 20.77 -1.84 19.90
CA ASN D 316 19.90 -2.52 18.96
C ASN D 316 19.67 -1.64 17.74
N ILE D 317 18.98 -2.20 16.75
CA ILE D 317 18.68 -1.42 15.54
C ILE D 317 17.78 -0.24 15.91
N PRO D 318 18.05 0.98 15.44
CA PRO D 318 17.20 2.11 15.80
C PRO D 318 15.83 2.03 15.17
N MET D 319 15.05 1.02 15.54
CA MET D 319 13.73 0.77 14.99
C MET D 319 12.70 0.86 16.11
N GLY D 320 11.67 1.68 15.90
CA GLY D 320 10.64 1.85 16.90
C GLY D 320 10.85 3.08 17.75
N LEU D 321 10.35 3.05 18.99
CA LEU D 321 10.41 4.19 19.90
C LEU D 321 11.53 4.05 20.92
N ASP D 322 11.53 2.96 21.69
CA ASP D 322 12.54 2.78 22.73
C ASP D 322 13.94 2.65 22.15
N TRP D 323 14.10 1.88 21.07
CA TRP D 323 15.42 1.65 20.52
C TRP D 323 15.96 2.89 19.83
N THR D 324 15.10 3.66 19.17
CA THR D 324 15.52 4.95 18.63
C THR D 324 15.97 5.89 19.74
N ASP D 325 15.23 5.89 20.85
CA ASP D 325 15.63 6.71 22.00
C ASP D 325 17.00 6.30 22.51
N GLU D 326 17.23 4.98 22.65
CA GLU D 326 18.52 4.51 23.12
C GLU D 326 19.64 4.85 22.16
N PHE D 327 19.39 4.73 20.85
CA PHE D 327 20.39 5.10 19.86
C PHE D 327 20.74 6.57 19.94
N LEU D 328 19.72 7.43 20.09
CA LEU D 328 19.99 8.86 20.21
C LEU D 328 20.76 9.19 21.48
N MET D 329 20.40 8.54 22.60
CA MET D 329 21.14 8.79 23.84
C MET D 329 22.59 8.35 23.72
N LYS D 330 22.83 7.18 23.09
CA LYS D 330 24.20 6.72 22.94
C LYS D 330 25.00 7.63 22.02
N VAL D 331 24.38 8.12 20.94
CA VAL D 331 25.06 9.05 20.05
C VAL D 331 25.39 10.35 20.79
N SER D 332 24.45 10.84 21.59
CA SER D 332 24.71 12.04 22.38
C SER D 332 25.84 11.83 23.38
N GLU D 333 25.87 10.66 24.02
CA GLU D 333 26.92 10.38 25.00
C GLU D 333 28.28 10.28 24.33
N ILE D 334 28.34 9.63 23.16
CA ILE D 334 29.63 9.47 22.48
C ILE D 334 30.12 10.82 21.95
N SER D 335 29.24 11.59 21.31
CA SER D 335 29.63 12.84 20.68
C SER D 335 29.62 14.03 21.64
N GLY D 336 28.87 13.96 22.72
CA GLY D 336 28.73 15.09 23.62
C GLY D 336 27.73 16.13 23.18
N GLN D 337 27.02 15.90 22.09
CA GLN D 337 26.03 16.84 21.56
C GLN D 337 24.67 16.55 22.16
N PRO D 338 24.02 17.53 22.79
CA PRO D 338 22.68 17.30 23.34
C PRO D 338 21.66 17.06 22.24
N ILE D 339 20.64 16.28 22.57
CA ILE D 339 19.57 15.97 21.63
C ILE D 339 18.74 17.23 21.41
N PRO D 340 18.58 17.70 20.18
CA PRO D 340 17.90 18.97 19.94
C PRO D 340 16.40 18.88 20.18
N ALA D 341 15.76 20.04 20.18
CA ALA D 341 14.32 20.11 20.40
C ALA D 341 13.55 19.53 19.22
N SER D 342 14.13 19.57 18.01
CA SER D 342 13.45 19.03 16.84
C SER D 342 13.24 17.52 16.98
N LEU D 343 14.25 16.80 17.46
CA LEU D 343 14.11 15.36 17.65
C LEU D 343 13.10 15.04 18.75
N THR D 344 13.09 15.85 19.81
CA THR D 344 12.08 15.66 20.86
C THR D 344 10.68 15.88 20.32
N LYS D 345 10.50 16.90 19.48
CA LYS D 345 9.19 17.14 18.88
C LYS D 345 8.80 16.00 17.94
N GLU D 346 9.76 15.46 17.19
CA GLU D 346 9.47 14.32 16.33
C GLU D 346 9.06 13.10 17.14
N ARG D 347 9.75 12.84 18.25
CA ARG D 347 9.36 11.73 19.12
C ARG D 347 7.97 11.96 19.70
N GLY D 348 7.67 13.19 20.11
CA GLY D 348 6.35 13.48 20.62
C GLY D 348 5.26 13.28 19.58
N ARG D 349 5.54 13.66 18.34
CA ARG D 349 4.58 13.44 17.26
C ARG D 349 4.38 11.96 16.99
N LEU D 350 5.46 11.18 17.06
CA LEU D 350 5.32 9.73 16.91
C LEU D 350 4.46 9.14 18.03
N VAL D 351 4.69 9.58 19.26
CA VAL D 351 3.88 9.09 20.38
C VAL D 351 2.42 9.52 20.21
N ASP D 352 2.20 10.71 19.67
CA ASP D 352 0.85 11.17 19.39
C ASP D 352 0.16 10.28 18.37
N MET D 353 0.88 9.90 17.31
CA MET D 353 0.31 8.99 16.33
C MET D 353 0.01 7.63 16.96
N MET D 354 0.90 7.16 17.84
CA MET D 354 0.64 5.90 18.53
C MET D 354 -0.63 5.97 19.36
N THR D 355 -0.82 7.08 20.10
CA THR D 355 -2.03 7.23 20.90
C THR D 355 -3.26 7.34 20.02
N ASP D 356 -3.15 8.02 18.87
CA ASP D 356 -4.29 8.12 17.97
C ASP D 356 -4.70 6.77 17.40
N SER D 357 -3.73 5.91 17.05
CA SER D 357 -4.02 4.67 16.36
C SER D 357 -4.05 3.45 17.28
N HIS D 358 -3.87 3.63 18.60
CA HIS D 358 -3.85 2.48 19.49
C HIS D 358 -5.19 1.73 19.51
N THR D 359 -6.30 2.43 19.31
CA THR D 359 -7.60 1.76 19.37
C THR D 359 -7.76 0.75 18.25
N TRP D 360 -7.09 0.96 17.12
CA TRP D 360 -7.13 0.03 16.00
C TRP D 360 -5.96 -0.94 15.97
N LEU D 361 -4.81 -0.53 16.50
CA LEU D 361 -3.62 -1.37 16.44
C LEU D 361 -3.57 -2.41 17.56
N HIS D 362 -4.22 -2.14 18.70
CA HIS D 362 -4.08 -3.02 19.85
C HIS D 362 -4.74 -4.37 19.59
N GLY D 363 -4.05 -5.43 20.01
CA GLY D 363 -4.60 -6.77 19.94
C GLY D 363 -4.49 -7.46 18.60
N LYS D 364 -3.93 -6.80 17.59
CA LYS D 364 -3.81 -7.40 16.27
C LYS D 364 -2.70 -8.44 16.26
N ARG D 365 -2.91 -9.50 15.48
CA ARG D 365 -1.98 -10.62 15.40
C ARG D 365 -1.25 -10.60 14.07
N PHE D 366 0.08 -10.64 14.13
CA PHE D 366 0.93 -10.49 12.96
C PHE D 366 1.88 -11.68 12.85
N ALA D 367 2.10 -12.13 11.62
CA ALA D 367 3.13 -13.10 11.28
C ALA D 367 4.14 -12.38 10.39
N LEU D 368 5.34 -12.16 10.89
CA LEU D 368 6.32 -11.34 10.20
C LEU D 368 7.57 -12.14 9.88
N TRP D 369 8.25 -11.76 8.80
CA TRP D 369 9.52 -12.40 8.47
C TRP D 369 10.44 -11.42 7.77
N GLY D 370 11.72 -11.77 7.73
CA GLY D 370 12.73 -10.92 7.13
C GLY D 370 14.09 -11.21 7.74
N ASP D 371 14.96 -10.20 7.68
CA ASP D 371 16.30 -10.28 8.23
C ASP D 371 16.27 -10.20 9.75
N PRO D 372 17.30 -10.73 10.43
CA PRO D 372 17.28 -10.75 11.91
C PRO D 372 17.09 -9.40 12.56
N ASP D 373 17.92 -8.41 12.22
CA ASP D 373 17.81 -7.10 12.85
C ASP D 373 16.48 -6.43 12.51
N PHE D 374 16.07 -6.48 11.24
CA PHE D 374 14.81 -5.89 10.84
C PHE D 374 13.64 -6.57 11.54
N VAL D 375 13.68 -7.91 11.62
CA VAL D 375 12.59 -8.64 12.26
C VAL D 375 12.51 -8.30 13.74
N MET D 376 13.65 -8.24 14.42
CA MET D 376 13.64 -7.94 15.85
C MET D 376 13.19 -6.51 16.11
N GLY D 377 13.59 -5.56 15.26
CA GLY D 377 13.11 -4.21 15.40
C GLY D 377 11.61 -4.09 15.16
N LEU D 378 11.10 -4.80 14.16
CA LEU D 378 9.68 -4.81 13.90
C LEU D 378 8.91 -5.45 15.05
N VAL D 379 9.46 -6.51 15.64
CA VAL D 379 8.84 -7.15 16.79
C VAL D 379 8.78 -6.17 17.97
N LYS D 380 9.87 -5.45 18.21
CA LYS D 380 9.89 -4.47 19.30
C LYS D 380 8.86 -3.38 19.06
N PHE D 381 8.77 -2.88 17.83
CA PHE D 381 7.79 -1.85 17.53
C PHE D 381 6.36 -2.36 17.69
N LEU D 382 6.10 -3.59 17.24
CA LEU D 382 4.78 -4.18 17.38
C LEU D 382 4.40 -4.34 18.85
N LEU D 383 5.37 -4.77 19.68
CA LEU D 383 5.12 -4.85 21.12
C LEU D 383 4.85 -3.48 21.71
N GLU D 384 5.57 -2.45 21.25
CA GLU D 384 5.30 -1.09 21.72
C GLU D 384 3.93 -0.58 21.26
N LEU D 385 3.40 -1.11 20.16
CA LEU D 385 2.11 -0.69 19.63
C LEU D 385 0.94 -1.48 20.22
N GLY D 386 1.20 -2.45 21.10
CA GLY D 386 0.16 -3.30 21.62
C GLY D 386 -0.22 -4.45 20.72
N CYS D 387 0.41 -4.58 19.55
CA CYS D 387 0.14 -5.70 18.66
C CYS D 387 0.77 -6.97 19.20
N GLU D 388 0.30 -8.10 18.68
CA GLU D 388 0.76 -9.41 19.12
C GLU D 388 1.42 -10.17 17.98
N PRO D 389 2.75 -10.13 17.85
CA PRO D 389 3.43 -10.97 16.87
C PRO D 389 3.33 -12.43 17.28
N VAL D 390 2.69 -13.24 16.44
CA VAL D 390 2.43 -14.64 16.78
C VAL D 390 3.36 -15.59 16.04
N HIS D 391 3.87 -15.22 14.86
CA HIS D 391 4.75 -16.08 14.08
C HIS D 391 5.94 -15.25 13.63
N ILE D 392 7.02 -15.28 14.41
CA ILE D 392 8.25 -14.56 14.09
C ILE D 392 9.18 -15.54 13.40
N LEU D 393 9.35 -15.38 12.09
CA LEU D 393 10.12 -16.30 11.28
C LEU D 393 11.35 -15.59 10.72
N CYS D 394 12.52 -16.24 10.83
CA CYS D 394 13.76 -15.70 10.31
C CYS D 394 14.58 -16.87 9.77
N HIS D 395 14.60 -17.01 8.44
CA HIS D 395 15.32 -18.13 7.83
C HIS D 395 16.82 -18.06 8.08
N ASN D 396 17.37 -16.84 8.16
CA ASN D 396 18.81 -16.65 8.33
C ASN D 396 19.17 -16.24 9.75
N GLY D 397 18.35 -16.63 10.72
CA GLY D 397 18.66 -16.36 12.11
C GLY D 397 19.38 -17.51 12.78
N ASN D 398 20.00 -17.21 13.92
CA ASN D 398 20.73 -18.19 14.72
C ASN D 398 20.07 -18.34 16.09
N LYS D 399 20.68 -19.17 16.93
CA LYS D 399 20.11 -19.45 18.23
C LYS D 399 20.29 -18.29 19.21
N ARG D 400 21.41 -17.56 19.12
CA ARG D 400 21.60 -16.40 19.98
C ARG D 400 20.59 -15.30 19.65
N TRP D 401 20.34 -15.07 18.36
CA TRP D 401 19.32 -14.11 17.96
C TRP D 401 17.95 -14.54 18.43
N LYS D 402 17.65 -15.84 18.33
CA LYS D 402 16.37 -16.35 18.82
C LYS D 402 16.22 -16.13 20.32
N LYS D 403 17.29 -16.37 21.07
CA LYS D 403 17.26 -16.13 22.51
C LYS D 403 17.05 -14.66 22.83
N ALA D 404 17.70 -13.77 22.08
CA ALA D 404 17.51 -12.34 22.30
C ALA D 404 16.06 -11.93 22.01
N VAL D 405 15.50 -12.44 20.91
CA VAL D 405 14.11 -12.09 20.58
C VAL D 405 13.15 -12.67 21.61
N ASP D 406 13.44 -13.87 22.12
CA ASP D 406 12.61 -14.45 23.17
C ASP D 406 12.68 -13.61 24.44
N ALA D 407 13.87 -13.10 24.77
CA ALA D 407 14.01 -12.22 25.93
C ALA D 407 13.21 -10.93 25.73
N ILE D 408 13.23 -10.38 24.51
CA ILE D 408 12.44 -9.19 24.22
C ILE D 408 10.96 -9.48 24.36
N LEU D 409 10.51 -10.62 23.85
CA LEU D 409 9.09 -10.97 23.93
C LEU D 409 8.65 -11.20 25.37
N ALA D 410 9.50 -11.85 26.18
CA ALA D 410 9.14 -12.13 27.57
C ALA D 410 9.08 -10.87 28.41
N ALA D 411 9.64 -9.76 27.93
CA ALA D 411 9.58 -8.49 28.65
C ALA D 411 8.31 -7.72 28.37
N SER D 412 7.43 -8.23 27.53
CA SER D 412 6.19 -7.55 27.18
C SER D 412 5.00 -8.47 27.39
N PRO D 413 3.87 -7.94 27.87
CA PRO D 413 2.67 -8.77 28.02
C PRO D 413 2.10 -9.26 26.70
N TYR D 414 2.47 -8.65 25.58
CA TYR D 414 1.92 -8.98 24.27
C TYR D 414 2.73 -10.05 23.54
N GLY D 415 3.80 -10.56 24.14
CA GLY D 415 4.58 -11.61 23.53
C GLY D 415 4.27 -12.98 24.08
N LYS D 416 3.13 -13.10 24.77
CA LYS D 416 2.76 -14.37 25.39
C LYS D 416 2.51 -15.45 24.34
N ASN D 417 1.83 -15.11 23.24
CA ASN D 417 1.51 -16.06 22.19
C ASN D 417 2.48 -15.95 21.02
N ALA D 418 3.74 -15.66 21.30
CA ALA D 418 4.76 -15.45 20.29
C ALA D 418 5.71 -16.62 20.23
N THR D 419 5.99 -17.10 19.02
CA THR D 419 6.97 -18.16 18.79
C THR D 419 7.96 -17.69 17.74
N VAL D 420 9.24 -17.88 18.02
CA VAL D 420 10.31 -17.47 17.11
C VAL D 420 10.82 -18.69 16.38
N TYR D 421 10.84 -18.62 15.06
CA TYR D 421 11.29 -19.71 14.21
C TYR D 421 12.54 -19.29 13.46
N ILE D 422 13.59 -20.11 13.54
CA ILE D 422 14.84 -19.87 12.84
C ILE D 422 15.14 -21.08 11.97
N GLY D 423 15.61 -20.83 10.76
CA GLY D 423 15.85 -21.90 9.82
C GLY D 423 14.62 -22.44 9.13
N LYS D 424 13.48 -21.79 9.29
CA LYS D 424 12.23 -22.20 8.66
C LYS D 424 11.93 -21.27 7.50
N ASP D 425 11.46 -21.84 6.39
CA ASP D 425 11.19 -21.11 5.18
C ASP D 425 9.72 -20.65 5.16
N LEU D 426 9.29 -20.11 4.02
CA LEU D 426 7.94 -19.57 3.92
C LEU D 426 6.88 -20.66 3.80
N TRP D 427 7.27 -21.88 3.40
CA TRP D 427 6.30 -22.97 3.39
C TRP D 427 5.91 -23.36 4.82
N HIS D 428 6.85 -23.23 5.77
CA HIS D 428 6.51 -23.39 7.17
C HIS D 428 5.54 -22.31 7.63
N LEU D 429 5.78 -21.06 7.21
CA LEU D 429 4.90 -19.97 7.60
C LEU D 429 3.51 -20.13 7.01
N ARG D 430 3.40 -20.74 5.83
CA ARG D 430 2.09 -21.01 5.26
C ARG D 430 1.27 -21.91 6.17
N SER D 431 1.87 -23.00 6.66
CA SER D 431 1.19 -23.87 7.60
C SER D 431 0.91 -23.15 8.91
N LEU D 432 1.84 -22.30 9.36
CA LEU D 432 1.64 -21.58 10.61
C LEU D 432 0.44 -20.64 10.52
N VAL D 433 0.30 -19.90 9.41
CA VAL D 433 -0.83 -18.99 9.25
C VAL D 433 -2.11 -19.72 8.87
N PHE D 434 -2.01 -20.97 8.41
CA PHE D 434 -3.22 -21.75 8.20
C PHE D 434 -3.76 -22.36 9.48
N THR D 435 -2.89 -22.87 10.35
CA THR D 435 -3.36 -23.51 11.57
C THR D 435 -3.64 -22.49 12.66
N ASP D 436 -2.72 -21.56 12.90
CA ASP D 436 -2.89 -20.49 13.86
C ASP D 436 -2.98 -19.18 13.08
N LYS D 437 -4.19 -18.83 12.67
CA LYS D 437 -4.39 -17.73 11.75
C LYS D 437 -4.10 -16.39 12.43
N PRO D 438 -3.17 -15.60 11.92
CA PRO D 438 -2.99 -14.23 12.41
C PRO D 438 -3.89 -13.26 11.65
N ASP D 439 -3.90 -12.01 12.12
CA ASP D 439 -4.65 -10.99 11.41
C ASP D 439 -3.96 -10.57 10.13
N PHE D 440 -2.62 -10.47 10.15
CA PHE D 440 -1.90 -10.02 8.97
C PHE D 440 -0.54 -10.70 8.93
N MET D 441 0.10 -10.67 7.76
CA MET D 441 1.53 -10.96 7.68
C MET D 441 2.28 -9.68 7.31
N ILE D 442 3.54 -9.62 7.71
CA ILE D 442 4.43 -8.52 7.35
C ILE D 442 5.69 -9.13 6.75
N GLY D 443 5.92 -8.87 5.46
CA GLY D 443 7.08 -9.43 4.81
C GLY D 443 7.23 -8.92 3.39
N ASN D 444 8.13 -9.56 2.65
CA ASN D 444 8.41 -9.16 1.29
C ASN D 444 7.32 -9.65 0.33
N SER D 445 7.55 -9.44 -0.96
CA SER D 445 6.56 -9.82 -1.96
C SER D 445 6.33 -11.32 -2.03
N TYR D 446 7.28 -12.13 -1.55
CA TYR D 446 7.13 -13.57 -1.62
C TYR D 446 5.96 -14.07 -0.78
N GLY D 447 5.48 -13.27 0.16
CA GLY D 447 4.28 -13.62 0.90
C GLY D 447 2.99 -13.45 0.15
N LYS D 448 3.02 -12.75 -0.99
CA LYS D 448 1.81 -12.54 -1.78
C LYS D 448 1.18 -13.86 -2.21
N PHE D 449 1.98 -14.92 -2.32
CA PHE D 449 1.44 -16.23 -2.65
C PHE D 449 0.73 -16.87 -1.47
N ILE D 450 1.25 -16.66 -0.25
CA ILE D 450 0.59 -17.19 0.93
C ILE D 450 -0.80 -16.62 1.07
N GLN D 451 -0.94 -15.30 0.88
CA GLN D 451 -2.26 -14.69 0.87
C GLN D 451 -3.15 -15.27 -0.22
N ARG D 452 -2.56 -15.70 -1.33
CA ARG D 452 -3.34 -16.37 -2.36
C ARG D 452 -3.85 -17.72 -1.86
N ASP D 453 -3.03 -18.43 -1.09
CA ASP D 453 -3.42 -19.75 -0.60
C ASP D 453 -4.54 -19.64 0.43
N THR D 454 -4.39 -18.73 1.39
CA THR D 454 -5.40 -18.57 2.44
C THR D 454 -6.74 -18.18 1.84
N LEU D 455 -6.74 -17.25 0.88
CA LEU D 455 -7.98 -16.87 0.21
C LEU D 455 -8.62 -18.06 -0.49
N HIS D 456 -7.81 -19.04 -0.92
CA HIS D 456 -8.39 -20.23 -1.53
C HIS D 456 -9.19 -21.04 -0.51
N LYS D 457 -8.76 -21.06 0.76
CA LYS D 457 -9.55 -21.69 1.79
C LYS D 457 -10.86 -20.96 2.00
N GLY D 458 -10.84 -19.63 1.95
CA GLY D 458 -12.02 -18.83 2.12
C GLY D 458 -11.66 -17.41 2.46
N LYS D 459 -12.62 -16.51 2.25
CA LYS D 459 -12.40 -15.11 2.56
C LYS D 459 -12.21 -14.89 4.06
N GLU D 460 -12.89 -15.67 4.89
CA GLU D 460 -12.74 -15.56 6.34
C GLU D 460 -11.36 -16.04 6.80
N PHE D 461 -10.69 -16.88 6.01
CA PHE D 461 -9.37 -17.39 6.35
C PHE D 461 -8.24 -16.61 5.69
N GLU D 462 -8.56 -15.59 4.89
CA GLU D 462 -7.52 -14.84 4.20
C GLU D 462 -6.70 -14.02 5.19
N VAL D 463 -5.39 -14.02 4.99
CA VAL D 463 -4.46 -13.24 5.78
C VAL D 463 -3.79 -12.23 4.87
N PRO D 464 -4.16 -10.95 4.96
CA PRO D 464 -3.56 -9.94 4.08
C PRO D 464 -2.08 -9.75 4.38
N LEU D 465 -1.34 -9.36 3.34
CA LEU D 465 0.10 -9.14 3.43
C LEU D 465 0.40 -7.65 3.45
N ILE D 466 1.36 -7.26 4.29
CA ILE D 466 1.88 -5.91 4.34
C ILE D 466 3.34 -5.97 3.92
N ARG D 467 3.69 -5.25 2.87
CA ARG D 467 5.00 -5.35 2.23
C ARG D 467 5.97 -4.41 2.93
N ILE D 468 6.66 -4.94 3.94
CA ILE D 468 7.73 -4.24 4.63
C ILE D 468 8.91 -5.21 4.70
N GLY D 469 9.93 -4.98 3.88
CA GLY D 469 11.09 -5.84 3.86
C GLY D 469 11.72 -5.83 2.48
N PHE D 470 12.46 -6.90 2.20
CA PHE D 470 13.18 -7.06 0.95
C PHE D 470 13.06 -8.50 0.48
N PRO D 471 12.79 -8.72 -0.81
CA PRO D 471 12.54 -7.73 -1.85
C PRO D 471 11.06 -7.48 -2.12
N ILE D 472 10.69 -6.26 -2.49
CA ILE D 472 9.33 -5.93 -2.86
C ILE D 472 9.30 -5.74 -4.37
N PHE D 473 8.60 -6.63 -5.07
CA PHE D 473 8.58 -6.64 -6.52
C PHE D 473 7.26 -6.20 -7.12
N ASP D 474 6.14 -6.44 -6.42
CA ASP D 474 4.82 -6.17 -6.97
C ASP D 474 4.31 -4.77 -6.65
N ARG D 475 5.13 -3.94 -6.01
CA ARG D 475 4.76 -2.55 -5.74
C ARG D 475 5.90 -1.65 -6.20
N HIS D 476 5.54 -0.40 -6.48
CA HIS D 476 6.48 0.58 -7.03
C HIS D 476 6.90 1.59 -5.97
N HIS D 477 8.19 1.90 -5.94
CA HIS D 477 8.77 2.99 -5.17
C HIS D 477 8.62 2.80 -3.66
N LEU D 478 8.40 1.56 -3.21
CA LEU D 478 8.40 1.30 -1.77
C LEU D 478 9.81 1.25 -1.18
N HIS D 479 10.83 1.14 -2.03
CA HIS D 479 12.21 1.16 -1.56
C HIS D 479 12.63 2.53 -1.04
N ARG D 480 11.86 3.58 -1.33
CA ARG D 480 12.13 4.92 -0.82
C ARG D 480 11.56 5.14 0.57
N SER D 481 10.88 4.14 1.14
CA SER D 481 10.30 4.29 2.46
C SER D 481 11.39 4.23 3.53
N THR D 482 11.00 4.58 4.75
CA THR D 482 11.90 4.58 5.90
C THR D 482 11.37 3.62 6.95
N THR D 483 12.27 2.86 7.56
CA THR D 483 11.92 1.99 8.67
C THR D 483 12.70 2.29 9.94
N LEU D 484 13.75 3.11 9.87
CA LEU D 484 14.56 3.44 11.01
C LEU D 484 14.16 4.79 11.60
N GLY D 485 14.39 4.94 12.89
CA GLY D 485 14.14 6.20 13.55
C GLY D 485 12.65 6.49 13.74
N TYR D 486 12.40 7.72 14.21
CA TYR D 486 11.02 8.15 14.44
C TYR D 486 10.24 8.23 13.13
N GLU D 487 10.88 8.73 12.06
CA GLU D 487 10.20 8.83 10.78
C GLU D 487 9.79 7.45 10.26
N GLY D 488 10.71 6.48 10.35
CA GLY D 488 10.38 5.12 9.95
C GLY D 488 9.29 4.52 10.83
N ALA D 489 9.32 4.84 12.13
CA ALA D 489 8.27 4.35 13.02
C ALA D 489 6.90 4.91 12.63
N MET D 490 6.82 6.20 12.32
CA MET D 490 5.56 6.77 11.87
C MET D 490 5.10 6.15 10.56
N GLN D 491 6.03 5.93 9.62
CA GLN D 491 5.63 5.33 8.36
C GLN D 491 5.09 3.91 8.57
N ILE D 492 5.76 3.12 9.41
CA ILE D 492 5.31 1.77 9.68
C ILE D 492 3.97 1.77 10.38
N LEU D 493 3.80 2.66 11.37
CA LEU D 493 2.53 2.75 12.08
C LEU D 493 1.40 3.12 11.13
N THR D 494 1.64 4.11 10.26
CA THR D 494 0.62 4.51 9.30
C THR D 494 0.27 3.36 8.37
N THR D 495 1.28 2.65 7.89
CA THR D 495 1.02 1.51 7.00
C THR D 495 0.17 0.45 7.71
N LEU D 496 0.53 0.12 8.95
CA LEU D 496 -0.19 -0.92 9.68
C LEU D 496 -1.64 -0.52 9.94
N VAL D 497 -1.85 0.68 10.49
CA VAL D 497 -3.21 1.09 10.84
C VAL D 497 -4.05 1.26 9.59
N ASN D 498 -3.47 1.79 8.51
CA ASN D 498 -4.24 1.95 7.29
C ASN D 498 -4.55 0.63 6.63
N SER D 499 -3.64 -0.35 6.71
CA SER D 499 -3.95 -1.68 6.19
C SER D 499 -5.09 -2.31 6.97
N ILE D 500 -5.07 -2.18 8.30
CA ILE D 500 -6.18 -2.67 9.11
C ILE D 500 -7.48 -1.99 8.68
N LEU D 501 -7.43 -0.68 8.41
CA LEU D 501 -8.63 0.04 8.03
C LEU D 501 -9.14 -0.36 6.65
N GLU D 502 -8.25 -0.60 5.68
CA GLU D 502 -8.70 -1.10 4.38
C GLU D 502 -9.33 -2.48 4.53
N ARG D 503 -8.74 -3.35 5.36
CA ARG D 503 -9.34 -4.66 5.57
C ARG D 503 -10.73 -4.53 6.18
N LEU D 504 -10.88 -3.65 7.17
CA LEU D 504 -12.20 -3.45 7.78
C LEU D 504 -13.20 -2.88 6.78
N ASP D 505 -12.76 -1.94 5.94
CA ASP D 505 -13.64 -1.37 4.93
C ASP D 505 -14.08 -2.43 3.92
N GLU D 506 -13.15 -3.27 3.48
CA GLU D 506 -13.49 -4.32 2.52
C GLU D 506 -14.45 -5.33 3.15
N GLU D 507 -14.24 -5.69 4.41
CA GLU D 507 -15.09 -6.67 5.06
C GLU D 507 -16.49 -6.13 5.35
N THR D 508 -16.67 -4.81 5.33
CA THR D 508 -17.94 -4.19 5.68
C THR D 508 -18.53 -3.39 4.53
N ARG D 509 -18.20 -3.76 3.29
CA ARG D 509 -18.70 -3.06 2.12
C ARG D 509 -19.93 -3.73 1.50
N GLY D 510 -20.40 -4.83 2.09
CA GLY D 510 -21.56 -5.52 1.55
C GLY D 510 -22.84 -4.77 1.87
N MET D 511 -23.57 -4.34 0.85
CA MET D 511 -24.81 -3.60 1.06
C MET D 511 -25.87 -4.49 1.70
N GLN D 512 -26.51 -3.97 2.75
CA GLN D 512 -27.56 -4.64 3.51
C GLN D 512 -27.10 -5.91 4.19
N ALA D 513 -25.80 -6.23 4.11
CA ALA D 513 -25.25 -7.41 4.77
C ALA D 513 -24.25 -7.03 5.86
N THR D 514 -23.22 -6.24 5.53
CA THR D 514 -22.21 -5.84 6.48
C THR D 514 -21.94 -4.34 6.45
N ASP D 515 -22.74 -3.56 5.72
CA ASP D 515 -22.49 -2.14 5.56
C ASP D 515 -22.96 -1.31 6.75
N TYR D 516 -23.58 -1.93 7.76
CA TYR D 516 -23.90 -1.18 8.96
C TYR D 516 -22.66 -0.69 9.67
N ASN D 517 -21.55 -1.40 9.52
CA ASN D 517 -20.27 -1.02 10.11
C ASN D 517 -19.40 -0.23 9.15
N HIS D 518 -19.91 0.09 7.96
CA HIS D 518 -19.16 0.88 6.98
C HIS D 518 -19.18 2.35 7.40
N ASP D 519 -18.52 2.61 8.53
CA ASP D 519 -18.55 3.93 9.13
C ASP D 519 -17.71 4.92 8.33
N LEU D 520 -18.21 6.14 8.19
CA LEU D 520 -17.44 7.19 7.54
C LEU D 520 -16.22 7.58 8.37
N VAL D 521 -16.41 7.75 9.69
CA VAL D 521 -15.33 8.13 10.59
C VAL D 521 -14.80 6.87 11.25
N ARG D 522 -13.50 6.64 11.12
CA ARG D 522 -12.88 5.44 11.67
C ARG D 522 -11.52 5.77 12.28
N MET E 1 53.27 -42.62 -35.37
CA MET E 1 53.95 -41.94 -36.46
C MET E 1 54.57 -40.61 -36.01
N SER E 2 54.21 -39.52 -36.69
CA SER E 2 54.84 -38.23 -36.45
C SER E 2 53.82 -37.15 -36.08
N TRP E 3 52.54 -37.41 -36.29
CA TRP E 3 51.50 -36.40 -36.06
C TRP E 3 50.52 -36.88 -34.99
N ARG E 4 49.86 -35.93 -34.36
CA ARG E 4 48.79 -36.19 -33.40
C ARG E 4 47.63 -35.25 -33.67
N ILE E 5 46.41 -35.74 -33.43
CA ILE E 5 45.19 -35.00 -33.69
C ILE E 5 44.34 -35.03 -32.43
N LEU E 6 43.88 -33.86 -31.99
CA LEU E 6 42.90 -33.76 -30.92
C LEU E 6 41.52 -33.64 -31.56
N LEU E 7 40.64 -34.60 -31.25
CA LEU E 7 39.34 -34.69 -31.89
C LEU E 7 38.28 -34.05 -31.00
N CYS E 8 37.63 -33.02 -31.51
CA CYS E 8 36.66 -32.25 -30.75
C CYS E 8 35.38 -32.10 -31.57
N HIS E 9 34.31 -31.71 -30.88
CA HIS E 9 33.05 -31.39 -31.54
C HIS E 9 32.40 -30.26 -30.76
N LYS E 10 32.07 -29.17 -31.45
CA LYS E 10 31.47 -27.99 -30.85
C LYS E 10 30.10 -27.76 -31.49
N HIS E 11 29.08 -27.64 -30.65
CA HIS E 11 27.74 -27.36 -31.16
C HIS E 11 27.68 -25.92 -31.67
N PRO E 12 27.16 -25.69 -32.88
CA PRO E 12 27.08 -24.31 -33.39
C PRO E 12 26.22 -23.39 -32.54
N VAL E 13 25.21 -23.93 -31.86
CA VAL E 13 24.27 -23.10 -31.10
C VAL E 13 24.74 -22.98 -29.66
N SER E 14 24.84 -24.11 -28.96
CA SER E 14 25.14 -24.11 -27.53
C SER E 14 26.64 -24.05 -27.23
N ALA E 15 27.49 -24.24 -28.23
CA ALA E 15 28.94 -24.22 -28.06
C ALA E 15 29.40 -25.23 -27.00
N ARG E 16 28.91 -26.47 -27.13
CA ARG E 16 29.31 -27.55 -26.24
C ARG E 16 30.53 -28.23 -26.82
N LEU E 17 31.68 -28.08 -26.18
CA LEU E 17 32.92 -28.68 -26.64
C LEU E 17 33.07 -30.06 -26.00
N ARG E 18 32.76 -31.09 -26.76
CA ARG E 18 33.01 -32.46 -26.34
C ARG E 18 34.26 -32.99 -27.04
N PHE E 19 35.01 -33.83 -26.34
CA PHE E 19 36.27 -34.35 -26.84
C PHE E 19 36.20 -35.86 -26.97
N LEU E 20 36.56 -36.37 -28.15
CA LEU E 20 36.56 -37.80 -28.42
C LEU E 20 37.95 -38.32 -28.10
N ILE E 21 38.08 -38.98 -26.95
CA ILE E 21 39.39 -39.39 -26.46
C ILE E 21 39.39 -40.87 -26.12
N PRO E 22 40.54 -41.56 -26.21
CA PRO E 22 40.55 -42.99 -25.91
C PRO E 22 40.20 -43.29 -24.46
N THR E 23 39.54 -44.43 -24.24
CA THR E 23 39.18 -44.84 -22.90
C THR E 23 40.35 -45.45 -22.13
N GLY E 24 41.43 -45.81 -22.82
CA GLY E 24 42.60 -46.37 -22.18
C GLY E 24 43.58 -45.36 -21.61
N GLY E 25 43.27 -44.07 -21.73
CA GLY E 25 44.13 -43.01 -21.27
C GLY E 25 44.49 -42.06 -22.40
N GLY E 26 45.24 -41.03 -22.04
CA GLY E 26 45.65 -40.07 -23.05
C GLY E 26 44.49 -39.19 -23.50
N VAL E 27 44.82 -38.27 -24.41
CA VAL E 27 43.85 -37.33 -24.94
C VAL E 27 43.97 -37.27 -26.46
N VAL E 28 45.01 -37.92 -27.00
CA VAL E 28 45.38 -37.79 -28.39
C VAL E 28 44.99 -39.06 -29.14
N LEU E 29 44.67 -38.89 -30.45
CA LEU E 29 44.35 -39.95 -31.39
C LEU E 29 45.45 -40.05 -32.45
N PRO E 30 45.71 -41.26 -32.98
CA PRO E 30 45.06 -42.55 -32.66
C PRO E 30 45.71 -43.25 -31.46
N GLN E 31 47.02 -43.11 -31.27
CA GLN E 31 47.70 -43.72 -30.14
C GLN E 31 48.01 -42.68 -29.08
N THR E 32 48.41 -43.18 -27.91
CA THR E 32 48.76 -42.29 -26.81
C THR E 32 50.12 -41.63 -27.06
N LEU E 33 50.37 -40.55 -26.33
CA LEU E 33 51.60 -39.81 -26.51
C LEU E 33 52.78 -40.54 -25.85
N PRO E 34 53.99 -40.30 -26.33
CA PRO E 34 55.17 -40.84 -25.63
C PRO E 34 55.29 -40.26 -24.24
N ARG E 35 55.89 -41.05 -23.34
CA ARG E 35 55.88 -40.72 -21.92
C ARG E 35 56.64 -39.44 -21.62
N LEU E 36 57.70 -39.15 -22.37
CA LEU E 36 58.59 -38.03 -22.05
C LEU E 36 58.16 -36.74 -22.75
N ALA E 37 57.10 -36.79 -23.55
CA ALA E 37 56.67 -35.62 -24.31
C ALA E 37 56.36 -34.44 -23.40
N VAL E 38 56.93 -33.28 -23.72
CA VAL E 38 56.66 -32.04 -23.02
C VAL E 38 56.35 -30.96 -24.05
N ILE E 39 55.69 -29.89 -23.60
CA ILE E 39 55.30 -28.81 -24.49
C ILE E 39 56.54 -28.05 -24.92
N ALA E 40 56.71 -27.88 -26.23
CA ALA E 40 57.86 -27.15 -26.77
C ALA E 40 57.43 -25.81 -27.35
N CYS E 49 54.53 -34.47 -43.31
CA CYS E 49 53.17 -34.81 -43.73
C CYS E 49 52.24 -33.61 -43.60
N HIS E 50 51.35 -33.45 -44.59
CA HIS E 50 50.37 -32.38 -44.54
C HIS E 50 49.41 -32.60 -43.38
N PRO E 51 48.95 -31.53 -42.73
CA PRO E 51 47.91 -31.69 -41.70
C PRO E 51 46.64 -32.32 -42.25
N ALA E 52 46.26 -31.98 -43.49
CA ALA E 52 45.11 -32.64 -44.11
C ALA E 52 45.41 -34.11 -44.39
N SER E 53 46.66 -34.42 -44.75
CA SER E 53 47.05 -35.82 -44.88
C SER E 53 46.93 -36.56 -43.56
N ALA E 54 47.32 -35.91 -42.46
CA ALA E 54 47.14 -36.51 -41.15
C ALA E 54 45.67 -36.74 -40.83
N LEU E 55 44.82 -35.75 -41.15
CA LEU E 55 43.39 -35.89 -40.89
C LEU E 55 42.81 -37.05 -41.69
N ARG E 56 43.15 -37.16 -42.98
CA ARG E 56 42.59 -38.23 -43.79
C ARG E 56 43.14 -39.58 -43.37
N ALA E 57 44.40 -39.64 -42.95
CA ALA E 57 44.96 -40.89 -42.44
C ALA E 57 44.25 -41.33 -41.18
N LEU E 58 43.98 -40.39 -40.27
CA LEU E 58 43.24 -40.73 -39.06
C LEU E 58 41.83 -41.19 -39.39
N GLN E 59 41.19 -40.54 -40.35
CA GLN E 59 39.84 -40.94 -40.75
C GLN E 59 39.84 -42.35 -41.34
N GLU E 60 40.87 -42.68 -42.13
CA GLU E 60 40.94 -44.00 -42.75
C GLU E 60 41.24 -45.09 -41.72
N THR E 61 42.20 -44.84 -40.83
CA THR E 61 42.63 -45.90 -39.92
C THR E 61 41.59 -46.14 -38.82
N MET E 62 40.84 -45.11 -38.44
CA MET E 62 39.84 -45.23 -37.38
C MET E 62 38.44 -45.43 -37.93
N ALA E 63 38.30 -45.60 -39.25
CA ALA E 63 37.00 -45.81 -39.90
C ALA E 63 36.01 -44.70 -39.55
N LEU E 64 36.49 -43.45 -39.60
CA LEU E 64 35.66 -42.29 -39.32
C LEU E 64 35.01 -41.83 -40.62
N GLY E 65 33.70 -42.04 -40.75
CA GLY E 65 32.98 -41.62 -41.93
C GLY E 65 32.19 -40.34 -41.70
N TRP E 66 32.78 -39.40 -40.98
CA TRP E 66 32.13 -38.14 -40.63
C TRP E 66 32.82 -36.98 -41.35
N GLN E 67 32.31 -35.77 -41.09
CA GLN E 67 32.84 -34.55 -41.70
C GLN E 67 33.78 -33.90 -40.68
N LEU E 68 35.07 -34.14 -40.88
CA LEU E 68 36.10 -33.60 -39.99
C LEU E 68 36.86 -32.48 -40.68
N GLU E 69 36.92 -31.33 -40.02
CA GLU E 69 37.62 -30.16 -40.53
C GLU E 69 38.82 -29.85 -39.64
N LEU E 70 39.80 -29.16 -40.22
CA LEU E 70 41.06 -28.85 -39.55
C LEU E 70 41.02 -27.42 -39.02
N ILE E 71 41.19 -27.26 -37.71
CA ILE E 71 41.34 -25.94 -37.12
C ILE E 71 42.80 -25.53 -37.33
N GLY E 72 43.07 -24.78 -38.40
CA GLY E 72 44.44 -24.44 -38.73
C GLY E 72 45.08 -23.51 -37.73
N GLU E 73 44.28 -22.71 -37.03
CA GLU E 73 44.84 -21.81 -36.02
C GLU E 73 45.47 -22.60 -34.87
N PHE E 74 44.81 -23.66 -34.43
CA PHE E 74 45.36 -24.49 -33.35
C PHE E 74 46.49 -25.33 -33.92
N ARG E 75 47.71 -24.82 -33.77
CA ARG E 75 48.93 -25.59 -34.04
C ARG E 75 49.69 -25.65 -32.72
N LEU E 76 50.04 -26.87 -32.31
CA LEU E 76 50.96 -27.01 -31.19
C LEU E 76 52.09 -27.94 -31.60
N ASN E 77 53.22 -27.81 -30.92
CA ASN E 77 54.35 -28.68 -31.21
C ASN E 77 55.02 -29.09 -29.91
N MET E 78 55.02 -30.38 -29.62
CA MET E 78 55.71 -30.89 -28.43
C MET E 78 56.97 -31.62 -28.86
N GLU E 79 57.84 -31.89 -27.88
CA GLU E 79 59.08 -32.59 -28.14
C GLU E 79 59.05 -33.94 -27.43
N VAL E 80 59.25 -35.00 -28.21
CA VAL E 80 59.41 -36.35 -27.69
C VAL E 80 60.88 -36.68 -27.90
N PRO E 81 61.45 -37.70 -27.22
CA PRO E 81 62.90 -37.89 -27.34
C PRO E 81 63.32 -38.18 -28.78
N GLY E 82 64.02 -37.21 -29.37
CA GLY E 82 64.50 -37.33 -30.73
C GLY E 82 63.54 -36.91 -31.82
N GLN E 83 62.43 -36.25 -31.49
CA GLN E 83 61.48 -35.86 -32.54
C GLN E 83 60.62 -34.69 -32.08
N ILE E 84 60.47 -33.69 -32.93
CA ILE E 84 59.53 -32.59 -32.71
C ILE E 84 58.22 -32.94 -33.39
N MET E 85 57.17 -33.19 -32.61
CA MET E 85 55.91 -33.65 -33.16
C MET E 85 54.86 -32.55 -33.07
N PRO E 86 54.47 -31.95 -34.18
CA PRO E 86 53.23 -31.18 -34.25
C PRO E 86 52.00 -31.98 -33.82
N ILE E 87 51.06 -31.30 -33.17
CA ILE E 87 49.72 -31.81 -32.90
C ILE E 87 48.72 -30.75 -33.33
N TYR E 88 47.67 -31.19 -34.00
CA TYR E 88 46.66 -30.33 -34.61
C TYR E 88 45.29 -30.60 -33.97
N LEU E 89 44.29 -29.83 -34.42
CA LEU E 89 42.93 -29.90 -33.90
C LEU E 89 41.97 -30.24 -35.04
N ALA E 90 41.16 -31.27 -34.84
CA ALA E 90 40.15 -31.68 -35.81
C ALA E 90 38.77 -31.53 -35.19
N ALA E 91 37.95 -30.67 -35.79
CA ALA E 91 36.60 -30.40 -35.31
C ALA E 91 35.58 -31.17 -36.14
N LEU E 92 34.56 -31.70 -35.47
CA LEU E 92 33.51 -32.47 -36.11
C LEU E 92 32.31 -31.56 -36.35
N ALA E 93 31.93 -31.41 -37.62
CA ALA E 93 30.86 -30.50 -37.99
C ALA E 93 29.51 -31.18 -37.84
N GLY E 94 28.45 -30.50 -38.25
CA GLY E 94 27.10 -31.03 -38.09
C GLY E 94 26.39 -30.42 -36.90
N HIS E 95 25.33 -31.11 -36.48
CA HIS E 95 24.51 -30.65 -35.36
C HIS E 95 24.28 -31.72 -34.29
N GLU E 96 24.65 -32.97 -34.54
CA GLU E 96 24.42 -34.06 -33.59
C GLU E 96 25.75 -34.74 -33.27
N LEU E 97 25.93 -35.07 -32.00
CA LEU E 97 27.13 -35.78 -31.58
C LEU E 97 27.09 -37.22 -32.08
N PRO E 98 28.07 -37.67 -32.86
CA PRO E 98 28.04 -39.05 -33.34
C PRO E 98 28.28 -40.01 -32.19
N PRO E 99 27.75 -41.23 -32.29
CA PRO E 99 28.04 -42.25 -31.27
C PRO E 99 29.53 -42.58 -31.25
N PRO E 100 30.16 -42.56 -30.08
CA PRO E 100 31.60 -42.80 -30.00
C PRO E 100 31.96 -44.19 -30.49
N PRO E 101 33.05 -44.33 -31.24
CA PRO E 101 33.52 -45.67 -31.64
C PRO E 101 34.03 -46.49 -30.46
N GLU E 102 34.48 -47.71 -30.74
CA GLU E 102 34.98 -48.59 -29.70
C GLU E 102 36.27 -48.03 -29.09
N GLY E 103 36.35 -48.07 -27.77
CA GLY E 103 37.54 -47.61 -27.08
C GLY E 103 37.68 -46.11 -26.96
N THR E 104 36.64 -45.36 -27.32
CA THR E 104 36.68 -43.90 -27.28
C THR E 104 35.42 -43.38 -26.59
N ARG E 105 35.56 -42.23 -25.93
CA ARG E 105 34.47 -41.61 -25.19
C ARG E 105 34.41 -40.12 -25.49
N TRP E 106 33.20 -39.58 -25.37
CA TRP E 106 32.92 -38.17 -25.64
C TRP E 106 32.86 -37.43 -24.30
N ILE E 107 34.04 -37.06 -23.80
CA ILE E 107 34.15 -36.44 -22.47
C ILE E 107 33.98 -34.93 -22.58
N GLU E 108 33.77 -34.29 -21.43
CA GLU E 108 33.78 -32.84 -21.30
C GLU E 108 35.00 -32.42 -20.50
N LEU E 109 35.27 -31.11 -20.51
CA LEU E 109 36.46 -30.60 -19.84
C LEU E 109 36.42 -30.88 -18.34
N THR E 110 35.28 -30.64 -17.69
CA THR E 110 35.16 -30.94 -16.27
C THR E 110 35.27 -32.43 -15.98
N GLN E 111 35.09 -33.28 -16.99
CA GLN E 111 35.26 -34.71 -16.84
C GLN E 111 36.72 -35.13 -16.98
N SER E 112 37.63 -34.18 -17.21
CA SER E 112 39.05 -34.45 -17.29
C SER E 112 39.75 -34.32 -15.94
N ILE E 113 39.00 -34.14 -14.87
CA ILE E 113 39.59 -34.05 -13.55
C ILE E 113 40.13 -35.41 -13.13
N GLY E 114 41.36 -35.43 -12.62
CA GLY E 114 42.05 -36.66 -12.30
C GLY E 114 42.98 -37.15 -13.38
N MET E 115 42.80 -36.70 -14.62
CA MET E 115 43.73 -37.01 -15.68
C MET E 115 44.99 -36.16 -15.53
N PRO E 116 46.12 -36.59 -16.08
CA PRO E 116 47.39 -35.87 -15.85
C PRO E 116 47.31 -34.42 -16.31
N TRP E 117 48.34 -33.65 -15.91
CA TRP E 117 48.36 -32.23 -16.21
C TRP E 117 48.56 -31.96 -17.70
N LEU E 118 49.33 -32.82 -18.38
CA LEU E 118 49.65 -32.57 -19.79
C LEU E 118 48.41 -32.59 -20.67
N ASP E 119 47.61 -33.64 -20.56
CA ASP E 119 46.39 -33.74 -21.38
C ASP E 119 45.34 -32.74 -20.95
N ARG E 120 45.25 -32.42 -19.65
CA ARG E 120 44.36 -31.35 -19.22
C ARG E 120 44.75 -30.02 -19.85
N GLU E 121 46.06 -29.73 -19.89
CA GLU E 121 46.53 -28.51 -20.52
C GLU E 121 46.23 -28.51 -22.03
N LEU E 122 46.39 -29.66 -22.68
CA LEU E 122 46.06 -29.76 -24.09
C LEU E 122 44.58 -29.45 -24.33
N LEU E 123 43.70 -30.03 -23.52
CA LEU E 123 42.28 -29.75 -23.65
C LEU E 123 41.96 -28.30 -23.34
N ARG E 124 42.65 -27.71 -22.36
CA ARG E 124 42.43 -26.30 -22.05
C ARG E 124 42.84 -25.41 -23.21
N ARG E 125 43.96 -25.74 -23.87
CA ARG E 125 44.38 -24.96 -25.03
C ARG E 125 43.37 -25.11 -26.17
N VAL E 126 42.84 -26.33 -26.38
CA VAL E 126 41.82 -26.52 -27.39
C VAL E 126 40.59 -25.67 -27.09
N TYR E 127 40.16 -25.68 -25.82
CA TYR E 127 38.98 -24.93 -25.41
C TYR E 127 39.20 -23.43 -25.59
N GLU E 128 40.39 -22.94 -25.23
CA GLU E 128 40.69 -21.52 -25.41
C GLU E 128 40.73 -21.16 -26.90
N GLU E 129 41.27 -22.03 -27.73
CA GLU E 129 41.32 -21.77 -29.16
C GLU E 129 39.92 -21.69 -29.75
N LEU E 130 39.02 -22.58 -29.33
CA LEU E 130 37.71 -22.69 -29.97
C LEU E 130 36.68 -21.74 -29.34
N ILE E 131 36.40 -21.90 -28.05
CA ILE E 131 35.38 -21.10 -27.39
C ILE E 131 35.91 -19.76 -26.88
N GLY E 132 37.08 -19.75 -26.26
CA GLY E 132 37.64 -18.51 -25.74
C GLY E 132 38.21 -17.61 -26.81
FE1 ICS F . -29.73 10.85 24.75
MO1 ICS F . -23.56 12.50 21.83
FE2 ICS F . -28.37 12.71 23.38
FE3 ICS F . -27.88 10.11 22.97
FE4 ICS F . -27.17 11.24 25.23
FE5 ICS F . -24.86 11.87 24.16
FE6 ICS F . -26.09 13.25 22.28
FE7 ICS F . -25.61 10.73 21.91
CX ICS F . -26.68 11.63 23.34
S1A ICS F . -28.81 12.78 25.60
S1B ICS F . -24.36 13.97 23.49
S2A ICS F . -29.82 11.22 22.52
S2B ICS F . -27.88 14.49 22.16
S3A ICS F . -25.25 11.43 26.35
S3B ICS F . -25.41 12.36 20.36
S4A ICS F . -28.18 9.20 25.01
S4B ICS F . -23.66 10.42 22.93
S5A ICS F . -26.81 8.95 21.40
C1 CIT G . -20.15 14.41 19.58
O1 CIT G . -19.48 13.37 19.74
O2 CIT G . -19.68 15.31 18.83
C2 CIT G . -21.47 14.59 20.28
C3 CIT G . -22.61 13.97 19.48
O7 CIT G . -23.82 14.05 20.27
C4 CIT G . -22.80 14.67 18.14
C5 CIT G . -23.46 16.01 18.34
O3 CIT G . -23.24 16.95 17.55
O4 CIT G . -24.23 16.20 19.32
C6 CIT G . -22.33 12.50 19.22
O5 CIT G . -22.02 12.10 18.08
O6 CIT G . -22.38 11.67 20.16
FE1 CLF H . -27.34 26.90 12.83
FE2 CLF H . -24.98 26.05 13.07
FE3 CLF H . -26.96 24.39 14.01
FE4 CLF H . -26.50 24.88 11.37
S1 CLF H . -25.82 27.12 10.99
S2A CLF H . -26.36 26.43 14.86
S4A CLF H . -25.12 23.80 12.83
S3A CLF H . -28.54 24.98 12.42
FE5 CLF H . -24.57 25.66 9.29
FE6 CLF H . -24.59 28.13 8.99
FE7 CLF H . -22.16 26.75 8.42
FE8 CLF H . -23.49 27.21 10.79
S2B CLF H . -24.02 26.52 7.06
S3B CLF H . -22.43 28.79 9.51
S4B CLF H . -22.53 25.22 10.08
C1 1N7 I . -39.09 1.24 -12.88
C2 1N7 I . -39.09 1.94 -11.54
C3 1N7 I . -40.96 0.39 -10.80
C4 1N7 I . -42.18 0.16 -9.86
C5 1N7 I . -41.94 0.81 -8.48
C6 1N7 I . -41.68 2.31 -8.68
C7 1N7 I . -41.93 2.84 -7.24
C8 1N7 I . -43.14 1.99 -6.76
C9 1N7 I . -43.28 0.82 -7.70
C10 1N7 I . -40.80 0.11 -7.70
C11 1N7 I . -38.08 1.15 -10.68
C12 1N7 I . -39.79 2.07 -13.99
C13 1N7 I . -39.16 3.49 -14.11
C14 1N7 I . -39.22 4.23 -12.75
C15 1N7 I . -38.56 3.43 -11.62
C16 1N7 I . -38.68 4.19 -10.28
C17 1N7 I . -40.00 3.98 -9.52
C18 1N7 I . -40.36 2.49 -9.43
C19 1N7 I . -40.46 1.86 -10.83
C20 1N7 I . -43.48 -0.50 -6.92
C21 1N7 I . -44.48 -1.34 -7.60
C22 1N7 I . -43.95 -0.25 -5.54
C23 1N7 I . -44.13 -1.58 -4.72
C24 1N7 I . -45.36 -1.54 -3.78
N1 1N7 I . -45.82 -0.26 -3.21
O1 1N7 I . -45.94 -2.56 -3.55
O2 1N7 I . -39.86 4.22 -15.06
O3 1N7 I . -41.04 4.65 -10.19
O4 1N7 I . -43.31 0.74 -10.44
C25 1N7 I . -46.99 -0.19 -2.32
C26 1N7 I . -46.76 -0.98 -0.99
C27 1N7 I . -45.66 -0.34 -0.08
N2 1N7 I . -45.14 -1.36 0.89
C28 1N7 I . -46.32 -1.94 1.61
C29 1N7 I . -44.49 -2.48 0.18
C30 1N7 I . -44.06 -0.69 1.68
C31 1N7 I . -46.74 -1.14 2.86
C32 1N7 I . -46.93 -1.83 4.22
O5 1N7 I . -46.93 0.04 2.78
S1 1N7 I . -46.61 -3.64 4.14
O7 1N7 I . -47.64 -4.36 3.05
O8 1N7 I . -45.03 -3.92 3.69
O6 1N7 I . -46.86 -4.31 5.64
FE FE J . 13.98 4.35 -11.48
FE1 ICS K . 14.53 -18.95 -27.05
MO1 ICS K . 14.46 -13.94 -22.14
FE2 ICS K . 15.76 -17.99 -24.87
FE3 ICS K . 13.09 -17.78 -25.12
FE4 ICS K . 14.67 -16.32 -26.65
FE5 ICS K . 14.68 -14.45 -24.82
FE6 ICS K . 15.66 -16.15 -23.06
FE7 ICS K . 13.10 -15.93 -23.31
CX ICS K . 14.48 -16.44 -24.66
S1A ICS K . 16.48 -17.70 -26.99
S1B ICS K . 16.42 -14.08 -23.42
S2A ICS K . 14.30 -19.70 -24.93
S2B ICS K . 17.08 -17.80 -23.12
S3A ICS K . 14.91 -14.14 -27.04
S3B ICS K . 14.22 -16.17 -21.38
S4A ICS K . 12.82 -17.46 -27.33
S4B ICS K . 12.79 -13.79 -23.79
S5A ICS K . 11.42 -17.31 -23.75
FE FE L . -3.12 13.37 17.03
FE1 CLF M . 26.04 -21.06 -10.69
FE2 CLF M . 25.23 -18.69 -10.45
FE3 CLF M . 23.94 -20.22 -12.34
FE4 CLF M . 23.68 -20.58 -9.65
S1 CLF M . 25.71 -20.16 -8.50
S2A CLF M . 26.11 -19.51 -12.39
S4A CLF M . 23.00 -18.77 -10.88
S3A CLF M . 24.11 -22.22 -11.19
FE5 CLF M . 23.80 -19.36 -6.98
FE6 CLF M . 26.10 -19.62 -6.03
FE7 CLF M . 24.56 -17.37 -5.17
FE8 CLF M . 25.68 -17.99 -7.61
S2B CLF M . 24.00 -19.52 -4.54
S3B CLF M . 26.81 -17.45 -5.70
S4B CLF M . 23.55 -17.18 -7.22
C1 1N7 N . -5.64 -37.56 2.38
C2 1N7 N . -4.55 -37.29 1.36
C3 1N7 N . -5.89 -38.51 -0.41
C4 1N7 N . -5.91 -39.47 -1.63
C5 1N7 N . -4.71 -39.23 -2.57
C6 1N7 N . -3.40 -39.25 -1.78
C7 1N7 N . -2.36 -39.40 -2.93
C8 1N7 N . -3.08 -40.35 -3.92
C9 1N7 N . -4.52 -40.47 -3.48
C10 1N7 N . -4.84 -37.91 -3.38
C11 1N7 N . -4.92 -35.97 0.69
C12 1N7 N . -5.27 -38.73 3.31
C13 1N7 N . -3.93 -38.49 4.04
C14 1N7 N . -2.78 -38.19 3.05
C15 1N7 N . -3.14 -37.08 2.03
C16 1N7 N . -2.00 -36.91 1.01
C17 1N7 N . -2.01 -37.96 -0.13
C18 1N7 N . -3.40 -38.09 -0.77
C19 1N7 N . -4.50 -38.38 0.27
C20 1N7 N . -5.48 -40.48 -4.69
C21 1N7 N . -6.57 -41.44 -4.46
C22 1N7 N . -4.78 -40.87 -5.93
C23 1N7 N . -5.15 -39.96 -7.15
C24 1N7 N . -6.14 -40.62 -8.14
N1 1N7 N . -5.64 -41.35 -9.33
O1 1N7 N . -7.31 -40.53 -7.96
O2 1N7 N . -3.60 -39.62 4.77
O3 1N7 N . -1.59 -39.20 0.35
O4 1N7 N . -5.86 -40.79 -1.16
C25 1N7 N . -4.19 -41.47 -9.57
C26 1N7 N . -3.78 -40.74 -10.88
C27 1N7 N . -4.83 -39.65 -11.32
N2 1N7 N . -4.58 -39.19 -12.71
C28 1N7 N . -4.67 -40.40 -13.59
C29 1N7 N . -5.66 -38.27 -13.14
C30 1N7 N . -3.32 -38.40 -12.69
C31 1N7 N . -3.78 -40.28 -14.87
C32 1N7 N . -4.37 -39.67 -16.16
O5 1N7 N . -2.66 -40.65 -14.85
S1 1N7 N . -5.49 -40.85 -17.01
O7 1N7 N . -6.88 -40.06 -17.46
O8 1N7 N . -4.74 -41.45 -18.35
O6 1N7 N . -5.88 -42.10 -15.99
#